data_2H3J
#
_entry.id   2H3J
#
_entity_poly.entity_id   1
_entity_poly.type   'polypeptide(L)'
_entity_poly.pdbx_seq_one_letter_code
;MSALQPSRSYRITGYSPAISNGYRQRLFSMGLLPGAALRVVRIAPLGDPIQVETRQTSLALRRKDLALLTLVPLD
;
_entity_poly.pdbx_strand_id   A
#
# COMPACT_ATOMS: atom_id res chain seq x y z
N MET A 1 2.43 -5.80 18.36
CA MET A 1 2.12 -4.39 18.04
C MET A 1 0.78 -4.29 17.34
N SER A 2 0.03 -3.25 17.66
CA SER A 2 -1.23 -2.99 16.99
C SER A 2 -1.12 -1.66 16.26
N ALA A 3 -0.51 -1.69 15.07
CA ALA A 3 -0.15 -0.49 14.33
C ALA A 3 0.91 0.32 15.10
N LEU A 4 1.38 1.40 14.51
CA LEU A 4 2.38 2.23 15.16
C LEU A 4 2.18 3.69 14.80
N GLN A 5 1.54 4.42 15.72
CA GLN A 5 1.28 5.85 15.56
C GLN A 5 0.59 6.14 14.23
N PRO A 6 -0.70 5.79 14.10
CA PRO A 6 -1.44 5.98 12.87
C PRO A 6 -1.83 7.44 12.65
N SER A 7 -1.33 8.02 11.59
CA SER A 7 -1.62 9.40 11.25
C SER A 7 -2.80 9.45 10.27
N ARG A 8 -2.72 8.65 9.23
CA ARG A 8 -3.75 8.59 8.21
C ARG A 8 -3.88 7.18 7.68
N SER A 9 -5.02 6.89 7.08
CA SER A 9 -5.23 5.62 6.40
C SER A 9 -5.55 5.86 4.94
N TYR A 10 -4.91 5.10 4.07
CA TYR A 10 -5.09 5.27 2.63
C TYR A 10 -5.75 4.02 2.06
N ARG A 11 -6.81 4.21 1.29
CA ARG A 11 -7.49 3.08 0.67
C ARG A 11 -6.94 2.81 -0.72
N ILE A 12 -7.13 1.60 -1.20
CA ILE A 12 -6.77 1.26 -2.56
C ILE A 12 -8.00 1.39 -3.43
N THR A 13 -8.07 2.44 -4.23
CA THR A 13 -9.23 2.70 -5.05
C THR A 13 -9.19 1.88 -6.32
N GLY A 14 -8.03 1.33 -6.62
CA GLY A 14 -7.87 0.52 -7.80
C GLY A 14 -6.44 0.43 -8.25
N TYR A 15 -6.24 0.00 -9.48
CA TYR A 15 -4.91 -0.13 -10.04
C TYR A 15 -4.57 1.10 -10.88
N SER A 16 -3.30 1.41 -10.99
CA SER A 16 -2.84 2.54 -11.76
C SER A 16 -2.95 2.27 -13.26
N PRO A 17 -2.93 3.33 -14.09
CA PRO A 17 -2.91 3.18 -15.55
C PRO A 17 -1.57 2.65 -16.05
N ALA A 18 -0.58 2.66 -15.18
CA ALA A 18 0.77 2.23 -15.55
C ALA A 18 0.96 0.74 -15.33
N ILE A 19 -0.07 0.08 -14.83
CA ILE A 19 -0.01 -1.36 -14.58
C ILE A 19 0.14 -2.11 -15.91
N SER A 20 1.18 -2.93 -16.01
CA SER A 20 1.50 -3.58 -17.27
C SER A 20 1.90 -5.04 -17.10
N ASN A 21 1.79 -5.81 -18.18
CA ASN A 21 2.36 -7.16 -18.26
C ASN A 21 1.76 -8.12 -17.22
N GLY A 22 0.46 -8.03 -16.99
CA GLY A 22 -0.20 -8.97 -16.10
C GLY A 22 0.16 -8.76 -14.65
N TYR A 23 0.63 -7.56 -14.31
CA TYR A 23 1.02 -7.24 -12.94
C TYR A 23 -0.20 -7.26 -12.02
N ARG A 24 -1.40 -7.08 -12.57
CA ARG A 24 -2.61 -7.15 -11.77
C ARG A 24 -2.73 -8.52 -11.15
N GLN A 25 -2.30 -9.53 -11.89
CA GLN A 25 -2.32 -10.90 -11.45
C GLN A 25 -1.32 -11.13 -10.32
N ARG A 26 -0.18 -10.45 -10.41
CA ARG A 26 0.83 -10.51 -9.36
C ARG A 26 0.30 -9.84 -8.11
N LEU A 27 -0.36 -8.71 -8.31
CA LEU A 27 -0.92 -7.95 -7.20
C LEU A 27 -2.05 -8.73 -6.54
N PHE A 28 -2.90 -9.35 -7.35
CA PHE A 28 -4.00 -10.15 -6.87
C PHE A 28 -3.48 -11.33 -6.05
N SER A 29 -2.40 -11.93 -6.55
CA SER A 29 -1.72 -13.01 -5.85
C SER A 29 -1.20 -12.53 -4.49
N MET A 30 -0.76 -11.28 -4.44
CA MET A 30 -0.20 -10.71 -3.22
C MET A 30 -1.30 -10.18 -2.29
N GLY A 31 -2.52 -10.09 -2.80
CA GLY A 31 -3.64 -9.64 -2.01
C GLY A 31 -3.88 -8.15 -2.12
N LEU A 32 -3.51 -7.58 -3.26
CA LEU A 32 -3.71 -6.15 -3.51
C LEU A 32 -4.86 -5.94 -4.48
N LEU A 33 -6.01 -5.55 -3.96
CA LEU A 33 -7.19 -5.32 -4.76
C LEU A 33 -7.92 -4.06 -4.29
N PRO A 34 -8.71 -3.45 -5.18
CA PRO A 34 -9.49 -2.25 -4.83
C PRO A 34 -10.51 -2.53 -3.72
N GLY A 35 -10.60 -1.61 -2.78
CA GLY A 35 -11.53 -1.77 -1.69
C GLY A 35 -10.83 -1.93 -0.36
N ALA A 36 -9.54 -2.25 -0.40
CA ALA A 36 -8.77 -2.42 0.81
C ALA A 36 -8.22 -1.09 1.28
N ALA A 37 -7.57 -1.12 2.41
CA ALA A 37 -7.04 0.10 3.02
C ALA A 37 -5.76 -0.20 3.81
N LEU A 38 -4.86 0.77 3.84
CA LEU A 38 -3.62 0.63 4.58
C LEU A 38 -3.49 1.75 5.61
N ARG A 39 -3.17 1.36 6.83
CA ARG A 39 -2.99 2.31 7.91
C ARG A 39 -1.51 2.59 8.10
N VAL A 40 -1.10 3.83 7.94
CA VAL A 40 0.32 4.19 7.92
C VAL A 40 1.03 3.84 9.23
N VAL A 41 2.13 3.12 9.10
CA VAL A 41 3.08 2.96 10.19
C VAL A 41 4.23 3.94 9.98
N ARG A 42 4.86 3.87 8.80
CA ARG A 42 5.90 4.82 8.40
C ARG A 42 6.56 4.42 7.08
N ILE A 43 7.14 5.41 6.40
CA ILE A 43 7.99 5.20 5.24
C ILE A 43 9.39 5.73 5.58
N ALA A 44 10.42 5.04 5.11
CA ALA A 44 11.79 5.51 5.32
C ALA A 44 12.11 6.69 4.39
N PRO A 45 12.71 7.75 4.92
CA PRO A 45 12.98 9.00 4.18
C PRO A 45 13.99 8.81 3.05
N LEU A 46 14.77 7.75 3.14
CA LEU A 46 15.75 7.38 2.10
C LEU A 46 15.09 7.33 0.75
N GLY A 47 13.92 6.72 0.72
CA GLY A 47 13.18 6.55 -0.49
C GLY A 47 11.86 5.94 -0.21
N ASP A 48 11.87 4.64 0.09
CA ASP A 48 10.65 3.94 0.35
C ASP A 48 10.83 2.48 0.73
N PRO A 49 10.25 2.11 1.84
CA PRO A 49 9.39 0.98 1.98
C PRO A 49 8.01 1.53 2.30
N ILE A 50 7.08 0.69 2.70
CA ILE A 50 5.83 1.18 3.21
C ILE A 50 5.34 0.28 4.31
N GLN A 51 5.56 0.69 5.55
CA GLN A 51 5.03 -0.03 6.69
C GLN A 51 3.63 0.44 6.97
N VAL A 52 2.69 -0.49 6.94
CA VAL A 52 1.29 -0.17 7.18
C VAL A 52 0.61 -1.28 7.96
N GLU A 53 -0.62 -1.02 8.37
CA GLU A 53 -1.43 -1.99 9.07
C GLU A 53 -2.70 -2.22 8.27
N THR A 54 -3.27 -3.40 8.36
CA THR A 54 -4.42 -3.77 7.54
C THR A 54 -5.64 -4.11 8.38
N ARG A 55 -5.40 -4.64 9.56
CA ARG A 55 -6.46 -5.11 10.46
C ARG A 55 -5.85 -5.70 11.72
N GLN A 56 -4.94 -6.66 11.54
CA GLN A 56 -4.29 -7.33 12.65
C GLN A 56 -2.83 -7.65 12.34
N THR A 57 -2.37 -7.22 11.19
CA THR A 57 -1.03 -7.54 10.73
C THR A 57 -0.46 -6.44 9.85
N SER A 58 0.81 -6.13 10.06
CA SER A 58 1.48 -5.08 9.32
C SER A 58 1.92 -5.55 7.93
N LEU A 59 1.94 -4.62 6.98
CA LEU A 59 2.29 -4.94 5.60
C LEU A 59 3.35 -3.96 5.11
N ALA A 60 4.21 -4.44 4.21
CA ALA A 60 5.27 -3.62 3.65
C ALA A 60 5.45 -3.89 2.16
N LEU A 61 5.85 -2.88 1.41
CA LEU A 61 6.03 -3.00 -0.04
C LEU A 61 6.88 -1.83 -0.55
N ARG A 62 7.13 -1.78 -1.85
CA ARG A 62 7.99 -0.73 -2.40
C ARG A 62 7.21 0.26 -3.24
N ARG A 63 7.90 1.32 -3.59
CA ARG A 63 7.32 2.40 -4.40
C ARG A 63 6.94 1.91 -5.79
N LYS A 64 7.73 0.98 -6.31
CA LYS A 64 7.49 0.45 -7.66
C LYS A 64 6.26 -0.44 -7.66
N ASP A 65 6.04 -1.15 -6.57
CA ASP A 65 4.86 -1.99 -6.42
C ASP A 65 3.65 -1.13 -6.15
N LEU A 66 3.86 -0.06 -5.39
CA LEU A 66 2.83 0.92 -5.13
C LEU A 66 2.41 1.63 -6.41
N ALA A 67 3.37 1.74 -7.33
CA ALA A 67 3.13 2.42 -8.60
C ALA A 67 2.17 1.64 -9.49
N LEU A 68 1.86 0.42 -9.10
CA LEU A 68 0.87 -0.40 -9.81
C LEU A 68 -0.52 -0.19 -9.22
N LEU A 69 -0.59 0.56 -8.13
CA LEU A 69 -1.85 0.81 -7.45
C LEU A 69 -2.16 2.30 -7.42
N THR A 70 -3.44 2.62 -7.34
CA THR A 70 -3.87 3.99 -7.10
C THR A 70 -4.55 4.08 -5.74
N LEU A 71 -4.00 4.93 -4.88
CA LEU A 71 -4.50 5.06 -3.51
C LEU A 71 -5.34 6.30 -3.33
N VAL A 72 -6.34 6.19 -2.47
CA VAL A 72 -7.15 7.32 -2.07
C VAL A 72 -7.24 7.39 -0.55
N PRO A 73 -6.74 8.47 0.04
CA PRO A 73 -6.74 8.63 1.49
C PRO A 73 -8.14 8.86 2.04
N LEU A 74 -8.31 8.65 3.34
CA LEU A 74 -9.55 8.98 4.02
C LEU A 74 -9.86 10.47 3.82
N ASP A 75 -8.85 11.29 4.06
CA ASP A 75 -8.94 12.72 3.81
C ASP A 75 -7.64 13.22 3.21
N MET A 1 16.06 6.06 14.07
CA MET A 1 15.11 6.88 14.86
C MET A 1 14.69 8.12 14.07
N SER A 2 13.40 8.18 13.75
CA SER A 2 12.83 9.32 13.03
C SER A 2 11.32 9.33 13.27
N ALA A 3 10.68 8.21 12.93
CA ALA A 3 9.24 8.00 13.15
C ALA A 3 8.38 9.16 12.68
N LEU A 4 7.94 9.10 11.43
CA LEU A 4 7.02 10.10 10.89
C LEU A 4 5.64 9.89 11.51
N GLN A 5 5.39 8.66 11.96
CA GLN A 5 4.15 8.29 12.66
C GLN A 5 2.96 8.22 11.71
N PRO A 6 1.99 7.34 12.01
CA PRO A 6 0.76 7.20 11.23
C PRO A 6 -0.09 8.47 11.28
N SER A 7 -0.16 9.15 10.15
CA SER A 7 -0.96 10.36 10.06
C SER A 7 -2.30 10.06 9.40
N ARG A 8 -2.26 9.38 8.27
CA ARG A 8 -3.47 9.03 7.54
C ARG A 8 -3.33 7.66 6.91
N SER A 9 -4.46 7.02 6.64
CA SER A 9 -4.47 5.73 5.96
C SER A 9 -4.93 5.95 4.51
N TYR A 10 -4.69 4.97 3.65
CA TYR A 10 -5.02 5.11 2.24
C TYR A 10 -5.88 3.94 1.76
N ARG A 11 -6.95 4.25 1.05
CA ARG A 11 -7.79 3.23 0.43
C ARG A 11 -7.30 2.94 -0.97
N ILE A 12 -7.54 1.73 -1.44
CA ILE A 12 -7.19 1.37 -2.80
C ILE A 12 -8.44 1.37 -3.68
N THR A 13 -8.47 2.24 -4.67
CA THR A 13 -9.59 2.28 -5.59
C THR A 13 -9.38 1.31 -6.74
N GLY A 14 -8.13 0.97 -7.01
CA GLY A 14 -7.82 0.07 -8.09
C GLY A 14 -6.36 0.10 -8.45
N TYR A 15 -6.04 -0.24 -9.68
CA TYR A 15 -4.66 -0.30 -10.13
C TYR A 15 -4.41 0.76 -11.17
N SER A 16 -3.16 1.20 -11.27
CA SER A 16 -2.77 2.17 -12.26
C SER A 16 -2.80 1.56 -13.65
N PRO A 17 -3.27 2.32 -14.66
CA PRO A 17 -3.33 1.85 -16.05
C PRO A 17 -1.95 1.51 -16.61
N ALA A 18 -0.92 2.05 -16.00
CA ALA A 18 0.46 1.81 -16.42
C ALA A 18 1.08 0.67 -15.61
N ILE A 19 0.23 -0.26 -15.18
CA ILE A 19 0.69 -1.42 -14.43
C ILE A 19 1.38 -2.43 -15.35
N SER A 20 2.34 -3.18 -14.82
CA SER A 20 3.18 -4.06 -15.62
C SER A 20 2.57 -5.46 -15.76
N ASN A 21 2.26 -5.84 -17.00
CA ASN A 21 1.96 -7.22 -17.42
C ASN A 21 1.44 -8.15 -16.30
N GLY A 22 0.13 -8.15 -16.10
CA GLY A 22 -0.51 -9.11 -15.21
C GLY A 22 -0.19 -8.93 -13.74
N TYR A 23 0.48 -7.84 -13.39
CA TYR A 23 0.83 -7.60 -12.00
C TYR A 23 -0.41 -7.40 -11.15
N ARG A 24 -1.52 -6.99 -11.77
CA ARG A 24 -2.79 -6.89 -11.08
C ARG A 24 -3.14 -8.22 -10.44
N GLN A 25 -2.99 -9.28 -11.23
CA GLN A 25 -3.32 -10.61 -10.78
C GLN A 25 -2.42 -11.06 -9.64
N ARG A 26 -1.17 -10.61 -9.70
CA ARG A 26 -0.20 -10.92 -8.65
C ARG A 26 -0.52 -10.12 -7.40
N LEU A 27 -0.89 -8.87 -7.59
CA LEU A 27 -1.20 -7.98 -6.48
C LEU A 27 -2.48 -8.43 -5.78
N PHE A 28 -3.48 -8.78 -6.57
CA PHE A 28 -4.76 -9.25 -6.06
C PHE A 28 -4.57 -10.52 -5.22
N SER A 29 -3.73 -11.41 -5.73
CA SER A 29 -3.43 -12.67 -5.06
C SER A 29 -2.66 -12.44 -3.76
N MET A 30 -1.86 -11.38 -3.74
CA MET A 30 -1.08 -11.04 -2.55
C MET A 30 -1.94 -10.34 -1.50
N GLY A 31 -2.97 -9.64 -1.95
CA GLY A 31 -3.87 -8.99 -1.03
C GLY A 31 -4.01 -7.50 -1.31
N LEU A 32 -3.40 -7.04 -2.39
CA LEU A 32 -3.49 -5.64 -2.76
C LEU A 32 -4.56 -5.46 -3.82
N LEU A 33 -5.77 -5.14 -3.37
CA LEU A 33 -6.91 -5.08 -4.25
C LEU A 33 -7.80 -3.88 -3.93
N PRO A 34 -8.63 -3.45 -4.91
CA PRO A 34 -9.57 -2.34 -4.72
C PRO A 34 -10.56 -2.61 -3.59
N GLY A 35 -10.57 -1.72 -2.60
CA GLY A 35 -11.41 -1.91 -1.44
C GLY A 35 -10.59 -2.12 -0.18
N ALA A 36 -9.34 -2.51 -0.36
CA ALA A 36 -8.44 -2.75 0.77
C ALA A 36 -7.82 -1.45 1.23
N ALA A 37 -8.27 -0.97 2.37
CA ALA A 37 -7.70 0.24 2.94
C ALA A 37 -6.52 -0.09 3.84
N LEU A 38 -5.35 0.39 3.46
CA LEU A 38 -4.12 0.11 4.20
C LEU A 38 -3.84 1.23 5.18
N ARG A 39 -3.51 0.85 6.40
CA ARG A 39 -3.20 1.81 7.45
C ARG A 39 -1.70 1.97 7.57
N VAL A 40 -1.21 3.17 7.26
CA VAL A 40 0.22 3.46 7.30
C VAL A 40 0.76 3.34 8.70
N VAL A 41 1.72 2.45 8.88
CA VAL A 41 2.43 2.32 10.14
C VAL A 41 3.75 3.07 10.10
N ARG A 42 4.59 2.79 9.10
CA ARG A 42 5.94 3.35 9.06
C ARG A 42 6.44 3.58 7.63
N ILE A 43 7.13 4.70 7.43
CA ILE A 43 7.89 4.95 6.21
C ILE A 43 9.35 5.14 6.58
N ALA A 44 10.26 4.62 5.78
CA ALA A 44 11.69 4.83 6.02
C ALA A 44 12.13 6.21 5.54
N PRO A 45 12.92 6.94 6.35
CA PRO A 45 13.37 8.31 6.05
C PRO A 45 14.30 8.38 4.83
N LEU A 46 14.68 7.21 4.32
CA LEU A 46 15.49 7.11 3.10
C LEU A 46 14.77 7.74 1.93
N GLY A 47 13.47 7.53 1.90
CA GLY A 47 12.64 7.97 0.81
C GLY A 47 11.25 7.47 1.00
N ASP A 48 11.06 6.18 0.73
CA ASP A 48 9.77 5.54 1.01
C ASP A 48 9.72 4.07 0.64
N PRO A 49 9.51 3.25 1.67
CA PRO A 49 8.66 2.08 1.66
C PRO A 49 7.46 2.35 2.54
N ILE A 50 6.41 1.61 2.37
CA ILE A 50 5.24 1.83 3.20
C ILE A 50 4.93 0.59 4.00
N GLN A 51 5.23 0.64 5.28
CA GLN A 51 4.86 -0.43 6.19
C GLN A 51 3.45 -0.17 6.67
N VAL A 52 2.52 -1.01 6.26
CA VAL A 52 1.11 -0.80 6.54
C VAL A 52 0.49 -2.00 7.26
N GLU A 53 -0.76 -1.82 7.68
CA GLU A 53 -1.50 -2.86 8.38
C GLU A 53 -2.75 -3.20 7.59
N THR A 54 -2.96 -4.48 7.32
CA THR A 54 -4.18 -4.93 6.70
C THR A 54 -5.22 -5.17 7.79
N ARG A 55 -4.76 -5.74 8.90
CA ARG A 55 -5.55 -5.94 10.10
C ARG A 55 -4.68 -6.61 11.16
N GLN A 56 -4.02 -7.68 10.74
CA GLN A 56 -3.06 -8.36 11.58
C GLN A 56 -1.74 -8.56 10.86
N THR A 57 -1.79 -8.59 9.54
CA THR A 57 -0.58 -8.72 8.75
C THR A 57 -0.05 -7.35 8.37
N SER A 58 1.25 -7.19 8.45
CA SER A 58 1.89 -5.95 8.08
C SER A 58 2.66 -6.12 6.79
N LEU A 59 2.54 -5.14 5.92
CA LEU A 59 3.17 -5.21 4.61
C LEU A 59 4.07 -4.02 4.39
N ALA A 60 5.07 -4.23 3.57
CA ALA A 60 6.01 -3.19 3.21
C ALA A 60 6.15 -3.16 1.70
N LEU A 61 5.80 -2.04 1.10
CA LEU A 61 5.79 -1.94 -0.34
C LEU A 61 6.65 -0.78 -0.76
N ARG A 62 7.24 -0.88 -1.94
CA ARG A 62 8.15 0.14 -2.40
C ARG A 62 7.45 1.10 -3.34
N ARG A 63 8.18 2.11 -3.77
CA ARG A 63 7.68 3.07 -4.76
C ARG A 63 7.20 2.35 -6.01
N LYS A 64 7.86 1.26 -6.35
CA LYS A 64 7.50 0.42 -7.48
C LYS A 64 6.07 -0.11 -7.33
N ASP A 65 5.75 -0.60 -6.13
CA ASP A 65 4.42 -1.11 -5.84
C ASP A 65 3.41 0.02 -5.85
N LEU A 66 3.80 1.15 -5.28
CA LEU A 66 2.96 2.34 -5.21
C LEU A 66 2.57 2.81 -6.62
N ALA A 67 3.50 2.70 -7.55
CA ALA A 67 3.25 3.13 -8.92
C ALA A 67 2.20 2.26 -9.60
N LEU A 68 2.04 1.03 -9.12
CA LEU A 68 1.11 0.09 -9.74
C LEU A 68 -0.28 0.21 -9.14
N LEU A 69 -0.38 0.87 -7.98
CA LEU A 69 -1.64 0.96 -7.28
C LEU A 69 -2.19 2.38 -7.31
N THR A 70 -3.50 2.50 -7.42
CA THR A 70 -4.13 3.80 -7.30
C THR A 70 -4.75 3.95 -5.92
N LEU A 71 -4.19 4.86 -5.15
CA LEU A 71 -4.59 5.03 -3.75
C LEU A 71 -5.32 6.34 -3.55
N VAL A 72 -6.30 6.32 -2.68
CA VAL A 72 -7.02 7.51 -2.28
C VAL A 72 -6.99 7.62 -0.75
N PRO A 73 -6.49 8.74 -0.23
CA PRO A 73 -6.33 8.91 1.22
C PRO A 73 -7.66 9.05 1.94
N LEU A 74 -7.64 8.83 3.25
CA LEU A 74 -8.79 9.09 4.09
C LEU A 74 -8.94 10.59 4.30
N ASP A 75 -7.81 11.26 4.45
CA ASP A 75 -7.78 12.69 4.70
C ASP A 75 -6.90 13.38 3.67
N MET A 1 8.40 -7.86 19.52
CA MET A 1 7.82 -6.55 19.84
C MET A 1 7.80 -5.67 18.59
N SER A 2 6.61 -5.25 18.20
CA SER A 2 6.46 -4.39 17.03
C SER A 2 6.05 -2.99 17.46
N ALA A 3 6.78 -1.99 16.98
CA ALA A 3 6.47 -0.60 17.29
C ALA A 3 5.37 -0.10 16.37
N LEU A 4 4.13 -0.44 16.69
CA LEU A 4 3.00 -0.09 15.86
C LEU A 4 2.26 1.12 16.42
N GLN A 5 2.23 2.20 15.66
CA GLN A 5 1.47 3.38 16.02
C GLN A 5 1.04 4.10 14.75
N PRO A 6 -0.21 3.88 14.31
CA PRO A 6 -0.70 4.38 13.04
C PRO A 6 -0.99 5.88 13.04
N SER A 7 -1.05 6.46 11.85
CA SER A 7 -1.36 7.87 11.72
C SER A 7 -2.60 8.08 10.85
N ARG A 8 -2.46 7.90 9.55
CA ARG A 8 -3.57 8.09 8.63
C ARG A 8 -3.75 6.88 7.72
N SER A 9 -4.88 6.83 7.02
CA SER A 9 -5.22 5.66 6.22
C SER A 9 -5.43 6.03 4.76
N TYR A 10 -5.00 5.13 3.88
CA TYR A 10 -5.14 5.32 2.44
C TYR A 10 -5.91 4.15 1.83
N ARG A 11 -6.85 4.45 0.95
CA ARG A 11 -7.62 3.40 0.30
C ARG A 11 -7.20 3.25 -1.15
N ILE A 12 -7.41 2.06 -1.68
CA ILE A 12 -7.06 1.77 -3.07
C ILE A 12 -8.30 1.88 -3.94
N THR A 13 -8.31 2.84 -4.85
CA THR A 13 -9.47 3.07 -5.69
C THR A 13 -9.38 2.24 -6.97
N GLY A 14 -8.18 1.78 -7.30
CA GLY A 14 -7.98 0.99 -8.50
C GLY A 14 -6.51 0.85 -8.84
N TYR A 15 -6.21 0.35 -10.03
CA TYR A 15 -4.83 0.21 -10.47
C TYR A 15 -4.48 1.34 -11.43
N SER A 16 -3.20 1.63 -11.52
CA SER A 16 -2.71 2.61 -12.47
C SER A 16 -2.67 1.98 -13.87
N PRO A 17 -2.96 2.77 -14.92
CA PRO A 17 -3.08 2.25 -16.30
C PRO A 17 -1.79 1.64 -16.86
N ALA A 18 -0.74 1.62 -16.06
CA ALA A 18 0.53 1.06 -16.49
C ALA A 18 0.67 -0.39 -16.05
N ILE A 19 -0.37 -0.93 -15.43
CA ILE A 19 -0.34 -2.32 -14.97
C ILE A 19 -0.72 -3.27 -16.11
N SER A 20 0.16 -4.23 -16.37
CA SER A 20 -0.05 -5.19 -17.45
C SER A 20 0.76 -6.47 -17.17
N ASN A 21 0.74 -7.40 -18.11
CA ASN A 21 1.61 -8.59 -18.08
C ASN A 21 1.30 -9.50 -16.88
N GLY A 22 0.06 -9.48 -16.43
CA GLY A 22 -0.36 -10.37 -15.34
C GLY A 22 0.00 -9.83 -13.97
N TYR A 23 0.52 -8.60 -13.93
CA TYR A 23 0.92 -7.98 -12.67
C TYR A 23 -0.27 -7.80 -11.73
N ARG A 24 -1.47 -7.70 -12.30
CA ARG A 24 -2.68 -7.57 -11.50
C ARG A 24 -2.91 -8.83 -10.69
N GLN A 25 -2.66 -9.99 -11.30
CA GLN A 25 -2.80 -11.26 -10.63
C GLN A 25 -1.84 -11.35 -9.45
N ARG A 26 -0.62 -10.90 -9.69
CA ARG A 26 0.41 -10.90 -8.67
C ARG A 26 -0.02 -10.01 -7.50
N LEU A 27 -0.58 -8.86 -7.84
CA LEU A 27 -1.00 -7.90 -6.82
C LEU A 27 -2.22 -8.43 -6.06
N PHE A 28 -3.15 -9.04 -6.79
CA PHE A 28 -4.36 -9.58 -6.21
C PHE A 28 -4.01 -10.66 -5.19
N SER A 29 -3.12 -11.53 -5.59
CA SER A 29 -2.67 -12.63 -4.73
C SER A 29 -1.91 -12.11 -3.51
N MET A 30 -1.27 -10.96 -3.65
CA MET A 30 -0.54 -10.35 -2.55
C MET A 30 -1.47 -9.52 -1.68
N GLY A 31 -2.71 -9.32 -2.15
CA GLY A 31 -3.71 -8.64 -1.34
C GLY A 31 -3.83 -7.17 -1.67
N LEU A 32 -3.44 -6.80 -2.88
CA LEU A 32 -3.52 -5.41 -3.30
C LEU A 32 -4.56 -5.26 -4.40
N LEU A 33 -5.77 -4.91 -4.01
CA LEU A 33 -6.88 -4.77 -4.94
C LEU A 33 -7.70 -3.53 -4.62
N PRO A 34 -8.47 -3.02 -5.59
CA PRO A 34 -9.34 -1.86 -5.38
C PRO A 34 -10.47 -2.19 -4.41
N GLY A 35 -10.77 -1.26 -3.53
CA GLY A 35 -11.79 -1.49 -2.52
C GLY A 35 -11.18 -1.84 -1.18
N ALA A 36 -9.85 -1.90 -1.14
CA ALA A 36 -9.15 -2.16 0.09
C ALA A 36 -8.55 -0.88 0.64
N ALA A 37 -7.79 -0.99 1.69
CA ALA A 37 -7.19 0.15 2.36
C ALA A 37 -6.00 -0.26 3.21
N LEU A 38 -5.06 0.65 3.38
CA LEU A 38 -3.88 0.41 4.18
C LEU A 38 -3.66 1.58 5.13
N ARG A 39 -3.29 1.27 6.36
CA ARG A 39 -3.08 2.29 7.37
C ARG A 39 -1.60 2.39 7.71
N VAL A 40 -1.05 3.60 7.64
CA VAL A 40 0.38 3.80 7.85
C VAL A 40 0.79 3.44 9.28
N VAL A 41 1.77 2.56 9.40
CA VAL A 41 2.38 2.25 10.67
C VAL A 41 3.65 3.08 10.85
N ARG A 42 4.58 2.92 9.91
CA ARG A 42 5.85 3.64 9.97
C ARG A 42 6.35 3.96 8.57
N ILE A 43 7.23 4.95 8.47
CA ILE A 43 7.79 5.35 7.19
C ILE A 43 9.30 5.15 7.19
N ALA A 44 9.85 4.69 6.07
CA ALA A 44 11.29 4.47 5.94
C ALA A 44 12.03 5.81 5.87
N PRO A 45 13.28 5.83 6.35
CA PRO A 45 14.10 7.05 6.45
C PRO A 45 14.25 7.84 5.15
N LEU A 46 13.99 7.21 4.01
CA LEU A 46 14.21 7.86 2.72
C LEU A 46 12.91 8.33 2.08
N GLY A 47 11.83 7.61 2.33
CA GLY A 47 10.58 7.87 1.61
C GLY A 47 10.17 6.65 0.81
N ASP A 48 11.19 5.87 0.41
CA ASP A 48 10.99 4.55 -0.16
C ASP A 48 10.30 3.66 0.87
N PRO A 49 9.84 2.44 0.47
CA PRO A 49 8.74 1.68 1.06
C PRO A 49 8.29 2.06 2.48
N ILE A 50 7.02 1.81 2.72
CA ILE A 50 6.35 2.27 3.92
C ILE A 50 5.72 1.09 4.64
N GLN A 51 5.80 1.11 5.96
CA GLN A 51 5.22 0.07 6.78
C GLN A 51 3.75 0.38 7.01
N VAL A 52 2.87 -0.42 6.44
CA VAL A 52 1.44 -0.20 6.59
C VAL A 52 0.79 -1.39 7.26
N GLU A 53 -0.47 -1.22 7.65
CA GLU A 53 -1.20 -2.25 8.36
C GLU A 53 -2.50 -2.56 7.65
N THR A 54 -2.89 -3.82 7.65
CA THR A 54 -4.20 -4.20 7.13
C THR A 54 -5.18 -4.33 8.29
N ARG A 55 -4.85 -5.22 9.21
CA ARG A 55 -5.62 -5.43 10.43
C ARG A 55 -4.69 -5.69 11.60
N GLN A 56 -3.60 -6.38 11.29
CA GLN A 56 -2.52 -6.61 12.25
C GLN A 56 -1.19 -6.76 11.51
N THR A 57 -1.25 -7.37 10.32
CA THR A 57 -0.08 -7.62 9.52
C THR A 57 0.51 -6.33 9.00
N SER A 58 1.82 -6.20 9.09
CA SER A 58 2.52 -5.05 8.56
C SER A 58 3.07 -5.35 7.18
N LEU A 59 2.84 -4.43 6.26
CA LEU A 59 3.30 -4.61 4.88
C LEU A 59 4.33 -3.55 4.53
N ALA A 60 5.26 -3.91 3.67
CA ALA A 60 6.27 -2.98 3.20
C ALA A 60 6.62 -3.29 1.74
N LEU A 61 6.30 -2.37 0.85
CA LEU A 61 6.54 -2.56 -0.57
C LEU A 61 7.12 -1.30 -1.19
N ARG A 62 7.87 -1.46 -2.27
CA ARG A 62 8.57 -0.35 -2.91
C ARG A 62 7.59 0.67 -3.49
N ARG A 63 8.13 1.83 -3.83
CA ARG A 63 7.32 2.89 -4.41
C ARG A 63 7.00 2.56 -5.85
N LYS A 64 7.93 1.88 -6.52
CA LYS A 64 7.69 1.38 -7.87
C LYS A 64 6.48 0.45 -7.90
N ASP A 65 6.36 -0.37 -6.87
CA ASP A 65 5.25 -1.30 -6.75
C ASP A 65 4.00 -0.54 -6.33
N LEU A 66 4.18 0.41 -5.44
CA LEU A 66 3.08 1.23 -4.93
C LEU A 66 2.49 2.09 -6.06
N ALA A 67 3.32 2.37 -7.06
CA ALA A 67 2.89 3.16 -8.20
C ALA A 67 1.88 2.40 -9.05
N LEU A 68 1.85 1.09 -8.91
CA LEU A 68 0.89 0.26 -9.65
C LEU A 68 -0.51 0.43 -9.08
N LEU A 69 -0.58 0.81 -7.82
CA LEU A 69 -1.85 1.01 -7.14
C LEU A 69 -2.22 2.48 -7.14
N THR A 70 -3.44 2.79 -7.53
CA THR A 70 -3.92 4.15 -7.44
C THR A 70 -4.56 4.37 -6.07
N LEU A 71 -3.94 5.23 -5.29
CA LEU A 71 -4.31 5.39 -3.90
C LEU A 71 -4.95 6.75 -3.67
N VAL A 72 -5.93 6.77 -2.79
CA VAL A 72 -6.53 8.00 -2.30
C VAL A 72 -6.71 7.91 -0.79
N PRO A 73 -6.37 8.96 -0.05
CA PRO A 73 -6.46 8.93 1.40
C PRO A 73 -7.92 9.01 1.88
N LEU A 74 -8.14 8.65 3.15
CA LEU A 74 -9.42 8.87 3.77
C LEU A 74 -9.49 10.30 4.27
N ASP A 75 -8.34 10.76 4.73
CA ASP A 75 -8.13 12.16 5.08
C ASP A 75 -6.64 12.41 5.28
N MET A 1 12.43 -0.87 16.98
CA MET A 1 11.59 -2.00 16.49
C MET A 1 10.12 -1.62 16.47
N SER A 2 9.54 -1.44 17.65
CA SER A 2 8.10 -1.28 17.80
C SER A 2 7.69 0.19 17.80
N ALA A 3 8.11 0.93 16.79
CA ALA A 3 7.67 2.30 16.61
C ALA A 3 6.36 2.32 15.82
N LEU A 4 5.25 2.38 16.53
CA LEU A 4 3.95 2.31 15.88
C LEU A 4 3.17 3.60 16.05
N GLN A 5 3.30 4.49 15.09
CA GLN A 5 2.52 5.72 15.05
C GLN A 5 1.98 5.93 13.65
N PRO A 6 0.80 5.38 13.35
CA PRO A 6 0.18 5.50 12.03
C PRO A 6 -0.23 6.92 11.71
N SER A 7 0.08 7.36 10.50
CA SER A 7 -0.27 8.72 10.09
C SER A 7 -1.74 8.77 9.67
N ARG A 8 -2.03 8.34 8.45
CA ARG A 8 -3.41 8.30 7.98
C ARG A 8 -3.71 7.00 7.26
N SER A 9 -4.93 6.85 6.80
CA SER A 9 -5.37 5.63 6.15
C SER A 9 -5.69 5.88 4.68
N TYR A 10 -5.29 4.95 3.83
CA TYR A 10 -5.52 5.07 2.40
C TYR A 10 -6.37 3.92 1.91
N ARG A 11 -7.39 4.21 1.14
CA ARG A 11 -8.22 3.18 0.55
C ARG A 11 -7.77 2.89 -0.86
N ILE A 12 -7.93 1.65 -1.28
CA ILE A 12 -7.52 1.22 -2.60
C ILE A 12 -8.68 1.35 -3.58
N THR A 13 -8.55 2.24 -4.55
CA THR A 13 -9.56 2.39 -5.58
C THR A 13 -9.33 1.40 -6.70
N GLY A 14 -8.10 0.92 -6.84
CA GLY A 14 -7.80 -0.07 -7.84
C GLY A 14 -6.32 -0.16 -8.12
N TYR A 15 -5.99 -0.52 -9.33
CA TYR A 15 -4.61 -0.66 -9.73
C TYR A 15 -4.22 0.50 -10.65
N SER A 16 -2.92 0.69 -10.83
CA SER A 16 -2.43 1.70 -11.76
C SER A 16 -3.07 1.54 -13.13
N PRO A 17 -3.57 2.64 -13.71
CA PRO A 17 -4.19 2.63 -15.04
C PRO A 17 -3.18 2.31 -16.15
N ALA A 18 -1.91 2.20 -15.77
CA ALA A 18 -0.86 1.86 -16.71
C ALA A 18 -0.13 0.59 -16.26
N ILE A 19 -0.83 -0.27 -15.53
CA ILE A 19 -0.26 -1.53 -15.09
C ILE A 19 -0.13 -2.49 -16.29
N SER A 20 0.83 -3.40 -16.24
CA SER A 20 1.13 -4.23 -17.39
C SER A 20 1.19 -5.71 -17.04
N ASN A 21 1.05 -6.54 -18.06
CA ASN A 21 1.23 -7.99 -17.96
C ASN A 21 0.21 -8.63 -17.04
N GLY A 22 0.64 -9.01 -15.85
CA GLY A 22 -0.24 -9.68 -14.92
C GLY A 22 0.11 -9.38 -13.49
N TYR A 23 0.70 -8.21 -13.26
CA TYR A 23 1.09 -7.82 -11.92
C TYR A 23 -0.18 -7.63 -11.06
N ARG A 24 -1.28 -7.28 -11.72
CA ARG A 24 -2.56 -7.16 -11.06
C ARG A 24 -2.93 -8.47 -10.37
N GLN A 25 -2.69 -9.56 -11.06
CA GLN A 25 -3.02 -10.88 -10.55
C GLN A 25 -2.12 -11.23 -9.37
N ARG A 26 -0.87 -10.78 -9.43
CA ARG A 26 0.04 -10.93 -8.31
C ARG A 26 -0.50 -10.19 -7.09
N LEU A 27 -0.90 -8.95 -7.33
CA LEU A 27 -1.40 -8.08 -6.27
C LEU A 27 -2.70 -8.61 -5.71
N PHE A 28 -3.57 -9.08 -6.60
CA PHE A 28 -4.86 -9.64 -6.24
C PHE A 28 -4.67 -10.84 -5.32
N SER A 29 -3.73 -11.71 -5.70
CA SER A 29 -3.42 -12.90 -4.91
C SER A 29 -2.84 -12.52 -3.54
N MET A 30 -2.09 -11.42 -3.52
CA MET A 30 -1.47 -10.94 -2.29
C MET A 30 -2.51 -10.31 -1.37
N GLY A 31 -3.64 -9.93 -1.93
CA GLY A 31 -4.70 -9.32 -1.14
C GLY A 31 -4.81 -7.84 -1.38
N LEU A 32 -4.10 -7.36 -2.38
CA LEU A 32 -4.13 -5.95 -2.73
C LEU A 32 -5.10 -5.74 -3.89
N LEU A 33 -6.31 -5.33 -3.55
CA LEU A 33 -7.35 -5.16 -4.55
C LEU A 33 -8.24 -3.96 -4.21
N PRO A 34 -8.98 -3.44 -5.20
CA PRO A 34 -9.89 -2.31 -4.97
C PRO A 34 -10.97 -2.66 -3.97
N GLY A 35 -11.20 -1.75 -3.02
CA GLY A 35 -12.20 -1.98 -2.00
C GLY A 35 -11.59 -2.13 -0.62
N ALA A 36 -10.29 -2.38 -0.58
CA ALA A 36 -9.60 -2.53 0.67
C ALA A 36 -9.00 -1.19 1.10
N ALA A 37 -8.32 -1.22 2.22
CA ALA A 37 -7.72 -0.03 2.79
C ALA A 37 -6.45 -0.39 3.55
N LEU A 38 -5.53 0.55 3.61
CA LEU A 38 -4.26 0.34 4.30
C LEU A 38 -3.99 1.47 5.29
N ARG A 39 -3.50 1.11 6.45
CA ARG A 39 -3.10 2.07 7.46
C ARG A 39 -1.59 2.26 7.39
N VAL A 40 -1.16 3.47 7.06
CA VAL A 40 0.27 3.75 6.94
C VAL A 40 0.94 3.65 8.30
N VAL A 41 2.01 2.87 8.36
CA VAL A 41 2.75 2.73 9.59
C VAL A 41 3.99 3.62 9.56
N ARG A 42 4.80 3.49 8.51
CA ARG A 42 6.07 4.20 8.44
C ARG A 42 6.58 4.35 7.00
N ILE A 43 7.10 5.53 6.69
CA ILE A 43 8.02 5.68 5.57
C ILE A 43 9.38 6.02 6.17
N ALA A 44 10.30 5.07 6.15
CA ALA A 44 11.59 5.23 6.80
C ALA A 44 12.29 6.50 6.34
N PRO A 45 12.73 7.33 7.31
CA PRO A 45 13.42 8.61 7.03
C PRO A 45 14.71 8.43 6.25
N LEU A 46 15.10 7.18 6.05
CA LEU A 46 16.22 6.83 5.19
C LEU A 46 15.98 7.33 3.78
N GLY A 47 14.73 7.30 3.38
CA GLY A 47 14.34 7.66 2.04
C GLY A 47 12.95 7.19 1.76
N ASP A 48 12.81 5.89 1.52
CA ASP A 48 11.50 5.28 1.42
C ASP A 48 11.53 3.77 1.24
N PRO A 49 10.89 3.10 2.19
CA PRO A 49 9.98 2.01 1.99
C PRO A 49 8.60 2.41 2.48
N ILE A 50 7.60 1.66 2.13
CA ILE A 50 6.27 1.99 2.56
C ILE A 50 5.73 0.89 3.45
N GLN A 51 5.77 1.14 4.74
CA GLN A 51 5.30 0.20 5.73
C GLN A 51 3.85 0.52 6.05
N VAL A 52 2.96 -0.39 5.73
CA VAL A 52 1.53 -0.21 5.93
C VAL A 52 0.92 -1.42 6.63
N GLU A 53 -0.33 -1.30 7.01
CA GLU A 53 -1.03 -2.37 7.70
C GLU A 53 -2.41 -2.52 7.08
N THR A 54 -2.80 -3.75 6.79
CA THR A 54 -4.08 -4.01 6.13
C THR A 54 -5.22 -4.04 7.15
N ARG A 55 -5.27 -5.11 7.94
CA ARG A 55 -6.29 -5.28 8.95
C ARG A 55 -5.91 -6.44 9.89
N GLN A 56 -4.61 -6.72 9.95
CA GLN A 56 -4.08 -7.86 10.70
C GLN A 56 -2.59 -8.05 10.40
N THR A 57 -2.19 -7.69 9.20
CA THR A 57 -0.81 -7.92 8.76
C THR A 57 -0.20 -6.64 8.17
N SER A 58 1.08 -6.45 8.42
CA SER A 58 1.79 -5.28 7.93
C SER A 58 2.65 -5.61 6.72
N LEU A 59 2.76 -4.65 5.82
CA LEU A 59 3.51 -4.82 4.59
C LEU A 59 4.51 -3.70 4.39
N ALA A 60 5.42 -3.91 3.46
CA ALA A 60 6.45 -2.94 3.12
C ALA A 60 6.82 -3.06 1.64
N LEU A 61 6.89 -1.94 0.95
CA LEU A 61 7.15 -1.95 -0.47
C LEU A 61 7.87 -0.67 -0.87
N ARG A 62 8.26 -0.58 -2.13
CA ARG A 62 8.97 0.60 -2.59
C ARG A 62 8.08 1.48 -3.44
N ARG A 63 8.56 2.70 -3.69
CA ARG A 63 7.87 3.68 -4.53
C ARG A 63 7.29 3.08 -5.82
N LYS A 64 8.16 2.46 -6.62
CA LYS A 64 7.75 1.89 -7.91
C LYS A 64 6.61 0.90 -7.74
N ASP A 65 6.69 0.11 -6.69
CA ASP A 65 5.72 -0.93 -6.41
C ASP A 65 4.39 -0.32 -5.98
N LEU A 66 4.47 0.85 -5.32
CA LEU A 66 3.29 1.58 -4.92
C LEU A 66 2.57 2.13 -6.15
N ALA A 67 3.36 2.60 -7.11
CA ALA A 67 2.82 3.21 -8.33
C ALA A 67 2.01 2.20 -9.15
N LEU A 68 2.15 0.92 -8.84
CA LEU A 68 1.39 -0.12 -9.51
C LEU A 68 -0.03 -0.21 -8.94
N LEU A 69 -0.21 0.37 -7.77
CA LEU A 69 -1.53 0.43 -7.14
C LEU A 69 -2.06 1.85 -7.17
N THR A 70 -3.37 1.99 -7.20
CA THR A 70 -3.97 3.31 -7.06
C THR A 70 -4.62 3.44 -5.69
N LEU A 71 -4.07 4.33 -4.89
CA LEU A 71 -4.50 4.51 -3.51
C LEU A 71 -4.92 5.96 -3.28
N VAL A 72 -6.02 6.14 -2.57
CA VAL A 72 -6.48 7.46 -2.18
C VAL A 72 -6.72 7.52 -0.68
N PRO A 73 -6.30 8.59 -0.01
CA PRO A 73 -6.46 8.71 1.44
C PRO A 73 -7.92 8.88 1.83
N LEU A 74 -8.22 8.65 3.11
CA LEU A 74 -9.56 8.87 3.63
C LEU A 74 -9.78 10.35 3.89
N ASP A 75 -8.74 11.02 4.36
CA ASP A 75 -8.79 12.44 4.60
C ASP A 75 -7.84 13.17 3.66
N MET A 1 3.14 -2.53 23.71
CA MET A 1 4.48 -2.82 23.18
C MET A 1 4.58 -2.37 21.73
N SER A 2 5.81 -2.04 21.31
CA SER A 2 6.09 -1.59 19.94
C SER A 2 5.51 -0.21 19.68
N ALA A 3 6.15 0.53 18.78
CA ALA A 3 5.71 1.88 18.45
C ALA A 3 5.13 1.92 17.05
N LEU A 4 3.81 1.82 16.95
CA LEU A 4 3.13 1.90 15.66
C LEU A 4 2.78 3.36 15.34
N GLN A 5 1.69 3.83 15.92
CA GLN A 5 1.23 5.21 15.74
C GLN A 5 0.98 5.53 14.26
N PRO A 6 -0.16 5.06 13.73
CA PRO A 6 -0.53 5.29 12.33
C PRO A 6 -0.89 6.76 12.07
N SER A 7 -0.29 7.34 11.05
CA SER A 7 -0.57 8.72 10.68
C SER A 7 -1.89 8.82 9.94
N ARG A 8 -1.93 8.27 8.73
CA ARG A 8 -3.12 8.37 7.89
C ARG A 8 -3.44 7.03 7.25
N SER A 9 -4.67 6.90 6.78
CA SER A 9 -5.11 5.68 6.13
C SER A 9 -5.51 5.98 4.69
N TYR A 10 -5.20 5.07 3.78
CA TYR A 10 -5.44 5.30 2.36
C TYR A 10 -6.18 4.11 1.75
N ARG A 11 -7.22 4.38 0.97
CA ARG A 11 -7.94 3.31 0.30
C ARG A 11 -7.32 3.02 -1.06
N ILE A 12 -7.59 1.83 -1.56
CA ILE A 12 -7.08 1.43 -2.86
C ILE A 12 -8.16 1.57 -3.92
N THR A 13 -7.98 2.53 -4.81
CA THR A 13 -8.93 2.76 -5.89
C THR A 13 -8.77 1.71 -6.98
N GLY A 14 -7.56 1.18 -7.08
CA GLY A 14 -7.25 0.21 -8.11
C GLY A 14 -5.79 0.23 -8.46
N TYR A 15 -5.48 -0.10 -9.70
CA TYR A 15 -4.11 -0.14 -10.16
C TYR A 15 -3.90 0.88 -11.27
N SER A 16 -2.69 1.40 -11.41
CA SER A 16 -2.38 2.34 -12.46
C SER A 16 -2.53 1.68 -13.83
N PRO A 17 -3.02 2.43 -14.83
CA PRO A 17 -3.33 1.89 -16.17
C PRO A 17 -2.11 1.35 -16.91
N ALA A 18 -0.94 1.42 -16.29
CA ALA A 18 0.29 0.94 -16.91
C ALA A 18 0.61 -0.49 -16.46
N ILE A 19 -0.16 -1.01 -15.50
CA ILE A 19 0.09 -2.34 -14.97
C ILE A 19 -0.63 -3.40 -15.80
N SER A 20 -0.05 -4.59 -15.89
CA SER A 20 -0.63 -5.68 -16.63
C SER A 20 -1.56 -6.50 -15.73
N ASN A 21 -2.43 -7.30 -16.33
CA ASN A 21 -3.46 -8.03 -15.57
C ASN A 21 -2.86 -9.13 -14.72
N GLY A 22 -1.88 -9.85 -15.24
CA GLY A 22 -1.23 -10.90 -14.47
C GLY A 22 -0.55 -10.35 -13.23
N TYR A 23 -0.03 -9.12 -13.33
CA TYR A 23 0.56 -8.46 -12.19
C TYR A 23 -0.51 -8.12 -11.16
N ARG A 24 -1.67 -7.72 -11.65
CA ARG A 24 -2.82 -7.46 -10.80
C ARG A 24 -3.19 -8.72 -10.04
N GLN A 25 -3.17 -9.84 -10.74
CA GLN A 25 -3.54 -11.11 -10.17
C GLN A 25 -2.55 -11.53 -9.07
N ARG A 26 -1.28 -11.22 -9.27
CA ARG A 26 -0.26 -11.54 -8.28
C ARG A 26 -0.40 -10.61 -7.08
N LEU A 27 -0.74 -9.36 -7.34
CA LEU A 27 -0.92 -8.38 -6.27
C LEU A 27 -2.15 -8.71 -5.44
N PHE A 28 -3.23 -9.07 -6.13
CA PHE A 28 -4.47 -9.47 -5.48
C PHE A 28 -4.24 -10.66 -4.57
N SER A 29 -3.49 -11.63 -5.07
CA SER A 29 -3.15 -12.84 -4.33
C SER A 29 -2.29 -12.52 -3.12
N MET A 30 -1.46 -11.48 -3.25
CA MET A 30 -0.57 -11.08 -2.16
C MET A 30 -1.30 -10.23 -1.12
N GLY A 31 -2.48 -9.73 -1.47
CA GLY A 31 -3.29 -9.01 -0.51
C GLY A 31 -3.52 -7.55 -0.88
N LEU A 32 -3.09 -7.17 -2.06
CA LEU A 32 -3.29 -5.80 -2.54
C LEU A 32 -4.39 -5.76 -3.58
N LEU A 33 -5.59 -5.42 -3.15
CA LEU A 33 -6.75 -5.46 -4.03
C LEU A 33 -7.51 -4.14 -4.01
N PRO A 34 -8.19 -3.80 -5.14
CA PRO A 34 -8.99 -2.58 -5.23
C PRO A 34 -10.21 -2.63 -4.31
N GLY A 35 -10.45 -1.54 -3.60
CA GLY A 35 -11.58 -1.48 -2.71
C GLY A 35 -11.16 -1.54 -1.25
N ALA A 36 -9.96 -2.03 -1.00
CA ALA A 36 -9.47 -2.16 0.35
C ALA A 36 -8.87 -0.84 0.83
N ALA A 37 -8.24 -0.89 1.97
CA ALA A 37 -7.67 0.28 2.61
C ALA A 37 -6.43 -0.10 3.39
N LEU A 38 -5.39 0.71 3.26
CA LEU A 38 -4.14 0.47 3.96
C LEU A 38 -3.94 1.48 5.06
N ARG A 39 -3.59 0.98 6.23
CA ARG A 39 -3.26 1.83 7.37
C ARG A 39 -1.75 1.88 7.52
N VAL A 40 -1.19 3.08 7.50
CA VAL A 40 0.26 3.24 7.54
C VAL A 40 0.83 2.83 8.89
N VAL A 41 1.81 1.95 8.85
CA VAL A 41 2.53 1.55 10.04
C VAL A 41 3.71 2.48 10.27
N ARG A 42 4.52 2.69 9.23
CA ARG A 42 5.70 3.55 9.34
C ARG A 42 6.40 3.74 8.00
N ILE A 43 6.91 4.95 7.77
CA ILE A 43 7.82 5.22 6.67
C ILE A 43 9.25 5.25 7.21
N ALA A 44 10.19 4.71 6.47
CA ALA A 44 11.58 4.67 6.94
C ALA A 44 12.30 5.99 6.65
N PRO A 45 13.24 6.37 7.52
CA PRO A 45 14.01 7.63 7.39
C PRO A 45 14.94 7.62 6.18
N LEU A 46 14.97 6.50 5.46
CA LEU A 46 15.71 6.37 4.21
C LEU A 46 15.26 7.45 3.24
N GLY A 47 13.97 7.68 3.26
CA GLY A 47 13.33 8.51 2.30
C GLY A 47 11.91 8.08 2.17
N ASP A 48 11.75 6.78 1.88
CA ASP A 48 10.46 6.11 1.96
C ASP A 48 10.47 4.73 1.34
N PRO A 49 10.16 3.74 2.17
CA PRO A 49 9.31 2.63 1.86
C PRO A 49 8.02 2.80 2.66
N ILE A 50 6.99 2.10 2.28
CA ILE A 50 5.73 2.27 2.98
C ILE A 50 5.33 0.98 3.69
N GLN A 51 5.51 0.97 5.00
CA GLN A 51 5.06 -0.14 5.80
C GLN A 51 3.60 0.08 6.14
N VAL A 52 2.73 -0.76 5.61
CA VAL A 52 1.30 -0.61 5.83
C VAL A 52 0.65 -1.93 6.23
N GLU A 53 -0.58 -1.84 6.72
CA GLU A 53 -1.35 -3.01 7.07
C GLU A 53 -2.82 -2.69 6.82
N THR A 54 -3.57 -3.65 6.32
CA THR A 54 -4.99 -3.44 6.12
C THR A 54 -5.76 -4.00 7.31
N ARG A 55 -5.42 -5.24 7.68
CA ARG A 55 -5.97 -5.90 8.87
C ARG A 55 -5.41 -7.32 8.97
N GLN A 56 -4.25 -7.53 8.37
CA GLN A 56 -3.68 -8.86 8.22
C GLN A 56 -2.25 -8.87 8.75
N THR A 57 -1.38 -8.13 8.08
CA THR A 57 0.03 -8.07 8.46
C THR A 57 0.71 -6.89 7.78
N SER A 58 1.76 -6.38 8.38
CA SER A 58 2.49 -5.25 7.83
C SER A 58 3.29 -5.64 6.60
N LEU A 59 3.32 -4.75 5.63
CA LEU A 59 4.07 -4.96 4.40
C LEU A 59 4.74 -3.66 3.97
N ALA A 60 5.94 -3.77 3.41
CA ALA A 60 6.68 -2.61 2.95
C ALA A 60 6.78 -2.60 1.42
N LEU A 61 6.67 -1.43 0.83
CA LEU A 61 6.74 -1.29 -0.62
C LEU A 61 7.48 -0.02 -0.97
N ARG A 62 7.96 0.07 -2.19
CA ARG A 62 8.74 1.22 -2.61
C ARG A 62 7.85 2.22 -3.33
N ARG A 63 8.43 3.36 -3.68
CA ARG A 63 7.69 4.38 -4.42
C ARG A 63 7.35 3.87 -5.82
N LYS A 64 8.24 3.06 -6.38
CA LYS A 64 8.00 2.46 -7.69
C LYS A 64 6.83 1.48 -7.62
N ASP A 65 6.70 0.77 -6.50
CA ASP A 65 5.56 -0.12 -6.28
C ASP A 65 4.30 0.71 -6.14
N LEU A 66 4.41 1.79 -5.39
CA LEU A 66 3.30 2.72 -5.17
C LEU A 66 2.81 3.29 -6.49
N ALA A 67 3.72 3.47 -7.42
CA ALA A 67 3.39 4.01 -8.73
C ALA A 67 2.48 3.07 -9.52
N LEU A 68 2.49 1.80 -9.15
CA LEU A 68 1.66 0.80 -9.82
C LEU A 68 0.27 0.75 -9.22
N LEU A 69 0.13 1.28 -8.02
CA LEU A 69 -1.15 1.26 -7.32
C LEU A 69 -1.81 2.63 -7.36
N THR A 70 -3.11 2.65 -7.52
CA THR A 70 -3.87 3.89 -7.40
C THR A 70 -4.53 3.96 -6.03
N LEU A 71 -4.13 4.94 -5.24
CA LEU A 71 -4.62 5.07 -3.88
C LEU A 71 -5.36 6.39 -3.70
N VAL A 72 -6.37 6.37 -2.83
CA VAL A 72 -7.07 7.57 -2.42
C VAL A 72 -7.11 7.64 -0.90
N PRO A 73 -6.46 8.65 -0.31
CA PRO A 73 -6.40 8.78 1.15
C PRO A 73 -7.77 9.05 1.77
N LEU A 74 -7.88 8.82 3.06
CA LEU A 74 -9.11 9.11 3.78
C LEU A 74 -9.03 10.50 4.39
N ASP A 75 -7.81 11.03 4.44
CA ASP A 75 -7.57 12.37 4.93
C ASP A 75 -6.82 13.16 3.87
N MET A 1 12.60 0.53 21.04
CA MET A 1 11.39 -0.23 20.66
C MET A 1 10.23 0.74 20.43
N SER A 2 10.16 1.28 19.22
CA SER A 2 9.12 2.24 18.86
C SER A 2 9.27 2.65 17.39
N ALA A 3 9.69 1.70 16.56
CA ALA A 3 9.96 1.98 15.16
C ALA A 3 8.67 2.03 14.35
N LEU A 4 7.91 3.10 14.53
CA LEU A 4 6.67 3.30 13.80
C LEU A 4 6.22 4.76 13.86
N GLN A 5 5.38 5.15 12.92
CA GLN A 5 4.81 6.48 12.86
C GLN A 5 3.44 6.42 12.18
N PRO A 6 2.42 5.95 12.90
CA PRO A 6 1.07 5.80 12.35
C PRO A 6 0.29 7.10 12.40
N SER A 7 -0.62 7.29 11.44
CA SER A 7 -1.41 8.51 11.40
C SER A 7 -2.59 8.36 10.43
N ARG A 8 -2.28 8.12 9.16
CA ARG A 8 -3.30 8.12 8.12
C ARG A 8 -3.66 6.71 7.68
N SER A 9 -4.69 6.63 6.84
CA SER A 9 -5.07 5.39 6.20
C SER A 9 -5.41 5.69 4.75
N TYR A 10 -5.01 4.79 3.86
CA TYR A 10 -5.19 5.01 2.43
C TYR A 10 -5.97 3.86 1.81
N ARG A 11 -7.02 4.19 1.07
CA ARG A 11 -7.82 3.18 0.39
C ARG A 11 -7.24 2.91 -0.98
N ILE A 12 -7.36 1.67 -1.42
CA ILE A 12 -6.94 1.31 -2.76
C ILE A 12 -8.10 1.47 -3.73
N THR A 13 -8.00 2.43 -4.63
CA THR A 13 -9.04 2.67 -5.62
C THR A 13 -8.92 1.66 -6.76
N GLY A 14 -7.72 1.11 -6.91
CA GLY A 14 -7.48 0.16 -7.97
C GLY A 14 -6.01 0.09 -8.32
N TYR A 15 -5.73 -0.07 -9.61
CA TYR A 15 -4.36 -0.18 -10.07
C TYR A 15 -4.10 0.91 -11.09
N SER A 16 -2.85 1.36 -11.18
CA SER A 16 -2.49 2.44 -12.09
C SER A 16 -2.59 1.98 -13.55
N PRO A 17 -2.71 2.93 -14.49
CA PRO A 17 -2.69 2.63 -15.92
C PRO A 17 -1.28 2.27 -16.41
N ALA A 18 -0.38 2.06 -15.46
CA ALA A 18 1.00 1.72 -15.77
C ALA A 18 1.25 0.23 -15.53
N ILE A 19 0.34 -0.41 -14.83
CA ILE A 19 0.46 -1.84 -14.55
C ILE A 19 -0.18 -2.66 -15.68
N SER A 20 0.42 -3.79 -16.01
CA SER A 20 -0.04 -4.59 -17.12
C SER A 20 0.50 -6.02 -17.03
N ASN A 21 0.23 -6.81 -18.05
CA ASN A 21 0.78 -8.17 -18.19
C ASN A 21 0.37 -9.06 -17.01
N GLY A 22 -0.83 -8.85 -16.49
CA GLY A 22 -1.36 -9.72 -15.45
C GLY A 22 -0.80 -9.42 -14.06
N TYR A 23 -0.02 -8.36 -13.94
CA TYR A 23 0.53 -7.96 -12.65
C TYR A 23 -0.59 -7.60 -11.67
N ARG A 24 -1.76 -7.25 -12.20
CA ARG A 24 -2.93 -6.99 -11.38
C ARG A 24 -3.36 -8.26 -10.66
N GLN A 25 -3.35 -9.39 -11.37
CA GLN A 25 -3.70 -10.67 -10.78
C GLN A 25 -2.65 -11.06 -9.76
N ARG A 26 -1.41 -10.71 -10.06
CA ARG A 26 -0.30 -10.93 -9.16
C ARG A 26 -0.49 -10.16 -7.86
N LEU A 27 -0.90 -8.92 -7.98
CA LEU A 27 -1.13 -8.06 -6.81
C LEU A 27 -2.34 -8.54 -6.04
N PHE A 28 -3.38 -8.92 -6.75
CA PHE A 28 -4.61 -9.43 -6.15
C PHE A 28 -4.31 -10.67 -5.31
N SER A 29 -3.55 -11.57 -5.89
CA SER A 29 -3.17 -12.82 -5.24
C SER A 29 -2.33 -12.57 -3.99
N MET A 30 -1.59 -11.47 -4.01
CA MET A 30 -0.76 -11.10 -2.87
C MET A 30 -1.56 -10.34 -1.81
N GLY A 31 -2.76 -9.91 -2.18
CA GLY A 31 -3.64 -9.28 -1.21
C GLY A 31 -3.90 -7.82 -1.50
N LEU A 32 -3.32 -7.31 -2.57
CA LEU A 32 -3.49 -5.91 -2.93
C LEU A 32 -4.58 -5.77 -3.98
N LEU A 33 -5.77 -5.37 -3.53
CA LEU A 33 -6.92 -5.30 -4.39
C LEU A 33 -7.75 -4.04 -4.10
N PRO A 34 -8.51 -3.56 -5.09
CA PRO A 34 -9.36 -2.37 -4.94
C PRO A 34 -10.46 -2.57 -3.91
N GLY A 35 -10.67 -1.56 -3.09
CA GLY A 35 -11.70 -1.63 -2.08
C GLY A 35 -11.12 -1.68 -0.68
N ALA A 36 -9.91 -2.22 -0.56
CA ALA A 36 -9.26 -2.36 0.70
C ALA A 36 -8.48 -1.10 1.03
N ALA A 37 -8.30 -0.86 2.30
CA ALA A 37 -7.57 0.31 2.78
C ALA A 37 -6.50 -0.09 3.79
N LEU A 38 -5.34 0.52 3.67
CA LEU A 38 -4.23 0.24 4.57
C LEU A 38 -4.02 1.39 5.53
N ARG A 39 -3.68 1.07 6.77
CA ARG A 39 -3.32 2.09 7.74
C ARG A 39 -1.81 2.25 7.74
N VAL A 40 -1.32 3.48 7.70
CA VAL A 40 0.11 3.71 7.59
C VAL A 40 0.82 3.36 8.90
N VAL A 41 1.85 2.53 8.79
CA VAL A 41 2.65 2.19 9.94
C VAL A 41 3.93 3.02 9.98
N ARG A 42 4.61 3.16 8.84
CA ARG A 42 5.87 3.90 8.80
C ARG A 42 6.44 4.03 7.38
N ILE A 43 6.92 5.24 7.05
CA ILE A 43 7.75 5.44 5.86
C ILE A 43 9.12 5.94 6.35
N ALA A 44 10.19 5.31 5.89
CA ALA A 44 11.53 5.76 6.23
C ALA A 44 11.82 7.12 5.60
N PRO A 45 12.21 8.11 6.41
CA PRO A 45 12.50 9.48 5.94
C PRO A 45 13.58 9.53 4.86
N LEU A 46 14.30 8.42 4.70
CA LEU A 46 15.33 8.27 3.66
C LEU A 46 14.75 8.55 2.28
N GLY A 47 13.50 8.21 2.10
CA GLY A 47 12.87 8.36 0.83
C GLY A 47 11.60 7.58 0.76
N ASP A 48 11.73 6.26 0.60
CA ASP A 48 10.55 5.43 0.53
C ASP A 48 10.82 3.95 0.71
N PRO A 49 10.22 3.41 1.77
CA PRO A 49 9.46 2.19 1.82
C PRO A 49 8.02 2.54 2.22
N ILE A 50 7.19 1.55 2.41
CA ILE A 50 5.87 1.81 2.94
C ILE A 50 5.44 0.66 3.83
N GLN A 51 5.48 0.89 5.13
CA GLN A 51 4.98 -0.09 6.07
C GLN A 51 3.53 0.24 6.39
N VAL A 52 2.62 -0.69 6.12
CA VAL A 52 1.20 -0.45 6.31
C VAL A 52 0.52 -1.69 6.86
N GLU A 53 -0.67 -1.49 7.42
CA GLU A 53 -1.44 -2.57 8.02
C GLU A 53 -2.76 -2.72 7.30
N THR A 54 -3.15 -3.95 7.01
CA THR A 54 -4.41 -4.20 6.33
C THR A 54 -5.53 -4.35 7.35
N ARG A 55 -5.19 -4.91 8.50
CA ARG A 55 -6.14 -5.12 9.59
C ARG A 55 -5.44 -5.83 10.74
N GLN A 56 -4.93 -7.03 10.47
CA GLN A 56 -4.21 -7.79 11.47
C GLN A 56 -2.71 -7.80 11.14
N THR A 57 -2.39 -7.89 9.87
CA THR A 57 -0.99 -8.02 9.45
C THR A 57 -0.50 -6.75 8.79
N SER A 58 0.80 -6.49 8.92
CA SER A 58 1.42 -5.32 8.33
C SER A 58 2.41 -5.72 7.26
N LEU A 59 2.51 -4.92 6.21
CA LEU A 59 3.36 -5.21 5.07
C LEU A 59 4.28 -4.02 4.77
N ALA A 60 5.35 -4.30 4.02
CA ALA A 60 6.28 -3.27 3.59
C ALA A 60 6.53 -3.40 2.09
N LEU A 61 6.68 -2.27 1.41
CA LEU A 61 6.81 -2.27 -0.04
C LEU A 61 7.57 -1.02 -0.46
N ARG A 62 7.83 -0.87 -1.75
CA ARG A 62 8.57 0.28 -2.21
C ARG A 62 7.79 1.08 -3.24
N ARG A 63 8.46 2.08 -3.76
CA ARG A 63 7.91 2.97 -4.77
C ARG A 63 7.41 2.21 -5.99
N LYS A 64 8.09 1.12 -6.32
CA LYS A 64 7.70 0.30 -7.46
C LYS A 64 6.32 -0.30 -7.24
N ASP A 65 6.08 -0.81 -6.03
CA ASP A 65 4.79 -1.37 -5.68
C ASP A 65 3.75 -0.27 -5.62
N LEU A 66 4.17 0.88 -5.08
CA LEU A 66 3.31 2.06 -5.01
C LEU A 66 2.87 2.51 -6.39
N ALA A 67 3.77 2.43 -7.35
CA ALA A 67 3.51 2.90 -8.70
C ALA A 67 2.54 1.97 -9.45
N LEU A 68 2.29 0.80 -8.90
CA LEU A 68 1.36 -0.15 -9.53
C LEU A 68 -0.05 0.02 -8.97
N LEU A 69 -0.14 0.60 -7.79
CA LEU A 69 -1.42 0.72 -7.10
C LEU A 69 -1.93 2.16 -7.11
N THR A 70 -3.23 2.31 -7.31
CA THR A 70 -3.85 3.61 -7.14
C THR A 70 -4.33 3.73 -5.70
N LEU A 71 -3.71 4.61 -4.96
CA LEU A 71 -3.98 4.75 -3.54
C LEU A 71 -4.45 6.15 -3.23
N VAL A 72 -5.57 6.25 -2.55
CA VAL A 72 -6.09 7.55 -2.13
C VAL A 72 -6.32 7.55 -0.62
N PRO A 73 -5.87 8.61 0.07
CA PRO A 73 -6.05 8.72 1.51
C PRO A 73 -7.52 8.84 1.88
N LEU A 74 -7.84 8.60 3.15
CA LEU A 74 -9.19 8.83 3.64
C LEU A 74 -9.63 10.24 3.32
N ASP A 75 -8.85 11.20 3.80
CA ASP A 75 -9.09 12.60 3.51
C ASP A 75 -7.92 13.43 4.01
N MET A 1 4.06 10.19 25.19
CA MET A 1 3.68 8.98 25.97
C MET A 1 3.76 7.73 25.08
N SER A 2 3.10 7.79 23.92
CA SER A 2 3.12 6.68 22.99
C SER A 2 3.77 7.11 21.67
N ALA A 3 4.92 6.53 21.36
CA ALA A 3 5.62 6.86 20.13
C ALA A 3 5.13 5.98 18.99
N LEU A 4 5.30 6.47 17.76
CA LEU A 4 4.83 5.79 16.56
C LEU A 4 3.30 5.65 16.59
N GLN A 5 2.63 6.56 15.90
CA GLN A 5 1.18 6.55 15.87
C GLN A 5 0.68 6.54 14.43
N PRO A 6 -0.17 5.55 14.09
CA PRO A 6 -0.79 5.47 12.77
C PRO A 6 -1.67 6.68 12.52
N SER A 7 -1.35 7.45 11.50
CA SER A 7 -2.00 8.73 11.28
C SER A 7 -2.95 8.68 10.11
N ARG A 8 -2.41 8.43 8.92
CA ARG A 8 -3.19 8.54 7.71
C ARG A 8 -3.42 7.17 7.10
N SER A 9 -4.58 6.99 6.51
CA SER A 9 -4.94 5.72 5.91
C SER A 9 -5.29 5.93 4.44
N TYR A 10 -4.87 5.01 3.60
CA TYR A 10 -5.10 5.09 2.16
C TYR A 10 -5.97 3.92 1.72
N ARG A 11 -6.99 4.19 0.92
CA ARG A 11 -7.80 3.12 0.39
C ARG A 11 -7.43 2.87 -1.06
N ILE A 12 -7.72 1.69 -1.54
CA ILE A 12 -7.38 1.33 -2.90
C ILE A 12 -8.63 1.35 -3.77
N THR A 13 -8.66 2.26 -4.74
CA THR A 13 -9.79 2.34 -5.64
C THR A 13 -9.56 1.51 -6.90
N GLY A 14 -8.31 1.14 -7.14
CA GLY A 14 -8.00 0.32 -8.29
C GLY A 14 -6.52 0.30 -8.60
N TYR A 15 -6.19 0.06 -9.85
CA TYR A 15 -4.81 -0.01 -10.28
C TYR A 15 -4.54 1.04 -11.34
N SER A 16 -3.30 1.49 -11.45
CA SER A 16 -2.93 2.44 -12.45
C SER A 16 -3.03 1.80 -13.83
N PRO A 17 -3.55 2.51 -14.84
CA PRO A 17 -3.78 1.96 -16.19
C PRO A 17 -2.48 1.60 -16.92
N ALA A 18 -1.37 1.68 -16.22
CA ALA A 18 -0.07 1.35 -16.80
C ALA A 18 0.43 0.01 -16.24
N ILE A 19 -0.42 -0.68 -15.49
CA ILE A 19 -0.05 -1.99 -14.95
C ILE A 19 -0.60 -3.10 -15.84
N SER A 20 0.25 -4.07 -16.14
CA SER A 20 -0.08 -5.16 -17.05
C SER A 20 0.82 -6.35 -16.76
N ASN A 21 0.92 -7.29 -17.70
CA ASN A 21 1.82 -8.44 -17.60
C ASN A 21 1.39 -9.38 -16.48
N GLY A 22 0.14 -9.22 -16.05
CA GLY A 22 -0.39 -10.07 -15.00
C GLY A 22 0.06 -9.62 -13.62
N TYR A 23 0.79 -8.51 -13.56
CA TYR A 23 1.31 -8.00 -12.30
C TYR A 23 0.17 -7.56 -11.39
N ARG A 24 -0.93 -7.17 -12.02
CA ARG A 24 -2.14 -6.78 -11.31
C ARG A 24 -2.69 -7.96 -10.54
N GLN A 25 -2.69 -9.13 -11.18
CA GLN A 25 -3.15 -10.34 -10.54
C GLN A 25 -2.18 -10.77 -9.47
N ARG A 26 -0.91 -10.50 -9.66
CA ARG A 26 0.10 -10.78 -8.66
C ARG A 26 -0.15 -9.93 -7.42
N LEU A 27 -0.47 -8.66 -7.64
CA LEU A 27 -0.81 -7.75 -6.56
C LEU A 27 -2.08 -8.19 -5.87
N PHE A 28 -3.07 -8.54 -6.68
CA PHE A 28 -4.36 -9.04 -6.18
C PHE A 28 -4.15 -10.26 -5.30
N SER A 29 -3.31 -11.18 -5.76
CA SER A 29 -2.99 -12.40 -5.03
C SER A 29 -2.30 -12.08 -3.71
N MET A 30 -1.51 -11.02 -3.71
CA MET A 30 -0.79 -10.61 -2.51
C MET A 30 -1.67 -9.81 -1.57
N GLY A 31 -2.85 -9.43 -2.04
CA GLY A 31 -3.82 -8.77 -1.19
C GLY A 31 -3.98 -7.30 -1.50
N LEU A 32 -3.31 -6.84 -2.54
CA LEU A 32 -3.42 -5.45 -2.96
C LEU A 32 -4.49 -5.33 -4.04
N LEU A 33 -5.73 -5.07 -3.60
CA LEU A 33 -6.86 -5.04 -4.50
C LEU A 33 -7.76 -3.84 -4.22
N PRO A 34 -8.56 -3.42 -5.22
CA PRO A 34 -9.50 -2.32 -5.07
C PRO A 34 -10.60 -2.64 -4.06
N GLY A 35 -10.75 -1.80 -3.06
CA GLY A 35 -11.71 -2.07 -2.00
C GLY A 35 -11.03 -2.27 -0.66
N ALA A 36 -9.71 -2.33 -0.69
CA ALA A 36 -8.94 -2.48 0.54
C ALA A 36 -8.44 -1.13 1.01
N ALA A 37 -7.60 -1.18 2.03
CA ALA A 37 -7.08 0.02 2.66
C ALA A 37 -5.81 -0.28 3.44
N LEU A 38 -4.93 0.70 3.53
CA LEU A 38 -3.68 0.58 4.26
C LEU A 38 -3.56 1.69 5.29
N ARG A 39 -3.10 1.35 6.46
CA ARG A 39 -2.86 2.34 7.50
C ARG A 39 -1.37 2.49 7.75
N VAL A 40 -0.87 3.73 7.63
CA VAL A 40 0.57 3.98 7.72
C VAL A 40 1.13 3.59 9.08
N VAL A 41 2.19 2.80 9.05
CA VAL A 41 2.94 2.51 10.26
C VAL A 41 4.24 3.32 10.28
N ARG A 42 4.99 3.26 9.19
CA ARG A 42 6.26 3.98 9.11
C ARG A 42 6.84 3.95 7.69
N ILE A 43 7.76 4.89 7.44
CA ILE A 43 8.55 4.93 6.22
C ILE A 43 10.00 5.20 6.63
N ALA A 44 10.97 4.60 5.94
CA ALA A 44 12.37 4.82 6.27
C ALA A 44 12.79 6.25 5.88
N PRO A 45 13.65 6.87 6.71
CA PRO A 45 14.09 8.26 6.49
C PRO A 45 14.94 8.43 5.23
N LEU A 46 15.31 7.32 4.61
CA LEU A 46 16.07 7.35 3.36
C LEU A 46 15.22 7.94 2.24
N GLY A 47 14.48 7.07 1.59
CA GLY A 47 13.51 7.49 0.62
C GLY A 47 12.17 6.94 0.99
N ASP A 48 12.00 5.65 0.77
CA ASP A 48 10.80 4.98 1.19
C ASP A 48 10.78 3.48 0.88
N PRO A 49 10.57 2.71 1.95
CA PRO A 49 9.70 1.56 1.98
C PRO A 49 8.46 1.96 2.75
N ILE A 50 7.37 1.29 2.53
CA ILE A 50 6.15 1.71 3.19
C ILE A 50 5.63 0.60 4.09
N GLN A 51 5.81 0.78 5.39
CA GLN A 51 5.27 -0.14 6.35
C GLN A 51 3.87 0.30 6.73
N VAL A 52 2.91 -0.55 6.44
CA VAL A 52 1.52 -0.25 6.71
C VAL A 52 0.85 -1.44 7.40
N GLU A 53 -0.37 -1.24 7.83
CA GLU A 53 -1.16 -2.29 8.43
C GLU A 53 -2.39 -2.56 7.58
N THR A 54 -2.62 -3.82 7.28
CA THR A 54 -3.76 -4.21 6.46
C THR A 54 -4.97 -4.56 7.32
N ARG A 55 -4.93 -4.09 8.58
CA ARG A 55 -5.95 -4.43 9.58
C ARG A 55 -5.91 -5.94 9.83
N GLN A 56 -4.77 -6.54 9.49
CA GLN A 56 -4.56 -7.97 9.65
C GLN A 56 -3.13 -8.19 10.11
N THR A 57 -2.19 -7.80 9.27
CA THR A 57 -0.78 -7.91 9.59
C THR A 57 -0.02 -6.71 9.04
N SER A 58 1.26 -6.62 9.33
CA SER A 58 2.08 -5.54 8.85
C SER A 58 2.57 -5.83 7.43
N LEU A 59 2.64 -4.81 6.61
CA LEU A 59 3.07 -4.96 5.24
C LEU A 59 4.08 -3.88 4.87
N ALA A 60 5.04 -4.25 4.05
CA ALA A 60 6.06 -3.33 3.57
C ALA A 60 6.22 -3.49 2.06
N LEU A 61 6.38 -2.37 1.37
CA LEU A 61 6.46 -2.38 -0.08
C LEU A 61 7.23 -1.15 -0.54
N ARG A 62 7.42 -1.01 -1.85
CA ARG A 62 8.16 0.12 -2.36
C ARG A 62 7.31 1.02 -3.22
N ARG A 63 7.90 2.15 -3.53
CA ARG A 63 7.24 3.18 -4.35
C ARG A 63 6.90 2.67 -5.74
N LYS A 64 7.77 1.84 -6.29
CA LYS A 64 7.55 1.25 -7.61
C LYS A 64 6.23 0.49 -7.66
N ASP A 65 6.00 -0.32 -6.63
CA ASP A 65 4.77 -1.09 -6.53
C ASP A 65 3.60 -0.19 -6.21
N LEU A 66 3.87 0.80 -5.36
CA LEU A 66 2.87 1.76 -4.92
C LEU A 66 2.37 2.58 -6.09
N ALA A 67 3.25 2.86 -7.06
CA ALA A 67 2.91 3.67 -8.22
C ALA A 67 1.97 2.93 -9.16
N LEU A 68 1.88 1.62 -9.03
CA LEU A 68 1.02 0.82 -9.88
C LEU A 68 -0.38 0.71 -9.28
N LEU A 69 -0.54 1.19 -8.06
CA LEU A 69 -1.82 1.17 -7.38
C LEU A 69 -2.46 2.55 -7.40
N THR A 70 -3.77 2.60 -7.57
CA THR A 70 -4.50 3.85 -7.45
C THR A 70 -5.08 3.95 -6.05
N LEU A 71 -4.60 4.92 -5.30
CA LEU A 71 -4.94 5.05 -3.90
C LEU A 71 -5.57 6.39 -3.62
N VAL A 72 -6.65 6.38 -2.86
CA VAL A 72 -7.23 7.60 -2.34
C VAL A 72 -7.41 7.48 -0.83
N PRO A 73 -6.91 8.45 -0.07
CA PRO A 73 -6.89 8.39 1.39
C PRO A 73 -8.29 8.38 2.02
N LEU A 74 -8.33 7.97 3.29
CA LEU A 74 -9.54 8.05 4.09
C LEU A 74 -9.52 9.33 4.88
N ASP A 75 -8.65 9.38 5.87
CA ASP A 75 -8.43 10.56 6.68
C ASP A 75 -6.96 10.64 7.05
N MET A 1 3.00 -1.19 25.60
CA MET A 1 4.09 -1.18 24.60
C MET A 1 3.60 -1.74 23.27
N SER A 2 3.41 -0.86 22.30
CA SER A 2 3.04 -1.24 20.95
C SER A 2 3.71 -0.30 19.95
N ALA A 3 4.75 -0.82 19.30
CA ALA A 3 5.60 -0.01 18.45
C ALA A 3 5.00 0.23 17.08
N LEU A 4 4.04 1.13 17.02
CA LEU A 4 3.46 1.59 15.77
C LEU A 4 2.74 2.91 16.00
N GLN A 5 2.86 3.82 15.05
CA GLN A 5 2.15 5.08 15.12
C GLN A 5 1.61 5.45 13.75
N PRO A 6 0.36 5.04 13.47
CA PRO A 6 -0.28 5.26 12.18
C PRO A 6 -0.54 6.74 11.92
N SER A 7 -0.07 7.22 10.78
CA SER A 7 -0.32 8.59 10.39
C SER A 7 -1.73 8.72 9.83
N ARG A 8 -1.98 8.09 8.68
CA ARG A 8 -3.30 8.08 8.08
C ARG A 8 -3.52 6.79 7.30
N SER A 9 -4.78 6.41 7.17
CA SER A 9 -5.14 5.21 6.45
C SER A 9 -5.52 5.56 5.02
N TYR A 10 -5.02 4.79 4.06
CA TYR A 10 -5.27 5.05 2.66
C TYR A 10 -6.11 3.94 2.06
N ARG A 11 -7.03 4.31 1.19
CA ARG A 11 -7.90 3.36 0.50
C ARG A 11 -7.33 3.08 -0.87
N ILE A 12 -7.48 1.85 -1.33
CA ILE A 12 -7.03 1.50 -2.66
C ILE A 12 -8.22 1.51 -3.62
N THR A 13 -8.22 2.43 -4.56
CA THR A 13 -9.35 2.58 -5.44
C THR A 13 -9.11 1.97 -6.82
N GLY A 14 -7.91 1.45 -7.04
CA GLY A 14 -7.64 0.77 -8.28
C GLY A 14 -6.16 0.68 -8.58
N TYR A 15 -5.83 0.41 -9.83
CA TYR A 15 -4.46 0.30 -10.26
C TYR A 15 -4.17 1.36 -11.31
N SER A 16 -2.90 1.69 -11.46
CA SER A 16 -2.45 2.54 -12.56
C SER A 16 -2.64 1.78 -13.87
N PRO A 17 -3.15 2.45 -14.91
CA PRO A 17 -3.44 1.80 -16.20
C PRO A 17 -2.22 1.15 -16.84
N ALA A 18 -1.04 1.50 -16.34
CA ALA A 18 0.21 0.98 -16.87
C ALA A 18 0.49 -0.42 -16.36
N ILE A 19 -0.31 -0.90 -15.42
CA ILE A 19 -0.14 -2.25 -14.87
C ILE A 19 -0.35 -3.30 -15.98
N SER A 20 0.61 -4.22 -16.10
CA SER A 20 0.60 -5.16 -17.20
C SER A 20 0.88 -6.56 -16.70
N ASN A 21 0.87 -7.53 -17.63
CA ASN A 21 1.12 -8.94 -17.30
C ASN A 21 0.09 -9.42 -16.27
N GLY A 22 0.40 -10.49 -15.55
CA GLY A 22 -0.48 -10.97 -14.52
C GLY A 22 -0.10 -10.42 -13.15
N TYR A 23 0.56 -9.26 -13.15
CA TYR A 23 1.03 -8.64 -11.92
C TYR A 23 -0.16 -8.27 -11.04
N ARG A 24 -1.27 -7.90 -11.68
CA ARG A 24 -2.48 -7.54 -10.98
C ARG A 24 -2.96 -8.68 -10.11
N GLN A 25 -2.88 -9.89 -10.65
CA GLN A 25 -3.31 -11.07 -9.93
C GLN A 25 -2.41 -11.32 -8.73
N ARG A 26 -1.12 -11.08 -8.91
CA ARG A 26 -0.17 -11.24 -7.83
C ARG A 26 -0.44 -10.20 -6.74
N LEU A 27 -0.77 -8.99 -7.16
CA LEU A 27 -1.07 -7.89 -6.24
C LEU A 27 -2.35 -8.20 -5.48
N PHE A 28 -3.35 -8.67 -6.19
CA PHE A 28 -4.63 -9.05 -5.60
C PHE A 28 -4.41 -10.13 -4.55
N SER A 29 -3.58 -11.10 -4.89
CA SER A 29 -3.25 -12.19 -3.99
C SER A 29 -2.52 -11.68 -2.75
N MET A 30 -1.72 -10.64 -2.93
CA MET A 30 -0.96 -10.05 -1.84
C MET A 30 -1.87 -9.25 -0.91
N GLY A 31 -2.99 -8.77 -1.46
CA GLY A 31 -3.92 -8.00 -0.68
C GLY A 31 -4.08 -6.58 -1.18
N LEU A 32 -3.45 -6.30 -2.32
CA LEU A 32 -3.51 -4.98 -2.92
C LEU A 32 -4.57 -4.97 -4.01
N LEU A 33 -5.79 -4.62 -3.63
CA LEU A 33 -6.92 -4.68 -4.54
C LEU A 33 -7.86 -3.49 -4.33
N PRO A 34 -8.62 -3.12 -5.36
CA PRO A 34 -9.58 -2.01 -5.29
C PRO A 34 -10.69 -2.29 -4.29
N GLY A 35 -10.90 -1.36 -3.37
CA GLY A 35 -11.93 -1.52 -2.37
C GLY A 35 -11.36 -1.91 -1.03
N ALA A 36 -10.04 -1.93 -0.93
CA ALA A 36 -9.37 -2.26 0.31
C ALA A 36 -8.76 -1.00 0.91
N ALA A 37 -8.11 -1.17 2.04
CA ALA A 37 -7.51 -0.04 2.74
C ALA A 37 -6.25 -0.48 3.49
N LEU A 38 -5.29 0.42 3.56
CA LEU A 38 -4.04 0.18 4.27
C LEU A 38 -3.77 1.34 5.21
N ARG A 39 -3.46 1.02 6.44
CA ARG A 39 -3.13 2.04 7.43
C ARG A 39 -1.63 2.11 7.60
N VAL A 40 -1.07 3.28 7.30
CA VAL A 40 0.38 3.45 7.30
C VAL A 40 0.96 3.29 8.71
N VAL A 41 1.98 2.48 8.79
CA VAL A 41 2.72 2.31 10.03
C VAL A 41 3.94 3.23 10.03
N ARG A 42 4.78 3.10 8.99
CA ARG A 42 6.04 3.86 8.92
C ARG A 42 6.51 4.06 7.48
N ILE A 43 7.09 5.23 7.21
CA ILE A 43 7.93 5.43 6.03
C ILE A 43 9.35 5.72 6.53
N ALA A 44 10.31 4.87 6.16
CA ALA A 44 11.69 5.08 6.58
C ALA A 44 12.21 6.45 6.15
N PRO A 45 12.77 7.22 7.10
CA PRO A 45 13.30 8.57 6.85
C PRO A 45 14.45 8.58 5.85
N LEU A 46 14.92 7.38 5.50
CA LEU A 46 15.92 7.19 4.46
C LEU A 46 15.45 7.81 3.16
N GLY A 47 14.17 7.66 2.89
CA GLY A 47 13.61 8.12 1.65
C GLY A 47 12.20 7.63 1.50
N ASP A 48 12.06 6.36 1.14
CA ASP A 48 10.73 5.78 1.02
C ASP A 48 10.75 4.27 0.84
N PRO A 49 10.09 3.59 1.78
CA PRO A 49 9.24 2.45 1.59
C PRO A 49 7.84 2.83 2.04
N ILE A 50 6.97 1.86 2.19
CA ILE A 50 5.71 2.12 2.86
C ILE A 50 5.32 0.90 3.68
N GLN A 51 5.54 0.99 4.97
CA GLN A 51 5.13 -0.05 5.89
C GLN A 51 3.71 0.20 6.33
N VAL A 52 2.81 -0.73 6.04
CA VAL A 52 1.39 -0.54 6.33
C VAL A 52 0.79 -1.76 7.01
N GLU A 53 -0.45 -1.63 7.46
CA GLU A 53 -1.18 -2.71 8.07
C GLU A 53 -2.63 -2.67 7.56
N THR A 54 -3.19 -3.84 7.31
CA THR A 54 -4.53 -3.92 6.77
C THR A 54 -5.40 -4.78 7.69
N ARG A 55 -4.91 -4.93 8.92
CA ARG A 55 -5.60 -5.69 9.98
C ARG A 55 -5.47 -7.19 9.73
N GLN A 56 -4.43 -7.57 8.98
CA GLN A 56 -4.21 -8.96 8.63
C GLN A 56 -2.71 -9.27 8.68
N THR A 57 -1.94 -8.47 7.98
CA THR A 57 -0.49 -8.62 7.92
C THR A 57 0.14 -7.26 7.62
N SER A 58 1.20 -6.93 8.34
CA SER A 58 1.94 -5.71 8.07
C SER A 58 2.81 -5.90 6.83
N LEU A 59 2.74 -4.95 5.91
CA LEU A 59 3.47 -5.05 4.66
C LEU A 59 4.42 -3.88 4.47
N ALA A 60 5.25 -3.96 3.44
CA ALA A 60 6.14 -2.90 3.04
C ALA A 60 6.28 -2.93 1.52
N LEU A 61 6.33 -1.77 0.88
CA LEU A 61 6.33 -1.73 -0.58
C LEU A 61 7.18 -0.57 -1.07
N ARG A 62 7.68 -0.69 -2.28
CA ARG A 62 8.54 0.32 -2.86
C ARG A 62 7.79 1.15 -3.88
N ARG A 63 8.40 2.29 -4.21
CA ARG A 63 7.84 3.26 -5.17
C ARG A 63 7.41 2.62 -6.48
N LYS A 64 8.15 1.62 -6.93
CA LYS A 64 7.82 0.90 -8.16
C LYS A 64 6.43 0.26 -8.06
N ASP A 65 6.19 -0.44 -6.97
CA ASP A 65 4.90 -1.08 -6.75
C ASP A 65 3.85 -0.03 -6.40
N LEU A 66 4.27 1.01 -5.71
CA LEU A 66 3.40 2.12 -5.34
C LEU A 66 2.88 2.84 -6.58
N ALA A 67 3.73 2.95 -7.59
CA ALA A 67 3.37 3.64 -8.81
C ALA A 67 2.26 2.94 -9.57
N LEU A 68 2.05 1.66 -9.25
CA LEU A 68 1.04 0.86 -9.93
C LEU A 68 -0.28 0.85 -9.17
N LEU A 69 -0.30 1.46 -7.99
CA LEU A 69 -1.50 1.46 -7.15
C LEU A 69 -2.12 2.84 -7.05
N THR A 70 -3.42 2.92 -7.31
CA THR A 70 -4.16 4.15 -7.08
C THR A 70 -4.69 4.19 -5.65
N LEU A 71 -4.21 5.15 -4.88
CA LEU A 71 -4.52 5.23 -3.47
C LEU A 71 -5.11 6.59 -3.11
N VAL A 72 -6.17 6.58 -2.32
CA VAL A 72 -6.77 7.81 -1.80
C VAL A 72 -7.06 7.67 -0.31
N PRO A 73 -6.68 8.66 0.50
CA PRO A 73 -6.82 8.58 1.97
C PRO A 73 -8.28 8.55 2.43
N LEU A 74 -8.49 8.15 3.68
CA LEU A 74 -9.81 8.15 4.30
C LEU A 74 -10.32 9.58 4.49
N ASP A 75 -9.38 10.51 4.63
CA ASP A 75 -9.68 11.92 4.86
C ASP A 75 -10.31 12.12 6.23
N MET A 1 13.38 0.82 19.86
CA MET A 1 11.96 0.55 19.56
C MET A 1 11.12 1.78 19.88
N SER A 2 10.58 2.39 18.84
CA SER A 2 9.76 3.59 18.98
C SER A 2 8.43 3.38 18.25
N ALA A 3 7.34 3.43 18.99
CA ALA A 3 6.03 3.20 18.40
C ALA A 3 5.45 4.47 17.81
N LEU A 4 5.34 4.50 16.49
CA LEU A 4 4.71 5.63 15.82
C LEU A 4 3.22 5.40 15.70
N GLN A 5 2.45 6.44 15.96
CA GLN A 5 1.00 6.34 15.96
C GLN A 5 0.46 6.46 14.53
N PRO A 6 -0.39 5.50 14.11
CA PRO A 6 -0.97 5.49 12.78
C PRO A 6 -1.83 6.74 12.53
N SER A 7 -1.52 7.47 11.48
CA SER A 7 -2.18 8.73 11.22
C SER A 7 -3.21 8.60 10.09
N ARG A 8 -2.73 8.55 8.86
CA ARG A 8 -3.62 8.51 7.72
C ARG A 8 -3.86 7.10 7.23
N SER A 9 -4.82 6.96 6.34
CA SER A 9 -5.14 5.70 5.71
C SER A 9 -5.44 5.91 4.24
N TYR A 10 -4.97 5.00 3.41
CA TYR A 10 -5.15 5.10 1.97
C TYR A 10 -5.89 3.87 1.48
N ARG A 11 -6.97 4.09 0.73
CA ARG A 11 -7.72 2.96 0.19
C ARG A 11 -7.31 2.70 -1.26
N ILE A 12 -7.40 1.45 -1.66
CA ILE A 12 -7.05 1.08 -3.02
C ILE A 12 -8.27 1.22 -3.91
N THR A 13 -8.18 2.11 -4.89
CA THR A 13 -9.29 2.34 -5.79
C THR A 13 -9.13 1.49 -7.06
N GLY A 14 -7.90 1.03 -7.31
CA GLY A 14 -7.65 0.21 -8.46
C GLY A 14 -6.17 0.04 -8.74
N TYR A 15 -5.85 -0.35 -9.96
CA TYR A 15 -4.46 -0.58 -10.34
C TYR A 15 -3.96 0.56 -11.23
N SER A 16 -2.66 0.70 -11.28
CA SER A 16 -2.01 1.67 -12.15
C SER A 16 -2.49 1.51 -13.59
N PRO A 17 -2.83 2.63 -14.25
CA PRO A 17 -3.28 2.63 -15.65
C PRO A 17 -2.16 2.23 -16.63
N ALA A 18 -1.00 1.89 -16.08
CA ALA A 18 0.12 1.47 -16.89
C ALA A 18 0.50 0.02 -16.58
N ILE A 19 -0.32 -0.64 -15.77
CA ILE A 19 -0.04 -2.02 -15.37
C ILE A 19 -0.62 -3.00 -16.39
N SER A 20 0.02 -4.15 -16.51
CA SER A 20 -0.45 -5.19 -17.40
C SER A 20 -1.40 -6.13 -16.67
N ASN A 21 -2.24 -6.83 -17.43
CA ASN A 21 -3.23 -7.75 -16.87
C ASN A 21 -2.57 -8.78 -15.95
N GLY A 22 -1.45 -9.34 -16.40
CA GLY A 22 -0.77 -10.37 -15.63
C GLY A 22 -0.21 -9.86 -14.32
N TYR A 23 0.28 -8.63 -14.31
CA TYR A 23 0.83 -8.06 -13.09
C TYR A 23 -0.30 -7.71 -12.13
N ARG A 24 -1.46 -7.37 -12.70
CA ARG A 24 -2.67 -7.17 -11.93
C ARG A 24 -3.06 -8.47 -11.24
N GLN A 25 -2.97 -9.55 -11.99
CA GLN A 25 -3.25 -10.88 -11.47
C GLN A 25 -2.29 -11.21 -10.34
N ARG A 26 -1.03 -10.86 -10.54
CA ARG A 26 -0.02 -11.03 -9.51
C ARG A 26 -0.40 -10.28 -8.25
N LEU A 27 -0.80 -9.03 -8.42
CA LEU A 27 -1.14 -8.17 -7.29
C LEU A 27 -2.40 -8.66 -6.60
N PHE A 28 -3.36 -9.09 -7.39
CA PHE A 28 -4.61 -9.63 -6.88
C PHE A 28 -4.34 -10.84 -6.01
N SER A 29 -3.50 -11.73 -6.51
CA SER A 29 -3.12 -12.95 -5.81
C SER A 29 -2.33 -12.62 -4.55
N MET A 30 -1.57 -11.53 -4.59
CA MET A 30 -0.81 -11.07 -3.44
C MET A 30 -1.73 -10.51 -2.38
N GLY A 31 -2.91 -10.07 -2.79
CA GLY A 31 -3.87 -9.52 -1.85
C GLY A 31 -4.08 -8.03 -2.06
N LEU A 32 -3.49 -7.50 -3.12
CA LEU A 32 -3.57 -6.08 -3.42
C LEU A 32 -4.65 -5.84 -4.46
N LEU A 33 -5.83 -5.46 -4.01
CA LEU A 33 -6.97 -5.25 -4.89
C LEU A 33 -7.80 -4.07 -4.43
N PRO A 34 -8.58 -3.47 -5.35
CA PRO A 34 -9.44 -2.33 -5.04
C PRO A 34 -10.48 -2.66 -3.96
N GLY A 35 -10.69 -1.71 -3.06
CA GLY A 35 -11.64 -1.91 -1.99
C GLY A 35 -10.97 -2.00 -0.62
N ALA A 36 -9.68 -2.33 -0.62
CA ALA A 36 -8.94 -2.45 0.61
C ALA A 36 -8.41 -1.11 1.05
N ALA A 37 -7.67 -1.11 2.13
CA ALA A 37 -7.15 0.13 2.73
C ALA A 37 -5.96 -0.16 3.63
N LEU A 38 -4.92 0.64 3.49
CA LEU A 38 -3.74 0.54 4.32
C LEU A 38 -3.70 1.73 5.29
N ARG A 39 -3.28 1.47 6.51
CA ARG A 39 -3.12 2.53 7.50
C ARG A 39 -1.64 2.75 7.76
N VAL A 40 -1.22 4.02 7.66
CA VAL A 40 0.20 4.35 7.74
C VAL A 40 0.77 4.10 9.13
N VAL A 41 1.86 3.35 9.17
CA VAL A 41 2.59 3.14 10.40
C VAL A 41 3.90 3.92 10.40
N ARG A 42 4.69 3.79 9.33
CA ARG A 42 6.02 4.40 9.29
C ARG A 42 6.54 4.63 7.86
N ILE A 43 7.50 5.53 7.76
CA ILE A 43 8.39 5.64 6.60
C ILE A 43 9.83 5.62 7.11
N ALA A 44 10.72 4.97 6.38
CA ALA A 44 12.11 4.85 6.80
C ALA A 44 12.93 6.07 6.39
N PRO A 45 13.83 6.53 7.27
CA PRO A 45 14.75 7.66 6.98
C PRO A 45 15.73 7.33 5.86
N LEU A 46 15.74 6.06 5.44
CA LEU A 46 16.52 5.60 4.29
C LEU A 46 16.13 6.39 3.05
N GLY A 47 14.89 6.82 3.05
CA GLY A 47 14.33 7.49 1.91
C GLY A 47 12.85 7.31 1.90
N ASP A 48 12.42 6.12 1.49
CA ASP A 48 11.03 5.77 1.55
C ASP A 48 10.76 4.32 1.24
N PRO A 49 10.10 3.66 2.18
CA PRO A 49 9.11 2.65 1.97
C PRO A 49 7.79 3.18 2.47
N ILE A 50 6.83 2.32 2.70
CA ILE A 50 5.65 2.70 3.44
C ILE A 50 5.23 1.55 4.35
N GLN A 51 5.55 1.68 5.62
CA GLN A 51 5.16 0.70 6.62
C GLN A 51 3.70 0.93 6.96
N VAL A 52 2.85 -0.05 6.72
CA VAL A 52 1.42 0.09 6.94
C VAL A 52 0.84 -1.14 7.60
N GLU A 53 -0.43 -1.06 7.97
CA GLU A 53 -1.14 -2.18 8.55
C GLU A 53 -2.39 -2.47 7.73
N THR A 54 -2.71 -3.74 7.58
CA THR A 54 -3.85 -4.15 6.79
C THR A 54 -4.96 -4.69 7.67
N ARG A 55 -4.57 -5.45 8.70
CA ARG A 55 -5.53 -6.09 9.60
C ARG A 55 -4.83 -6.91 10.69
N GLN A 56 -3.82 -7.70 10.31
CA GLN A 56 -3.23 -8.67 11.24
C GLN A 56 -1.70 -8.62 11.24
N THR A 57 -1.12 -7.96 10.25
CA THR A 57 0.34 -7.94 10.13
C THR A 57 0.77 -6.71 9.33
N SER A 58 1.72 -5.98 9.88
CA SER A 58 2.21 -4.77 9.27
C SER A 58 3.12 -5.08 8.09
N LEU A 59 2.94 -4.33 7.01
CA LEU A 59 3.67 -4.57 5.78
C LEU A 59 4.36 -3.31 5.31
N ALA A 60 5.14 -3.47 4.25
CA ALA A 60 5.85 -2.35 3.64
C ALA A 60 5.71 -2.40 2.13
N LEU A 61 5.96 -1.27 1.48
CA LEU A 61 5.88 -1.19 0.03
C LEU A 61 6.84 -0.12 -0.45
N ARG A 62 7.23 -0.18 -1.71
CA ARG A 62 8.22 0.74 -2.22
C ARG A 62 7.57 1.72 -3.18
N ARG A 63 8.35 2.67 -3.68
CA ARG A 63 7.84 3.65 -4.64
C ARG A 63 7.37 2.98 -5.92
N LYS A 64 8.10 1.94 -6.34
CA LYS A 64 7.72 1.16 -7.51
C LYS A 64 6.40 0.43 -7.25
N ASP A 65 6.33 -0.24 -6.11
CA ASP A 65 5.14 -0.98 -5.70
C ASP A 65 3.94 -0.04 -5.55
N LEU A 66 4.20 1.14 -5.00
CA LEU A 66 3.18 2.17 -4.82
C LEU A 66 2.65 2.63 -6.17
N ALA A 67 3.53 2.73 -7.15
CA ALA A 67 3.15 3.21 -8.47
C ALA A 67 2.31 2.18 -9.22
N LEU A 68 2.24 0.97 -8.68
CA LEU A 68 1.47 -0.11 -9.30
C LEU A 68 0.01 -0.07 -8.83
N LEU A 69 -0.23 0.54 -7.67
CA LEU A 69 -1.56 0.60 -7.12
C LEU A 69 -2.05 2.04 -7.08
N THR A 70 -3.28 2.27 -7.48
CA THR A 70 -3.86 3.59 -7.37
C THR A 70 -4.56 3.72 -6.02
N LEU A 71 -4.06 4.61 -5.20
CA LEU A 71 -4.56 4.76 -3.85
C LEU A 71 -5.29 6.09 -3.69
N VAL A 72 -6.45 6.04 -3.07
CA VAL A 72 -7.19 7.23 -2.70
C VAL A 72 -7.27 7.32 -1.18
N PRO A 73 -6.65 8.34 -0.61
CA PRO A 73 -6.62 8.51 0.85
C PRO A 73 -7.99 8.85 1.40
N LEU A 74 -8.14 8.67 2.71
CA LEU A 74 -9.36 9.04 3.41
C LEU A 74 -9.47 10.55 3.60
N ASP A 75 -8.48 11.27 3.10
CA ASP A 75 -8.46 12.72 3.18
C ASP A 75 -8.71 13.32 1.81
N MET A 1 13.08 -1.61 18.45
CA MET A 1 13.27 -0.18 18.79
C MET A 1 12.03 0.38 19.49
N SER A 2 10.86 -0.14 19.11
CA SER A 2 9.57 0.40 19.55
C SER A 2 9.37 1.79 18.97
N ALA A 3 9.87 1.98 17.75
CA ALA A 3 9.80 3.25 17.06
C ALA A 3 9.06 3.10 15.74
N LEU A 4 8.04 3.92 15.56
CA LEU A 4 7.26 3.91 14.34
C LEU A 4 6.69 5.30 14.07
N GLN A 5 5.93 5.43 12.98
CA GLN A 5 5.36 6.71 12.59
C GLN A 5 4.05 6.49 11.83
N PRO A 6 2.94 6.34 12.58
CA PRO A 6 1.63 6.12 11.99
C PRO A 6 0.89 7.43 11.73
N SER A 7 -0.24 7.34 11.05
CA SER A 7 -1.06 8.50 10.79
C SER A 7 -2.50 8.09 10.53
N ARG A 8 -2.83 7.73 9.28
CA ARG A 8 -4.20 7.48 8.90
C ARG A 8 -4.28 6.34 7.89
N SER A 9 -5.49 6.11 7.40
CA SER A 9 -5.73 5.03 6.46
C SER A 9 -5.83 5.56 5.03
N TYR A 10 -5.35 4.78 4.08
CA TYR A 10 -5.43 5.13 2.67
C TYR A 10 -6.17 4.03 1.94
N ARG A 11 -7.19 4.38 1.18
CA ARG A 11 -7.94 3.39 0.42
C ARG A 11 -7.33 3.20 -0.96
N ILE A 12 -7.56 2.05 -1.55
CA ILE A 12 -7.02 1.75 -2.87
C ILE A 12 -8.13 1.81 -3.90
N THR A 13 -8.07 2.80 -4.79
CA THR A 13 -9.07 2.95 -5.82
C THR A 13 -8.77 2.03 -7.00
N GLY A 14 -7.52 1.60 -7.11
CA GLY A 14 -7.16 0.67 -8.15
C GLY A 14 -5.68 0.68 -8.44
N TYR A 15 -5.34 0.51 -9.70
CA TYR A 15 -3.95 0.44 -10.10
C TYR A 15 -3.68 1.50 -11.16
N SER A 16 -2.43 1.88 -11.31
CA SER A 16 -2.02 2.75 -12.39
C SER A 16 -2.34 2.10 -13.73
N PRO A 17 -2.92 2.86 -14.66
CA PRO A 17 -3.42 2.34 -15.95
C PRO A 17 -2.44 1.42 -16.70
N ALA A 18 -1.15 1.65 -16.52
CA ALA A 18 -0.14 0.91 -17.27
C ALA A 18 0.28 -0.40 -16.59
N ILE A 19 -0.45 -0.82 -15.57
CA ILE A 19 -0.15 -2.09 -14.94
C ILE A 19 -0.69 -3.24 -15.80
N SER A 20 0.21 -4.04 -16.32
CA SER A 20 -0.15 -5.09 -17.28
C SER A 20 1.00 -6.08 -17.46
N ASN A 21 0.88 -7.21 -16.77
CA ASN A 21 1.87 -8.29 -16.87
C ASN A 21 1.54 -9.34 -15.82
N GLY A 22 0.25 -9.49 -15.53
CA GLY A 22 -0.17 -10.35 -14.44
C GLY A 22 0.09 -9.72 -13.09
N TYR A 23 0.69 -8.52 -13.10
CA TYR A 23 1.08 -7.84 -11.86
C TYR A 23 -0.13 -7.58 -10.97
N ARG A 24 -1.29 -7.35 -11.60
CA ARG A 24 -2.52 -7.16 -10.87
C ARG A 24 -2.88 -8.41 -10.08
N GLN A 25 -2.70 -9.56 -10.70
CA GLN A 25 -3.01 -10.83 -10.07
C GLN A 25 -2.06 -11.09 -8.91
N ARG A 26 -0.82 -10.66 -9.08
CA ARG A 26 0.17 -10.77 -8.01
C ARG A 26 -0.25 -9.91 -6.82
N LEU A 27 -0.73 -8.71 -7.12
CA LEU A 27 -1.17 -7.78 -6.09
C LEU A 27 -2.46 -8.26 -5.46
N PHE A 28 -3.33 -8.83 -6.28
CA PHE A 28 -4.58 -9.43 -5.82
C PHE A 28 -4.29 -10.55 -4.82
N SER A 29 -3.28 -11.35 -5.11
CA SER A 29 -2.88 -12.45 -4.24
C SER A 29 -2.32 -11.94 -2.92
N MET A 30 -1.66 -10.79 -2.99
CA MET A 30 -1.10 -10.16 -1.79
C MET A 30 -2.20 -9.54 -0.94
N GLY A 31 -3.32 -9.23 -1.57
CA GLY A 31 -4.44 -8.66 -0.86
C GLY A 31 -4.66 -7.20 -1.23
N LEU A 32 -4.00 -6.75 -2.29
CA LEU A 32 -4.11 -5.37 -2.73
C LEU A 32 -5.06 -5.27 -3.91
N LEU A 33 -6.32 -4.95 -3.63
CA LEU A 33 -7.33 -4.86 -4.67
C LEU A 33 -8.10 -3.55 -4.54
N PRO A 34 -8.68 -3.06 -5.65
CA PRO A 34 -9.49 -1.83 -5.65
C PRO A 34 -10.71 -1.96 -4.74
N GLY A 35 -10.79 -1.11 -3.74
CA GLY A 35 -11.87 -1.18 -2.79
C GLY A 35 -11.39 -1.49 -1.39
N ALA A 36 -10.10 -1.78 -1.27
CA ALA A 36 -9.50 -2.08 0.01
C ALA A 36 -8.89 -0.82 0.60
N ALA A 37 -8.16 -1.00 1.69
CA ALA A 37 -7.56 0.11 2.41
C ALA A 37 -6.34 -0.35 3.20
N LEU A 38 -5.37 0.53 3.35
CA LEU A 38 -4.16 0.24 4.10
C LEU A 38 -3.96 1.32 5.16
N ARG A 39 -3.69 0.90 6.38
CA ARG A 39 -3.44 1.84 7.46
C ARG A 39 -1.94 2.02 7.65
N VAL A 40 -1.48 3.25 7.57
CA VAL A 40 -0.03 3.52 7.63
C VAL A 40 0.53 3.21 9.02
N VAL A 41 1.56 2.38 9.06
CA VAL A 41 2.25 2.05 10.29
C VAL A 41 3.51 2.90 10.44
N ARG A 42 4.27 3.04 9.36
CA ARG A 42 5.47 3.89 9.37
C ARG A 42 5.96 4.17 7.96
N ILE A 43 6.30 5.43 7.71
CA ILE A 43 6.93 5.83 6.46
C ILE A 43 8.45 5.75 6.64
N ALA A 44 9.12 5.06 5.72
CA ALA A 44 10.57 4.93 5.79
C ALA A 44 11.25 6.29 5.64
N PRO A 45 12.20 6.61 6.54
CA PRO A 45 12.88 7.91 6.55
C PRO A 45 13.62 8.22 5.24
N LEU A 46 13.86 7.18 4.45
CA LEU A 46 14.59 7.34 3.20
C LEU A 46 13.66 7.68 2.04
N GLY A 47 12.38 7.37 2.21
CA GLY A 47 11.43 7.52 1.11
C GLY A 47 11.12 6.18 0.46
N ASP A 48 11.95 5.20 0.79
CA ASP A 48 11.74 3.81 0.39
C ASP A 48 10.45 3.27 1.00
N PRO A 49 9.99 2.07 0.55
CA PRO A 49 8.68 1.49 0.87
C PRO A 49 8.10 1.87 2.23
N ILE A 50 6.78 1.86 2.26
CA ILE A 50 6.03 2.34 3.40
C ILE A 50 5.35 1.17 4.09
N GLN A 51 5.46 1.14 5.41
CA GLN A 51 4.88 0.07 6.20
C GLN A 51 3.43 0.37 6.50
N VAL A 52 2.55 -0.50 6.03
CA VAL A 52 1.12 -0.38 6.26
C VAL A 52 0.57 -1.69 6.81
N GLU A 53 -0.66 -1.66 7.31
CA GLU A 53 -1.27 -2.84 7.91
C GLU A 53 -2.65 -3.07 7.32
N THR A 54 -3.08 -4.32 7.28
CA THR A 54 -4.36 -4.70 6.72
C THR A 54 -5.22 -5.37 7.78
N ARG A 55 -4.75 -6.53 8.24
CA ARG A 55 -5.49 -7.33 9.22
C ARG A 55 -4.60 -8.46 9.77
N GLN A 56 -3.29 -8.31 9.63
CA GLN A 56 -2.38 -9.40 9.99
C GLN A 56 -1.03 -8.88 10.50
N THR A 57 -0.41 -7.99 9.75
CA THR A 57 0.92 -7.51 10.09
C THR A 57 1.32 -6.37 9.14
N SER A 58 2.39 -5.66 9.49
CA SER A 58 2.81 -4.52 8.71
C SER A 58 3.63 -4.94 7.49
N LEU A 59 3.22 -4.48 6.34
CA LEU A 59 3.87 -4.79 5.08
C LEU A 59 4.38 -3.53 4.42
N ALA A 60 5.49 -3.64 3.71
CA ALA A 60 6.08 -2.48 3.05
C ALA A 60 5.96 -2.63 1.53
N LEU A 61 5.40 -1.61 0.89
CA LEU A 61 5.23 -1.61 -0.55
C LEU A 61 6.29 -0.72 -1.19
N ARG A 62 6.94 -1.22 -2.23
CA ARG A 62 8.10 -0.54 -2.80
C ARG A 62 7.69 0.66 -3.63
N ARG A 63 8.68 1.40 -4.09
CA ARG A 63 8.44 2.52 -5.01
C ARG A 63 7.82 1.99 -6.29
N LYS A 64 8.23 0.78 -6.66
CA LYS A 64 7.70 0.10 -7.83
C LYS A 64 6.21 -0.15 -7.69
N ASP A 65 5.84 -0.77 -6.57
CA ASP A 65 4.44 -1.09 -6.31
C ASP A 65 3.63 0.18 -6.20
N LEU A 66 4.19 1.18 -5.52
CA LEU A 66 3.52 2.46 -5.33
C LEU A 66 3.23 3.13 -6.67
N ALA A 67 4.17 2.99 -7.62
CA ALA A 67 4.01 3.60 -8.93
C ALA A 67 2.96 2.88 -9.76
N LEU A 68 2.59 1.68 -9.33
CA LEU A 68 1.59 0.89 -10.03
C LEU A 68 0.28 0.84 -9.27
N LEU A 69 0.27 1.41 -8.07
CA LEU A 69 -0.93 1.40 -7.24
C LEU A 69 -1.53 2.80 -7.13
N THR A 70 -2.84 2.90 -7.28
CA THR A 70 -3.52 4.17 -7.09
C THR A 70 -4.29 4.16 -5.77
N LEU A 71 -3.90 5.03 -4.87
CA LEU A 71 -4.51 5.10 -3.55
C LEU A 71 -5.04 6.49 -3.26
N VAL A 72 -6.08 6.56 -2.46
CA VAL A 72 -6.62 7.84 -2.02
C VAL A 72 -6.80 7.81 -0.51
N PRO A 73 -6.18 8.76 0.20
CA PRO A 73 -6.29 8.85 1.65
C PRO A 73 -7.71 9.19 2.09
N LEU A 74 -7.99 8.98 3.35
CA LEU A 74 -9.24 9.42 3.93
C LEU A 74 -9.44 10.91 3.68
N ASP A 75 -8.34 11.66 3.83
CA ASP A 75 -8.30 13.08 3.51
C ASP A 75 -9.25 13.87 4.40
N MET A 1 12.03 -1.96 19.60
CA MET A 1 11.93 -1.78 18.13
C MET A 1 10.51 -1.37 17.73
N SER A 2 9.60 -1.42 18.70
CA SER A 2 8.20 -1.10 18.44
C SER A 2 7.95 0.40 18.49
N ALA A 3 8.34 1.09 17.43
CA ALA A 3 8.05 2.51 17.30
C ALA A 3 6.88 2.70 16.34
N LEU A 4 5.68 2.54 16.87
CA LEU A 4 4.48 2.55 16.06
C LEU A 4 3.74 3.88 16.19
N GLN A 5 3.60 4.58 15.08
CA GLN A 5 2.80 5.78 15.03
C GLN A 5 2.11 5.89 13.68
N PRO A 6 0.86 5.40 13.59
CA PRO A 6 0.07 5.46 12.36
C PRO A 6 -0.32 6.89 12.02
N SER A 7 -0.14 7.28 10.77
CA SER A 7 -0.49 8.63 10.34
C SER A 7 -1.91 8.65 9.78
N ARG A 8 -2.08 8.28 8.51
CA ARG A 8 -3.39 8.29 7.90
C ARG A 8 -3.67 6.97 7.21
N SER A 9 -4.81 6.90 6.56
CA SER A 9 -5.23 5.68 5.88
C SER A 9 -5.52 5.97 4.41
N TYR A 10 -5.09 5.05 3.55
CA TYR A 10 -5.31 5.17 2.13
C TYR A 10 -6.07 3.93 1.64
N ARG A 11 -7.11 4.14 0.84
CA ARG A 11 -7.81 3.01 0.27
C ARG A 11 -7.38 2.79 -1.17
N ILE A 12 -7.58 1.58 -1.64
CA ILE A 12 -7.20 1.23 -3.00
C ILE A 12 -8.43 1.24 -3.90
N THR A 13 -8.43 2.14 -4.87
CA THR A 13 -9.56 2.29 -5.76
C THR A 13 -9.39 1.42 -7.01
N GLY A 14 -8.15 1.02 -7.29
CA GLY A 14 -7.88 0.22 -8.46
C GLY A 14 -6.40 0.18 -8.81
N TYR A 15 -6.10 0.04 -10.10
CA TYR A 15 -4.71 0.00 -10.55
C TYR A 15 -4.45 1.11 -11.56
N SER A 16 -3.19 1.54 -11.63
CA SER A 16 -2.79 2.59 -12.53
C SER A 16 -2.54 2.04 -13.94
N PRO A 17 -2.69 2.87 -14.98
CA PRO A 17 -2.48 2.45 -16.37
C PRO A 17 -1.06 2.01 -16.66
N ALA A 18 -0.14 2.35 -15.78
CA ALA A 18 1.27 2.03 -15.96
C ALA A 18 1.61 0.61 -15.49
N ILE A 19 0.68 -0.08 -14.86
CA ILE A 19 0.93 -1.43 -14.38
C ILE A 19 0.52 -2.47 -15.41
N SER A 20 1.23 -3.58 -15.46
CA SER A 20 0.91 -4.67 -16.37
C SER A 20 -0.15 -5.57 -15.75
N ASN A 21 -0.87 -6.31 -16.59
CA ASN A 21 -1.99 -7.14 -16.12
C ASN A 21 -1.52 -8.23 -15.17
N GLY A 22 -0.47 -8.93 -15.54
CA GLY A 22 0.06 -9.99 -14.70
C GLY A 22 0.61 -9.45 -13.39
N TYR A 23 1.26 -8.29 -13.46
CA TYR A 23 1.80 -7.64 -12.26
C TYR A 23 0.64 -7.24 -11.34
N ARG A 24 -0.43 -6.75 -11.95
CA ARG A 24 -1.68 -6.46 -11.25
C ARG A 24 -2.17 -7.70 -10.53
N GLN A 25 -2.13 -8.81 -11.23
CA GLN A 25 -2.60 -10.07 -10.69
C GLN A 25 -1.68 -10.56 -9.57
N ARG A 26 -0.39 -10.25 -9.69
CA ARG A 26 0.56 -10.58 -8.64
C ARG A 26 0.27 -9.74 -7.39
N LEU A 27 -0.06 -8.47 -7.61
CA LEU A 27 -0.43 -7.58 -6.52
C LEU A 27 -1.76 -8.01 -5.91
N PHE A 28 -2.68 -8.40 -6.77
CA PHE A 28 -3.97 -8.96 -6.37
C PHE A 28 -3.75 -10.17 -5.45
N SER A 29 -2.86 -11.05 -5.90
CA SER A 29 -2.51 -12.24 -5.14
C SER A 29 -1.92 -11.88 -3.78
N MET A 30 -1.19 -10.77 -3.72
CA MET A 30 -0.60 -10.30 -2.48
C MET A 30 -1.67 -9.79 -1.53
N GLY A 31 -2.77 -9.32 -2.09
CA GLY A 31 -3.85 -8.79 -1.30
C GLY A 31 -4.12 -7.33 -1.59
N LEU A 32 -3.46 -6.81 -2.61
CA LEU A 32 -3.61 -5.42 -3.00
C LEU A 32 -4.58 -5.29 -4.18
N LEU A 33 -5.85 -5.05 -3.86
CA LEU A 33 -6.87 -4.95 -4.87
C LEU A 33 -7.84 -3.82 -4.53
N PRO A 34 -8.62 -3.34 -5.51
CA PRO A 34 -9.66 -2.33 -5.30
C PRO A 34 -10.71 -2.80 -4.31
N GLY A 35 -10.98 -1.99 -3.31
CA GLY A 35 -11.93 -2.36 -2.29
C GLY A 35 -11.27 -2.60 -0.94
N ALA A 36 -9.96 -2.35 -0.88
CA ALA A 36 -9.23 -2.51 0.35
C ALA A 36 -8.72 -1.16 0.82
N ALA A 37 -8.14 -1.15 2.00
CA ALA A 37 -7.64 0.07 2.62
C ALA A 37 -6.51 -0.26 3.59
N LEU A 38 -5.49 0.57 3.59
CA LEU A 38 -4.31 0.36 4.43
C LEU A 38 -4.03 1.61 5.25
N ARG A 39 -3.71 1.43 6.52
CA ARG A 39 -3.29 2.52 7.37
C ARG A 39 -1.77 2.52 7.47
N VAL A 40 -1.17 3.67 7.27
CA VAL A 40 0.28 3.78 7.19
C VAL A 40 0.92 3.61 8.57
N VAL A 41 1.98 2.82 8.60
CA VAL A 41 2.76 2.61 9.80
C VAL A 41 4.10 3.34 9.71
N ARG A 42 4.79 3.18 8.58
CA ARG A 42 6.15 3.70 8.45
C ARG A 42 6.56 3.90 6.98
N ILE A 43 7.26 5.01 6.73
CA ILE A 43 8.02 5.20 5.50
C ILE A 43 9.41 5.67 5.90
N ALA A 44 10.44 4.91 5.54
CA ALA A 44 11.80 5.25 5.94
C ALA A 44 12.27 6.54 5.26
N PRO A 45 12.95 7.43 6.01
CA PRO A 45 13.44 8.72 5.51
C PRO A 45 14.39 8.58 4.32
N LEU A 46 14.94 7.38 4.16
CA LEU A 46 15.81 7.07 3.02
C LEU A 46 15.09 7.33 1.71
N GLY A 47 13.81 7.00 1.69
CA GLY A 47 13.03 7.11 0.50
C GLY A 47 11.79 6.29 0.59
N ASP A 48 11.94 4.98 0.48
CA ASP A 48 10.81 4.11 0.64
C ASP A 48 11.13 2.65 0.88
N PRO A 49 10.65 2.17 2.02
CA PRO A 49 9.78 1.03 2.14
C PRO A 49 8.44 1.50 2.71
N ILE A 50 7.40 0.78 2.45
CA ILE A 50 6.11 1.22 2.92
C ILE A 50 5.50 0.20 3.88
N GLN A 51 5.57 0.54 5.15
CA GLN A 51 4.99 -0.29 6.19
C GLN A 51 3.57 0.16 6.49
N VAL A 52 2.61 -0.75 6.36
CA VAL A 52 1.20 -0.44 6.56
C VAL A 52 0.52 -1.59 7.31
N GLU A 53 -0.71 -1.37 7.74
CA GLU A 53 -1.45 -2.40 8.47
C GLU A 53 -2.67 -2.80 7.66
N THR A 54 -2.93 -4.10 7.56
CA THR A 54 -3.96 -4.60 6.67
C THR A 54 -5.15 -5.16 7.45
N ARG A 55 -4.85 -5.89 8.53
CA ARG A 55 -5.88 -6.60 9.29
C ARG A 55 -5.27 -7.27 10.52
N GLN A 56 -4.06 -7.79 10.36
CA GLN A 56 -3.44 -8.57 11.42
C GLN A 56 -2.12 -7.92 11.85
N THR A 57 -1.24 -7.68 10.88
CA THR A 57 0.09 -7.19 11.19
C THR A 57 0.53 -6.17 10.14
N SER A 58 1.68 -5.57 10.35
CA SER A 58 2.20 -4.58 9.44
C SER A 58 3.03 -5.23 8.34
N LEU A 59 2.76 -4.80 7.12
CA LEU A 59 3.48 -5.31 5.96
C LEU A 59 4.36 -4.22 5.36
N ALA A 60 5.16 -4.61 4.38
CA ALA A 60 6.07 -3.68 3.74
C ALA A 60 6.15 -3.95 2.25
N LEU A 61 6.28 -2.89 1.47
CA LEU A 61 6.33 -3.01 0.02
C LEU A 61 7.10 -1.82 -0.54
N ARG A 62 7.16 -1.70 -1.86
CA ARG A 62 7.91 -0.63 -2.47
C ARG A 62 7.01 0.43 -3.08
N ARG A 63 7.62 1.57 -3.26
CA ARG A 63 6.97 2.76 -3.83
C ARG A 63 6.36 2.47 -5.21
N LYS A 64 7.08 1.72 -6.03
CA LYS A 64 6.63 1.46 -7.40
C LYS A 64 5.38 0.61 -7.39
N ASP A 65 5.38 -0.42 -6.54
CA ASP A 65 4.23 -1.30 -6.39
C ASP A 65 3.02 -0.50 -5.95
N LEU A 66 3.25 0.44 -5.04
CA LEU A 66 2.17 1.29 -4.53
C LEU A 66 1.70 2.26 -5.61
N ALA A 67 2.66 2.79 -6.37
CA ALA A 67 2.36 3.75 -7.43
C ALA A 67 1.58 3.11 -8.58
N LEU A 68 1.76 1.80 -8.74
CA LEU A 68 1.03 1.06 -9.76
C LEU A 68 -0.40 0.80 -9.31
N LEU A 69 -0.68 1.12 -8.06
CA LEU A 69 -2.02 1.03 -7.51
C LEU A 69 -2.67 2.42 -7.53
N THR A 70 -3.95 2.48 -7.85
CA THR A 70 -4.68 3.72 -7.73
C THR A 70 -5.19 3.86 -6.31
N LEU A 71 -4.67 4.84 -5.61
CA LEU A 71 -4.98 5.02 -4.21
C LEU A 71 -5.61 6.36 -3.96
N VAL A 72 -6.61 6.38 -3.10
CA VAL A 72 -7.17 7.62 -2.63
C VAL A 72 -7.19 7.62 -1.10
N PRO A 73 -6.67 8.68 -0.49
CA PRO A 73 -6.61 8.77 0.96
C PRO A 73 -7.98 9.10 1.55
N LEU A 74 -8.13 8.86 2.85
CA LEU A 74 -9.31 9.29 3.57
C LEU A 74 -9.35 10.80 3.69
N ASP A 75 -8.16 11.39 3.84
CA ASP A 75 -8.02 12.83 3.93
C ASP A 75 -6.56 13.23 3.71
N MET A 1 12.26 -4.11 16.64
CA MET A 1 11.32 -3.90 17.76
C MET A 1 10.17 -3.01 17.31
N SER A 2 9.37 -2.56 18.28
CA SER A 2 8.20 -1.75 18.00
C SER A 2 8.59 -0.31 17.65
N ALA A 3 8.79 -0.06 16.37
CA ALA A 3 9.04 1.29 15.87
C ALA A 3 7.86 1.73 15.02
N LEU A 4 6.67 1.37 15.46
CA LEU A 4 5.46 1.57 14.68
C LEU A 4 4.68 2.77 15.21
N GLN A 5 4.11 3.54 14.30
CA GLN A 5 3.27 4.67 14.65
C GLN A 5 2.29 4.97 13.51
N PRO A 6 1.08 4.41 13.58
CA PRO A 6 0.04 4.59 12.56
C PRO A 6 -0.40 6.05 12.45
N SER A 7 -0.61 6.52 11.23
CA SER A 7 -1.02 7.89 11.01
C SER A 7 -2.28 7.95 10.14
N ARG A 8 -2.10 7.82 8.83
CA ARG A 8 -3.20 7.96 7.89
C ARG A 8 -3.48 6.65 7.16
N SER A 9 -4.73 6.48 6.75
CA SER A 9 -5.13 5.31 6.00
C SER A 9 -5.60 5.71 4.61
N TYR A 10 -5.32 4.88 3.62
CA TYR A 10 -5.64 5.20 2.24
C TYR A 10 -6.40 4.06 1.57
N ARG A 11 -7.39 4.42 0.77
CA ARG A 11 -8.14 3.45 -0.01
C ARG A 11 -7.39 3.14 -1.30
N ILE A 12 -7.58 1.93 -1.81
CA ILE A 12 -7.10 1.61 -3.15
C ILE A 12 -8.28 1.61 -4.10
N THR A 13 -8.31 2.56 -5.03
CA THR A 13 -9.40 2.64 -5.98
C THR A 13 -9.10 1.83 -7.24
N GLY A 14 -7.84 1.39 -7.37
CA GLY A 14 -7.47 0.58 -8.50
C GLY A 14 -5.99 0.57 -8.72
N TYR A 15 -5.59 0.24 -9.94
CA TYR A 15 -4.19 0.18 -10.28
C TYR A 15 -3.87 1.24 -11.32
N SER A 16 -2.65 1.73 -11.30
CA SER A 16 -2.23 2.75 -12.22
C SER A 16 -2.07 2.18 -13.62
N PRO A 17 -2.53 2.92 -14.64
CA PRO A 17 -2.41 2.51 -16.04
C PRO A 17 -0.98 2.15 -16.42
N ALA A 18 -0.87 1.32 -17.47
CA ALA A 18 0.41 0.81 -17.97
C ALA A 18 0.95 -0.28 -17.05
N ILE A 19 0.11 -0.77 -16.15
CA ILE A 19 0.49 -1.85 -15.27
C ILE A 19 0.29 -3.20 -15.97
N SER A 20 1.14 -4.17 -15.66
CA SER A 20 1.03 -5.50 -16.23
C SER A 20 -0.14 -6.24 -15.60
N ASN A 21 -0.88 -7.00 -16.41
CA ASN A 21 -2.05 -7.73 -15.93
C ASN A 21 -1.67 -8.75 -14.88
N GLY A 22 -0.67 -9.57 -15.19
CA GLY A 22 -0.23 -10.59 -14.27
C GLY A 22 0.35 -10.02 -12.99
N TYR A 23 0.95 -8.84 -13.09
CA TYR A 23 1.51 -8.17 -11.92
C TYR A 23 0.38 -7.63 -11.07
N ARG A 24 -0.67 -7.14 -11.72
CA ARG A 24 -1.89 -6.73 -11.07
C ARG A 24 -2.49 -7.89 -10.31
N GLN A 25 -2.48 -9.05 -10.94
CA GLN A 25 -2.98 -10.27 -10.32
C GLN A 25 -2.08 -10.67 -9.15
N ARG A 26 -0.78 -10.49 -9.32
CA ARG A 26 0.19 -10.78 -8.28
C ARG A 26 -0.04 -9.87 -7.08
N LEU A 27 -0.36 -8.62 -7.36
CA LEU A 27 -0.67 -7.65 -6.31
C LEU A 27 -1.96 -8.05 -5.61
N PHE A 28 -2.95 -8.41 -6.40
CA PHE A 28 -4.25 -8.88 -5.90
C PHE A 28 -4.04 -10.08 -4.96
N SER A 29 -3.24 -11.03 -5.42
CA SER A 29 -2.93 -12.22 -4.64
C SER A 29 -2.25 -11.87 -3.32
N MET A 30 -1.42 -10.83 -3.36
CA MET A 30 -0.67 -10.41 -2.18
C MET A 30 -1.54 -9.60 -1.22
N GLY A 31 -2.68 -9.13 -1.71
CA GLY A 31 -3.61 -8.43 -0.84
C GLY A 31 -3.78 -6.97 -1.22
N LEU A 32 -3.18 -6.58 -2.32
CA LEU A 32 -3.30 -5.21 -2.80
C LEU A 32 -4.34 -5.14 -3.91
N LEU A 33 -5.60 -4.96 -3.51
CA LEU A 33 -6.70 -4.93 -4.46
C LEU A 33 -7.58 -3.70 -4.22
N PRO A 34 -8.33 -3.29 -5.25
CA PRO A 34 -9.27 -2.16 -5.13
C PRO A 34 -10.34 -2.43 -4.08
N GLY A 35 -10.45 -1.53 -3.11
CA GLY A 35 -11.39 -1.72 -2.02
C GLY A 35 -10.67 -1.98 -0.70
N ALA A 36 -9.40 -2.35 -0.78
CA ALA A 36 -8.61 -2.62 0.40
C ALA A 36 -7.89 -1.36 0.84
N ALA A 37 -8.29 -0.82 1.98
CA ALA A 37 -7.65 0.34 2.55
C ALA A 37 -6.52 -0.06 3.48
N LEU A 38 -5.35 0.54 3.27
CA LEU A 38 -4.19 0.27 4.11
C LEU A 38 -3.95 1.43 5.07
N ARG A 39 -3.52 1.10 6.27
CA ARG A 39 -3.17 2.10 7.27
C ARG A 39 -1.65 2.18 7.39
N VAL A 40 -1.09 3.36 7.22
CA VAL A 40 0.36 3.52 7.29
C VAL A 40 0.86 3.25 8.71
N VAL A 41 1.81 2.33 8.83
CA VAL A 41 2.33 1.96 10.14
C VAL A 41 3.72 2.56 10.38
N ARG A 42 4.55 2.58 9.34
CA ARG A 42 5.91 3.14 9.46
C ARG A 42 6.45 3.54 8.09
N ILE A 43 6.79 4.81 7.93
CA ILE A 43 7.36 5.30 6.68
C ILE A 43 8.88 5.35 6.78
N ALA A 44 9.57 4.80 5.79
CA ALA A 44 11.01 4.89 5.74
C ALA A 44 11.42 6.29 5.28
N PRO A 45 12.42 6.90 5.95
CA PRO A 45 12.84 8.28 5.70
C PRO A 45 13.42 8.49 4.30
N LEU A 46 13.56 7.41 3.54
CA LEU A 46 14.12 7.47 2.20
C LEU A 46 13.03 7.62 1.15
N GLY A 47 11.81 7.24 1.51
CA GLY A 47 10.72 7.19 0.54
C GLY A 47 10.56 5.80 0.00
N ASP A 48 11.60 5.00 0.20
CA ASP A 48 11.58 3.57 -0.10
C ASP A 48 10.65 2.86 0.89
N PRO A 49 10.34 1.55 0.65
CA PRO A 49 9.14 0.88 1.15
C PRO A 49 8.61 1.33 2.50
N ILE A 50 7.31 1.20 2.63
CA ILE A 50 6.59 1.70 3.77
C ILE A 50 5.80 0.57 4.41
N GLN A 51 5.88 0.48 5.73
CA GLN A 51 5.14 -0.53 6.45
C GLN A 51 3.69 -0.08 6.60
N VAL A 52 2.78 -0.89 6.08
CA VAL A 52 1.36 -0.57 6.11
C VAL A 52 0.56 -1.73 6.69
N GLU A 53 -0.64 -1.43 7.14
CA GLU A 53 -1.47 -2.40 7.85
C GLU A 53 -2.69 -2.77 7.04
N THR A 54 -2.93 -4.07 6.89
CA THR A 54 -4.11 -4.54 6.19
C THR A 54 -5.16 -5.03 7.20
N ARG A 55 -4.67 -5.61 8.29
CA ARG A 55 -5.53 -6.09 9.36
C ARG A 55 -4.78 -6.08 10.69
N GLN A 56 -4.13 -7.20 10.98
CA GLN A 56 -3.39 -7.37 12.23
C GLN A 56 -1.89 -7.45 11.97
N THR A 57 -1.51 -7.35 10.70
CA THR A 57 -0.12 -7.47 10.33
C THR A 57 0.29 -6.34 9.38
N SER A 58 1.58 -6.03 9.37
CA SER A 58 2.10 -4.96 8.53
C SER A 58 2.85 -5.54 7.33
N LEU A 59 2.65 -4.92 6.18
CA LEU A 59 3.33 -5.32 4.96
C LEU A 59 4.21 -4.19 4.45
N ALA A 60 5.00 -4.46 3.42
CA ALA A 60 5.89 -3.46 2.86
C ALA A 60 5.96 -3.58 1.34
N LEU A 61 6.01 -2.45 0.66
CA LEU A 61 6.11 -2.42 -0.79
C LEU A 61 6.99 -1.25 -1.21
N ARG A 62 7.67 -1.40 -2.36
CA ARG A 62 8.59 -0.37 -2.82
C ARG A 62 7.85 0.84 -3.34
N ARG A 63 8.62 1.87 -3.68
CA ARG A 63 8.04 3.10 -4.21
C ARG A 63 7.50 2.86 -5.61
N LYS A 64 8.19 1.99 -6.34
CA LYS A 64 7.74 1.55 -7.65
C LYS A 64 6.34 0.94 -7.56
N ASP A 65 6.16 0.06 -6.59
CA ASP A 65 4.89 -0.63 -6.41
C ASP A 65 3.82 0.36 -5.96
N LEU A 66 4.23 1.30 -5.12
CA LEU A 66 3.35 2.34 -4.63
C LEU A 66 2.80 3.17 -5.80
N ALA A 67 3.65 3.42 -6.78
CA ALA A 67 3.26 4.21 -7.94
C ALA A 67 2.26 3.46 -8.81
N LEU A 68 2.31 2.14 -8.75
CA LEU A 68 1.45 1.30 -9.57
C LEU A 68 0.07 1.12 -8.93
N LEU A 69 -0.07 1.58 -7.69
CA LEU A 69 -1.34 1.50 -7.00
C LEU A 69 -2.01 2.87 -6.99
N THR A 70 -3.29 2.92 -7.32
CA THR A 70 -4.03 4.16 -7.23
C THR A 70 -4.66 4.27 -5.84
N LEU A 71 -4.19 5.25 -5.09
CA LEU A 71 -4.59 5.40 -3.70
C LEU A 71 -5.30 6.72 -3.47
N VAL A 72 -6.42 6.66 -2.80
CA VAL A 72 -7.13 7.87 -2.39
C VAL A 72 -7.29 7.88 -0.88
N PRO A 73 -6.98 9.00 -0.23
CA PRO A 73 -7.04 9.09 1.24
C PRO A 73 -8.47 9.04 1.77
N LEU A 74 -8.59 8.76 3.05
CA LEU A 74 -9.88 8.84 3.73
C LEU A 74 -10.39 10.28 3.79
N ASP A 75 -9.49 11.21 3.52
CA ASP A 75 -9.76 12.65 3.57
C ASP A 75 -9.99 13.11 5.00
N MET A 1 9.50 -5.79 18.57
CA MET A 1 9.13 -4.36 18.71
C MET A 1 8.61 -3.85 17.37
N SER A 2 7.29 -3.76 17.25
CA SER A 2 6.68 -3.23 16.06
C SER A 2 6.17 -1.81 16.32
N ALA A 3 6.82 -0.84 15.69
CA ALA A 3 6.47 0.55 15.89
C ALA A 3 5.53 1.05 14.81
N LEU A 4 4.24 1.09 15.12
CA LEU A 4 3.25 1.63 14.20
C LEU A 4 2.95 3.07 14.55
N GLN A 5 3.14 3.97 13.61
CA GLN A 5 2.83 5.37 13.82
C GLN A 5 1.83 5.82 12.76
N PRO A 6 0.52 5.60 13.01
CA PRO A 6 -0.52 5.92 12.04
C PRO A 6 -0.71 7.42 11.84
N SER A 7 -0.23 7.91 10.71
CA SER A 7 -0.39 9.29 10.34
C SER A 7 -1.77 9.47 9.69
N ARG A 8 -2.05 8.69 8.66
CA ARG A 8 -3.35 8.69 8.02
C ARG A 8 -3.59 7.37 7.33
N SER A 9 -4.84 6.92 7.34
CA SER A 9 -5.20 5.66 6.72
C SER A 9 -5.60 5.89 5.26
N TYR A 10 -5.19 4.99 4.38
CA TYR A 10 -5.44 5.18 2.95
C TYR A 10 -6.19 3.98 2.38
N ARG A 11 -7.11 4.25 1.48
CA ARG A 11 -7.83 3.21 0.78
C ARG A 11 -7.22 2.98 -0.58
N ILE A 12 -7.44 1.80 -1.13
CA ILE A 12 -6.90 1.47 -2.44
C ILE A 12 -7.95 1.78 -3.50
N THR A 13 -7.67 2.76 -4.34
CA THR A 13 -8.56 3.12 -5.42
C THR A 13 -8.54 2.04 -6.50
N GLY A 14 -7.37 1.43 -6.66
CA GLY A 14 -7.21 0.39 -7.66
C GLY A 14 -5.78 0.29 -8.12
N TYR A 15 -5.58 -0.07 -9.37
CA TYR A 15 -4.25 -0.22 -9.92
C TYR A 15 -4.02 0.84 -10.98
N SER A 16 -2.76 1.11 -11.29
CA SER A 16 -2.43 1.99 -12.39
C SER A 16 -2.94 1.38 -13.70
N PRO A 17 -3.62 2.19 -14.53
CA PRO A 17 -4.20 1.73 -15.80
C PRO A 17 -3.14 1.17 -16.76
N ALA A 18 -1.89 1.48 -16.49
CA ALA A 18 -0.80 1.04 -17.34
C ALA A 18 -0.04 -0.12 -16.71
N ILE A 19 -0.71 -0.86 -15.84
CA ILE A 19 -0.13 -2.05 -15.24
C ILE A 19 -0.03 -3.16 -16.30
N SER A 20 0.90 -4.09 -16.11
CA SER A 20 1.18 -5.09 -17.14
C SER A 20 1.04 -6.52 -16.63
N ASN A 21 0.25 -7.30 -17.36
CA ASN A 21 0.19 -8.76 -17.19
C ASN A 21 -0.37 -9.16 -15.82
N GLY A 22 -0.02 -10.36 -15.40
CA GLY A 22 -0.54 -10.91 -14.17
C GLY A 22 0.09 -10.31 -12.93
N TYR A 23 0.77 -9.18 -13.09
CA TYR A 23 1.32 -8.45 -11.96
C TYR A 23 0.18 -8.01 -11.06
N ARG A 24 -0.93 -7.66 -11.69
CA ARG A 24 -2.15 -7.29 -10.98
C ARG A 24 -2.68 -8.48 -10.20
N GLN A 25 -2.60 -9.66 -10.81
CA GLN A 25 -3.08 -10.87 -10.18
C GLN A 25 -2.19 -11.23 -9.00
N ARG A 26 -0.90 -10.96 -9.15
CA ARG A 26 0.05 -11.19 -8.08
C ARG A 26 -0.27 -10.29 -6.89
N LEU A 27 -0.61 -9.04 -7.20
CA LEU A 27 -1.00 -8.07 -6.19
C LEU A 27 -2.32 -8.47 -5.54
N PHE A 28 -3.26 -8.90 -6.39
CA PHE A 28 -4.58 -9.35 -5.96
C PHE A 28 -4.44 -10.55 -5.02
N SER A 29 -3.58 -11.48 -5.40
CA SER A 29 -3.33 -12.67 -4.59
C SER A 29 -2.71 -12.30 -3.25
N MET A 30 -1.90 -11.25 -3.26
CA MET A 30 -1.21 -10.82 -2.05
C MET A 30 -2.14 -10.04 -1.13
N GLY A 31 -3.26 -9.59 -1.66
CA GLY A 31 -4.27 -8.94 -0.84
C GLY A 31 -4.43 -7.47 -1.17
N LEU A 32 -3.85 -7.04 -2.27
CA LEU A 32 -3.95 -5.65 -2.68
C LEU A 32 -5.00 -5.48 -3.77
N LEU A 33 -6.20 -5.13 -3.37
CA LEU A 33 -7.31 -4.96 -4.30
C LEU A 33 -8.04 -3.63 -4.05
N PRO A 34 -8.66 -3.07 -5.08
CA PRO A 34 -9.41 -1.82 -4.98
C PRO A 34 -10.61 -1.94 -4.03
N GLY A 35 -10.83 -0.92 -3.23
CA GLY A 35 -11.95 -0.92 -2.32
C GLY A 35 -11.51 -1.11 -0.88
N ALA A 36 -10.37 -1.76 -0.69
CA ALA A 36 -9.87 -2.03 0.64
C ALA A 36 -9.12 -0.83 1.18
N ALA A 37 -8.49 -1.01 2.31
CA ALA A 37 -7.79 0.07 2.99
C ALA A 37 -6.54 -0.45 3.69
N LEU A 38 -5.50 0.37 3.69
CA LEU A 38 -4.25 0.05 4.35
C LEU A 38 -3.97 1.06 5.45
N ARG A 39 -3.51 0.58 6.57
CA ARG A 39 -3.21 1.42 7.70
C ARG A 39 -1.70 1.64 7.78
N VAL A 40 -1.29 2.89 7.65
CA VAL A 40 0.13 3.23 7.62
C VAL A 40 0.82 2.88 8.93
N VAL A 41 1.90 2.14 8.80
CA VAL A 41 2.78 1.88 9.92
C VAL A 41 3.86 2.96 9.97
N ARG A 42 4.65 3.04 8.90
CA ARG A 42 5.77 4.00 8.81
C ARG A 42 6.32 4.10 7.38
N ILE A 43 6.93 5.24 7.10
CA ILE A 43 7.80 5.38 5.93
C ILE A 43 9.20 5.70 6.45
N ALA A 44 10.16 4.82 6.20
CA ALA A 44 11.53 5.00 6.69
C ALA A 44 12.11 6.35 6.29
N PRO A 45 12.76 7.05 7.23
CA PRO A 45 13.39 8.36 6.96
C PRO A 45 14.59 8.25 6.02
N LEU A 46 14.89 7.02 5.63
CA LEU A 46 15.93 6.74 4.63
C LEU A 46 15.55 7.35 3.30
N GLY A 47 14.26 7.44 3.07
CA GLY A 47 13.75 7.92 1.81
C GLY A 47 12.35 7.45 1.57
N ASP A 48 12.21 6.18 1.20
CA ASP A 48 10.89 5.61 1.03
C ASP A 48 10.87 4.10 0.90
N PRO A 49 10.17 3.48 1.83
CA PRO A 49 9.32 2.35 1.64
C PRO A 49 7.90 2.74 2.02
N ILE A 50 7.03 1.78 2.12
CA ILE A 50 5.73 2.03 2.72
C ILE A 50 5.34 0.84 3.58
N GLN A 51 5.52 1.00 4.88
CA GLN A 51 5.15 -0.02 5.83
C GLN A 51 3.69 0.17 6.20
N VAL A 52 2.86 -0.81 5.87
CA VAL A 52 1.43 -0.71 6.14
C VAL A 52 0.90 -2.01 6.71
N GLU A 53 -0.37 -2.02 7.06
CA GLU A 53 -1.02 -3.22 7.53
C GLU A 53 -2.48 -3.20 7.11
N THR A 54 -2.99 -4.34 6.68
CA THR A 54 -4.39 -4.48 6.31
C THR A 54 -5.23 -4.79 7.55
N ARG A 55 -4.73 -4.37 8.71
CA ARG A 55 -5.34 -4.65 10.02
C ARG A 55 -5.22 -6.15 10.31
N GLN A 56 -4.35 -6.81 9.57
CA GLN A 56 -4.13 -8.24 9.74
C GLN A 56 -2.64 -8.54 9.63
N THR A 57 -2.12 -8.42 8.42
CA THR A 57 -0.72 -8.62 8.16
C THR A 57 -0.07 -7.31 7.71
N SER A 58 1.15 -7.06 8.17
CA SER A 58 1.89 -5.89 7.75
C SER A 58 2.63 -6.15 6.44
N LEU A 59 2.75 -5.11 5.63
CA LEU A 59 3.41 -5.22 4.34
C LEU A 59 4.24 -4.00 4.04
N ALA A 60 5.07 -4.13 3.02
CA ALA A 60 5.96 -3.07 2.59
C ALA A 60 5.97 -2.99 1.08
N LEU A 61 6.29 -1.82 0.54
CA LEU A 61 6.33 -1.63 -0.90
C LEU A 61 7.22 -0.46 -1.23
N ARG A 62 7.54 -0.30 -2.51
CA ARG A 62 8.44 0.74 -2.94
C ARG A 62 7.67 1.82 -3.67
N ARG A 63 8.37 2.90 -3.98
CA ARG A 63 7.80 3.98 -4.80
C ARG A 63 7.41 3.41 -6.16
N LYS A 64 8.20 2.45 -6.63
CA LYS A 64 7.97 1.80 -7.91
C LYS A 64 6.63 1.07 -7.90
N ASP A 65 6.32 0.42 -6.78
CA ASP A 65 5.07 -0.29 -6.63
C ASP A 65 3.93 0.69 -6.48
N LEU A 66 4.19 1.78 -5.75
CA LEU A 66 3.21 2.83 -5.55
C LEU A 66 2.81 3.45 -6.89
N ALA A 67 3.76 3.48 -7.82
CA ALA A 67 3.51 4.01 -9.14
C ALA A 67 2.62 3.08 -9.97
N LEU A 68 2.40 1.88 -9.46
CA LEU A 68 1.56 0.91 -10.13
C LEU A 68 0.26 0.69 -9.36
N LEU A 69 0.16 1.31 -8.20
CA LEU A 69 -1.00 1.14 -7.33
C LEU A 69 -1.63 2.50 -7.02
N THR A 70 -2.91 2.63 -7.29
CA THR A 70 -3.60 3.88 -7.02
C THR A 70 -4.20 3.85 -5.63
N LEU A 71 -3.70 4.70 -4.77
CA LEU A 71 -4.17 4.80 -3.39
C LEU A 71 -4.57 6.22 -3.06
N VAL A 72 -5.62 6.36 -2.28
CA VAL A 72 -6.12 7.66 -1.84
C VAL A 72 -6.48 7.60 -0.36
N PRO A 73 -6.53 8.75 0.34
CA PRO A 73 -6.92 8.79 1.75
C PRO A 73 -8.34 8.27 1.97
N LEU A 74 -8.70 8.02 3.23
CA LEU A 74 -10.06 7.60 3.57
C LEU A 74 -11.07 8.58 3.01
N ASP A 75 -10.92 9.84 3.39
CA ASP A 75 -11.78 10.91 2.92
C ASP A 75 -11.16 12.25 3.29
N MET A 1 5.34 -1.31 24.52
CA MET A 1 6.02 -1.98 23.39
C MET A 1 5.41 -1.53 22.07
N SER A 2 6.20 -1.59 21.01
CA SER A 2 5.75 -1.23 19.66
C SER A 2 5.32 0.24 19.60
N ALA A 3 6.29 1.12 19.35
CA ALA A 3 6.02 2.53 19.18
C ALA A 3 5.31 2.78 17.86
N LEU A 4 3.99 2.80 17.91
CA LEU A 4 3.20 2.92 16.69
C LEU A 4 2.51 4.28 16.61
N GLN A 5 3.02 5.12 15.73
CA GLN A 5 2.43 6.43 15.48
C GLN A 5 2.05 6.58 14.01
N PRO A 6 0.84 6.14 13.66
CA PRO A 6 0.34 6.19 12.28
C PRO A 6 0.05 7.61 11.83
N SER A 7 0.20 7.86 10.54
CA SER A 7 -0.12 9.16 9.99
C SER A 7 -1.57 9.18 9.51
N ARG A 8 -1.83 8.52 8.38
CA ARG A 8 -3.17 8.48 7.83
C ARG A 8 -3.55 7.07 7.42
N SER A 9 -4.76 6.94 6.90
CA SER A 9 -5.25 5.69 6.40
C SER A 9 -5.70 5.87 4.95
N TYR A 10 -5.23 5.00 4.07
CA TYR A 10 -5.49 5.16 2.65
C TYR A 10 -6.37 4.01 2.14
N ARG A 11 -7.16 4.31 1.12
CA ARG A 11 -7.96 3.31 0.46
C ARG A 11 -7.35 3.00 -0.89
N ILE A 12 -7.59 1.79 -1.37
CA ILE A 12 -7.10 1.42 -2.69
C ILE A 12 -8.20 1.59 -3.72
N THR A 13 -8.10 2.63 -4.52
CA THR A 13 -9.08 2.90 -5.56
C THR A 13 -9.01 1.82 -6.64
N GLY A 14 -7.81 1.31 -6.84
CA GLY A 14 -7.59 0.29 -7.83
C GLY A 14 -6.12 0.20 -8.21
N TYR A 15 -5.86 -0.25 -9.42
CA TYR A 15 -4.49 -0.37 -9.89
C TYR A 15 -4.15 0.83 -10.76
N SER A 16 -2.87 1.06 -10.98
CA SER A 16 -2.44 2.07 -11.92
C SER A 16 -2.77 1.60 -13.34
N PRO A 17 -3.37 2.46 -14.16
CA PRO A 17 -3.76 2.11 -15.53
C PRO A 17 -2.58 1.76 -16.41
N ALA A 18 -1.38 1.96 -15.89
CA ALA A 18 -0.16 1.65 -16.62
C ALA A 18 0.32 0.22 -16.32
N ILE A 19 -0.44 -0.51 -15.51
CA ILE A 19 -0.10 -1.88 -15.17
C ILE A 19 -0.40 -2.80 -16.35
N SER A 20 0.40 -3.84 -16.52
CA SER A 20 0.23 -4.75 -17.65
C SER A 20 0.92 -6.09 -17.37
N ASN A 21 0.85 -6.99 -18.35
CA ASN A 21 1.52 -8.30 -18.31
C ASN A 21 0.88 -9.24 -17.29
N GLY A 22 -0.25 -8.83 -16.73
CA GLY A 22 -0.97 -9.67 -15.79
C GLY A 22 -0.50 -9.50 -14.35
N TYR A 23 0.25 -8.44 -14.09
CA TYR A 23 0.75 -8.19 -12.74
C TYR A 23 -0.41 -7.90 -11.79
N ARG A 24 -1.53 -7.44 -12.36
CA ARG A 24 -2.78 -7.25 -11.63
C ARG A 24 -3.16 -8.53 -10.89
N GLN A 25 -3.13 -9.64 -11.61
CA GLN A 25 -3.49 -10.93 -11.04
C GLN A 25 -2.50 -11.33 -9.96
N ARG A 26 -1.27 -10.87 -10.06
CA ARG A 26 -0.27 -11.13 -9.05
C ARG A 26 -0.55 -10.29 -7.81
N LEU A 27 -0.93 -9.04 -8.04
CA LEU A 27 -1.22 -8.11 -6.96
C LEU A 27 -2.46 -8.55 -6.20
N PHE A 28 -3.48 -8.98 -6.94
CA PHE A 28 -4.70 -9.49 -6.34
C PHE A 28 -4.38 -10.69 -5.45
N SER A 29 -3.53 -11.56 -5.96
CA SER A 29 -3.08 -12.75 -5.22
C SER A 29 -2.32 -12.35 -3.95
N MET A 30 -1.63 -11.21 -4.01
CA MET A 30 -0.87 -10.71 -2.88
C MET A 30 -1.77 -10.01 -1.87
N GLY A 31 -2.98 -9.68 -2.29
CA GLY A 31 -3.93 -9.07 -1.36
C GLY A 31 -4.17 -7.61 -1.67
N LEU A 32 -3.68 -7.15 -2.81
CA LEU A 32 -3.87 -5.77 -3.21
C LEU A 32 -4.97 -5.67 -4.24
N LEU A 33 -6.15 -5.28 -3.79
CA LEU A 33 -7.32 -5.19 -4.65
C LEU A 33 -8.03 -3.85 -4.47
N PRO A 34 -8.78 -3.40 -5.49
CA PRO A 34 -9.58 -2.18 -5.41
C PRO A 34 -10.69 -2.30 -4.37
N GLY A 35 -10.72 -1.36 -3.45
CA GLY A 35 -11.73 -1.38 -2.41
C GLY A 35 -11.16 -1.72 -1.05
N ALA A 36 -9.86 -1.97 -0.98
CA ALA A 36 -9.20 -2.28 0.28
C ALA A 36 -8.74 -0.99 0.95
N ALA A 37 -8.00 -1.16 2.03
CA ALA A 37 -7.53 -0.04 2.83
C ALA A 37 -6.30 -0.45 3.64
N LEU A 38 -5.40 0.50 3.85
CA LEU A 38 -4.19 0.27 4.61
C LEU A 38 -3.91 1.44 5.53
N ARG A 39 -3.48 1.15 6.74
CA ARG A 39 -3.09 2.17 7.69
C ARG A 39 -1.59 2.29 7.71
N VAL A 40 -1.07 3.50 7.49
CA VAL A 40 0.37 3.69 7.43
C VAL A 40 0.97 3.69 8.83
N VAL A 41 1.91 2.79 9.05
CA VAL A 41 2.59 2.70 10.32
C VAL A 41 3.87 3.52 10.30
N ARG A 42 4.73 3.28 9.30
CA ARG A 42 6.03 3.94 9.25
C ARG A 42 6.56 4.08 7.82
N ILE A 43 7.18 5.23 7.55
CA ILE A 43 8.01 5.42 6.37
C ILE A 43 9.43 5.68 6.87
N ALA A 44 10.43 5.19 6.16
CA ALA A 44 11.81 5.43 6.55
C ALA A 44 12.29 6.80 6.07
N PRO A 45 13.04 7.52 6.93
CA PRO A 45 13.58 8.85 6.60
C PRO A 45 14.62 8.81 5.48
N LEU A 46 14.96 7.59 5.05
CA LEU A 46 15.85 7.39 3.91
C LEU A 46 15.20 7.89 2.64
N GLY A 47 13.89 7.71 2.57
CA GLY A 47 13.15 8.06 1.40
C GLY A 47 11.85 7.32 1.33
N ASP A 48 11.91 6.05 0.96
CA ASP A 48 10.71 5.26 0.89
C ASP A 48 10.91 3.76 1.06
N PRO A 49 10.27 3.25 2.10
CA PRO A 49 9.45 2.07 2.09
C PRO A 49 8.04 2.48 2.51
N ILE A 50 7.16 1.53 2.69
CA ILE A 50 5.87 1.86 3.28
C ILE A 50 5.44 0.74 4.21
N GLN A 51 5.62 0.96 5.50
CA GLN A 51 5.22 0.00 6.50
C GLN A 51 3.77 0.26 6.88
N VAL A 52 2.90 -0.67 6.54
CA VAL A 52 1.47 -0.53 6.78
C VAL A 52 0.91 -1.77 7.48
N GLU A 53 -0.39 -1.77 7.70
CA GLU A 53 -1.06 -2.94 8.26
C GLU A 53 -2.32 -3.23 7.45
N THR A 54 -2.51 -4.48 7.07
CA THR A 54 -3.63 -4.86 6.24
C THR A 54 -4.93 -4.92 7.06
N ARG A 55 -4.77 -5.28 8.33
CA ARG A 55 -5.89 -5.43 9.25
C ARG A 55 -5.39 -5.98 10.59
N GLN A 56 -4.28 -6.71 10.52
CA GLN A 56 -3.69 -7.31 11.71
C GLN A 56 -2.20 -7.53 11.50
N THR A 57 -1.82 -7.91 10.29
CA THR A 57 -0.43 -8.17 9.97
C THR A 57 0.20 -6.94 9.32
N SER A 58 1.45 -6.69 9.67
CA SER A 58 2.19 -5.57 9.11
C SER A 58 2.76 -5.93 7.73
N LEU A 59 2.82 -4.95 6.85
CA LEU A 59 3.32 -5.16 5.50
C LEU A 59 4.22 -4.00 5.08
N ALA A 60 5.06 -4.22 4.08
CA ALA A 60 5.93 -3.20 3.55
C ALA A 60 5.98 -3.27 2.03
N LEU A 61 6.32 -2.17 1.39
CA LEU A 61 6.35 -2.12 -0.07
C LEU A 61 7.18 -0.92 -0.50
N ARG A 62 7.52 -0.86 -1.79
CA ARG A 62 8.34 0.22 -2.30
C ARG A 62 7.54 1.17 -3.16
N ARG A 63 8.17 2.30 -3.48
CA ARG A 63 7.59 3.29 -4.37
C ARG A 63 7.27 2.72 -5.74
N LYS A 64 8.09 1.77 -6.17
CA LYS A 64 7.83 1.10 -7.44
C LYS A 64 6.52 0.31 -7.37
N ASP A 65 6.32 -0.40 -6.27
CA ASP A 65 5.09 -1.16 -6.06
C ASP A 65 3.91 -0.19 -5.92
N LEU A 66 4.17 0.94 -5.29
CA LEU A 66 3.20 2.01 -5.15
C LEU A 66 2.76 2.52 -6.53
N ALA A 67 3.70 2.53 -7.47
CA ALA A 67 3.43 3.01 -8.82
C ALA A 67 2.52 2.06 -9.59
N LEU A 68 2.29 0.88 -9.04
CA LEU A 68 1.41 -0.09 -9.67
C LEU A 68 -0.01 0.02 -9.10
N LEU A 69 -0.14 0.74 -8.00
CA LEU A 69 -1.42 0.89 -7.34
C LEU A 69 -1.90 2.34 -7.37
N THR A 70 -3.20 2.53 -7.39
CA THR A 70 -3.78 3.85 -7.23
C THR A 70 -4.44 3.94 -5.86
N LEU A 71 -3.95 4.86 -5.04
CA LEU A 71 -4.41 4.98 -3.67
C LEU A 71 -5.02 6.35 -3.42
N VAL A 72 -6.13 6.37 -2.70
CA VAL A 72 -6.75 7.62 -2.29
C VAL A 72 -7.05 7.59 -0.78
N PRO A 73 -6.73 8.65 -0.06
CA PRO A 73 -6.98 8.72 1.39
C PRO A 73 -8.47 8.63 1.71
N LEU A 74 -8.77 8.36 2.98
CA LEU A 74 -10.15 8.33 3.46
C LEU A 74 -10.87 9.61 3.08
N ASP A 75 -10.17 10.73 3.26
CA ASP A 75 -10.71 12.03 2.90
C ASP A 75 -9.63 12.88 2.26
N MET A 1 11.23 9.70 17.54
CA MET A 1 12.00 8.99 16.49
C MET A 1 11.61 7.51 16.44
N SER A 2 11.61 6.85 17.59
CA SER A 2 11.38 5.42 17.66
C SER A 2 9.90 5.07 17.51
N ALA A 3 9.56 4.50 16.35
CA ALA A 3 8.22 3.99 16.06
C ALA A 3 7.19 5.10 15.90
N LEU A 4 6.17 4.81 15.10
CA LEU A 4 5.05 5.72 14.90
C LEU A 4 3.75 4.92 14.95
N GLN A 5 2.67 5.57 15.34
CA GLN A 5 1.38 4.90 15.42
C GLN A 5 0.68 5.00 14.06
N PRO A 6 -0.15 4.01 13.71
CA PRO A 6 -0.94 4.06 12.48
C PRO A 6 -1.89 5.24 12.50
N SER A 7 -1.54 6.28 11.75
CA SER A 7 -2.26 7.54 11.83
C SER A 7 -3.36 7.61 10.78
N ARG A 8 -2.99 7.86 9.53
CA ARG A 8 -3.98 8.01 8.48
C ARG A 8 -4.21 6.68 7.77
N SER A 9 -5.28 6.62 7.01
CA SER A 9 -5.61 5.43 6.26
C SER A 9 -5.96 5.81 4.83
N TYR A 10 -5.50 5.02 3.88
CA TYR A 10 -5.73 5.29 2.47
C TYR A 10 -6.47 4.13 1.83
N ARG A 11 -7.50 4.46 1.06
CA ARG A 11 -8.29 3.45 0.36
C ARG A 11 -7.67 3.19 -1.01
N ILE A 12 -7.80 1.97 -1.49
CA ILE A 12 -7.33 1.65 -2.83
C ILE A 12 -8.51 1.58 -3.78
N THR A 13 -8.57 2.51 -4.72
CA THR A 13 -9.66 2.53 -5.69
C THR A 13 -9.39 1.54 -6.82
N GLY A 14 -8.12 1.22 -7.03
CA GLY A 14 -7.76 0.33 -8.10
C GLY A 14 -6.30 0.42 -8.46
N TYR A 15 -6.00 0.25 -9.73
CA TYR A 15 -4.63 0.23 -10.20
C TYR A 15 -4.37 1.37 -11.17
N SER A 16 -3.11 1.77 -11.24
CA SER A 16 -2.67 2.75 -12.21
C SER A 16 -2.61 2.11 -13.60
N PRO A 17 -3.03 2.85 -14.64
CA PRO A 17 -3.06 2.33 -16.02
C PRO A 17 -1.68 1.92 -16.55
N ALA A 18 -0.64 2.23 -15.77
CA ALA A 18 0.73 1.89 -16.15
C ALA A 18 1.06 0.44 -15.79
N ILE A 19 0.14 -0.23 -15.11
CA ILE A 19 0.34 -1.62 -14.72
C ILE A 19 0.05 -2.54 -15.91
N SER A 20 0.87 -3.56 -16.08
CA SER A 20 0.73 -4.45 -17.22
C SER A 20 1.27 -5.85 -16.92
N ASN A 21 1.02 -6.78 -17.85
CA ASN A 21 1.59 -8.13 -17.80
C ASN A 21 1.04 -8.94 -16.63
N GLY A 22 -0.25 -8.76 -16.35
CA GLY A 22 -0.92 -9.57 -15.34
C GLY A 22 -0.45 -9.28 -13.93
N TYR A 23 0.13 -8.10 -13.74
CA TYR A 23 0.65 -7.73 -12.43
C TYR A 23 -0.49 -7.56 -11.42
N ARG A 24 -1.69 -7.31 -11.93
CA ARG A 24 -2.87 -7.23 -11.09
C ARG A 24 -3.17 -8.57 -10.45
N GLN A 25 -3.01 -9.64 -11.21
CA GLN A 25 -3.24 -10.98 -10.70
C GLN A 25 -2.18 -11.35 -9.69
N ARG A 26 -0.97 -10.88 -9.93
CA ARG A 26 0.14 -11.11 -9.02
C ARG A 26 -0.11 -10.38 -7.70
N LEU A 27 -0.60 -9.16 -7.81
CA LEU A 27 -0.89 -8.34 -6.65
C LEU A 27 -2.10 -8.87 -5.90
N PHE A 28 -3.06 -9.41 -6.65
CA PHE A 28 -4.24 -10.04 -6.05
C PHE A 28 -3.82 -11.19 -5.15
N SER A 29 -2.88 -11.99 -5.63
CA SER A 29 -2.36 -13.11 -4.86
C SER A 29 -1.69 -12.64 -3.57
N MET A 30 -1.06 -11.48 -3.65
CA MET A 30 -0.36 -10.93 -2.50
C MET A 30 -1.34 -10.33 -1.51
N GLY A 31 -2.41 -9.74 -2.03
CA GLY A 31 -3.39 -9.11 -1.18
C GLY A 31 -3.55 -7.64 -1.46
N LEU A 32 -3.02 -7.20 -2.61
CA LEU A 32 -3.13 -5.80 -3.00
C LEU A 32 -4.17 -5.63 -4.09
N LEU A 33 -5.40 -5.35 -3.68
CA LEU A 33 -6.50 -5.18 -4.61
C LEU A 33 -7.37 -3.99 -4.20
N PRO A 34 -8.17 -3.45 -5.12
CA PRO A 34 -9.09 -2.35 -4.83
C PRO A 34 -10.07 -2.73 -3.72
N GLY A 35 -10.19 -1.86 -2.74
CA GLY A 35 -11.05 -2.13 -1.60
C GLY A 35 -10.25 -2.37 -0.33
N ALA A 36 -8.97 -2.64 -0.49
CA ALA A 36 -8.10 -2.87 0.67
C ALA A 36 -7.52 -1.55 1.17
N ALA A 37 -8.10 -1.03 2.23
CA ALA A 37 -7.61 0.19 2.85
C ALA A 37 -6.34 -0.08 3.65
N LEU A 38 -5.35 0.79 3.48
CA LEU A 38 -4.07 0.63 4.16
C LEU A 38 -3.89 1.71 5.21
N ARG A 39 -3.43 1.33 6.39
CA ARG A 39 -3.08 2.29 7.42
C ARG A 39 -1.59 2.60 7.34
N VAL A 40 -1.22 3.82 7.67
CA VAL A 40 0.17 4.24 7.55
C VAL A 40 0.97 3.85 8.80
N VAL A 41 2.05 3.10 8.60
CA VAL A 41 2.95 2.79 9.70
C VAL A 41 4.21 3.66 9.63
N ARG A 42 4.86 3.72 8.45
CA ARG A 42 6.12 4.46 8.34
C ARG A 42 6.67 4.47 6.91
N ILE A 43 7.52 5.46 6.63
CA ILE A 43 8.30 5.52 5.39
C ILE A 43 9.77 5.78 5.78
N ALA A 44 10.71 5.16 5.07
CA ALA A 44 12.13 5.33 5.38
C ALA A 44 12.61 6.77 5.12
N PRO A 45 13.65 7.22 5.85
CA PRO A 45 14.26 8.54 5.65
C PRO A 45 15.01 8.64 4.32
N LEU A 46 15.58 7.51 3.89
CA LEU A 46 16.28 7.44 2.60
C LEU A 46 15.31 7.64 1.46
N GLY A 47 14.73 6.54 1.02
CA GLY A 47 13.63 6.58 0.11
C GLY A 47 12.41 6.04 0.78
N ASP A 48 12.35 4.71 0.84
CA ASP A 48 11.21 4.05 1.44
C ASP A 48 11.14 2.56 1.14
N PRO A 49 10.90 1.78 2.19
CA PRO A 49 9.91 0.74 2.16
C PRO A 49 8.65 1.32 2.78
N ILE A 50 7.52 0.82 2.39
CA ILE A 50 6.28 1.42 2.83
C ILE A 50 5.62 0.53 3.87
N GLN A 51 5.79 0.90 5.12
CA GLN A 51 5.18 0.16 6.20
C GLN A 51 3.74 0.59 6.37
N VAL A 52 2.82 -0.34 6.17
CA VAL A 52 1.40 -0.06 6.29
C VAL A 52 0.72 -1.22 7.01
N GLU A 53 -0.55 -1.04 7.33
CA GLU A 53 -1.33 -2.09 7.95
C GLU A 53 -2.55 -2.36 7.08
N THR A 54 -2.71 -3.61 6.66
CA THR A 54 -3.76 -3.96 5.70
C THR A 54 -5.08 -4.24 6.41
N ARG A 55 -5.02 -4.75 7.63
CA ARG A 55 -6.22 -5.05 8.40
C ARG A 55 -5.86 -5.49 9.82
N GLN A 56 -4.87 -6.37 9.92
CA GLN A 56 -4.50 -6.94 11.21
C GLN A 56 -2.99 -6.96 11.41
N THR A 57 -2.23 -7.00 10.32
CA THR A 57 -0.79 -7.09 10.41
C THR A 57 -0.13 -5.97 9.61
N SER A 58 1.14 -5.69 9.92
CA SER A 58 1.91 -4.69 9.21
C SER A 58 2.56 -5.30 7.98
N LEU A 59 2.61 -4.53 6.90
CA LEU A 59 3.18 -5.00 5.64
C LEU A 59 4.04 -3.90 5.03
N ALA A 60 5.12 -4.31 4.37
CA ALA A 60 6.03 -3.39 3.71
C ALA A 60 6.13 -3.71 2.23
N LEU A 61 6.23 -2.67 1.41
CA LEU A 61 6.31 -2.84 -0.04
C LEU A 61 7.12 -1.70 -0.63
N ARG A 62 7.35 -1.73 -1.94
CA ARG A 62 8.14 -0.70 -2.57
C ARG A 62 7.29 0.38 -3.17
N ARG A 63 7.88 1.55 -3.32
CA ARG A 63 7.20 2.70 -3.91
C ARG A 63 6.85 2.44 -5.36
N LYS A 64 7.72 1.69 -6.04
CA LYS A 64 7.50 1.29 -7.42
C LYS A 64 6.15 0.57 -7.56
N ASP A 65 5.88 -0.32 -6.62
CA ASP A 65 4.61 -1.05 -6.58
C ASP A 65 3.46 -0.11 -6.24
N LEU A 66 3.71 0.81 -5.34
CA LEU A 66 2.69 1.77 -4.92
C LEU A 66 2.31 2.69 -6.06
N ALA A 67 3.25 2.93 -6.95
CA ALA A 67 3.02 3.78 -8.12
C ALA A 67 2.05 3.11 -9.09
N LEU A 68 1.85 1.82 -8.91
CA LEU A 68 0.92 1.06 -9.75
C LEU A 68 -0.43 0.93 -9.06
N LEU A 69 -0.51 1.42 -7.84
CA LEU A 69 -1.75 1.38 -7.07
C LEU A 69 -2.33 2.78 -6.92
N THR A 70 -3.60 2.95 -7.23
CA THR A 70 -4.24 4.24 -7.06
C THR A 70 -4.89 4.33 -5.68
N LEU A 71 -4.39 5.25 -4.89
CA LEU A 71 -4.84 5.42 -3.52
C LEU A 71 -5.66 6.69 -3.36
N VAL A 72 -6.67 6.63 -2.51
CA VAL A 72 -7.42 7.80 -2.10
C VAL A 72 -7.56 7.81 -0.58
N PRO A 73 -7.03 8.85 0.08
CA PRO A 73 -7.08 8.94 1.55
C PRO A 73 -8.51 9.03 2.08
N LEU A 74 -8.68 8.77 3.37
CA LEU A 74 -9.95 8.95 4.03
C LEU A 74 -10.33 10.44 4.06
N ASP A 75 -9.31 11.28 4.09
CA ASP A 75 -9.49 12.73 4.08
C ASP A 75 -10.23 13.18 2.83
N MET A 1 7.70 2.72 24.24
CA MET A 1 6.50 1.88 24.01
C MET A 1 5.52 2.54 23.05
N SER A 2 5.96 3.58 22.37
CA SER A 2 5.11 4.27 21.39
C SER A 2 5.01 3.44 20.11
N ALA A 3 3.88 2.79 19.93
CA ALA A 3 3.68 1.94 18.77
C ALA A 3 2.34 2.24 18.11
N LEU A 4 2.31 2.11 16.79
CA LEU A 4 1.12 2.33 15.99
C LEU A 4 0.46 3.68 16.25
N GLN A 5 1.10 4.75 15.77
CA GLN A 5 0.46 6.06 15.74
C GLN A 5 0.25 6.46 14.29
N PRO A 6 -0.93 6.14 13.74
CA PRO A 6 -1.23 6.34 12.33
C PRO A 6 -1.52 7.79 11.97
N SER A 7 -0.69 8.36 11.13
CA SER A 7 -0.90 9.70 10.63
C SER A 7 -2.05 9.71 9.61
N ARG A 8 -2.12 8.65 8.80
CA ARG A 8 -3.14 8.54 7.76
C ARG A 8 -3.41 7.10 7.40
N SER A 9 -4.59 6.88 6.86
CA SER A 9 -4.95 5.60 6.27
C SER A 9 -5.35 5.85 4.81
N TYR A 10 -4.78 5.07 3.90
CA TYR A 10 -5.05 5.25 2.49
C TYR A 10 -5.86 4.08 1.95
N ARG A 11 -6.79 4.37 1.06
CA ARG A 11 -7.60 3.33 0.44
C ARG A 11 -7.19 3.12 -1.00
N ILE A 12 -7.32 1.89 -1.46
CA ILE A 12 -6.97 1.55 -2.82
C ILE A 12 -8.18 1.73 -3.73
N THR A 13 -8.10 2.70 -4.63
CA THR A 13 -9.22 2.97 -5.51
C THR A 13 -9.12 2.16 -6.81
N GLY A 14 -7.97 1.54 -7.04
CA GLY A 14 -7.80 0.71 -8.20
C GLY A 14 -6.35 0.46 -8.53
N TYR A 15 -6.09 -0.08 -9.71
CA TYR A 15 -4.74 -0.33 -10.16
C TYR A 15 -4.29 0.79 -11.08
N SER A 16 -2.98 0.97 -11.19
CA SER A 16 -2.44 1.95 -12.13
C SER A 16 -2.86 1.62 -13.55
N PRO A 17 -3.18 2.65 -14.35
CA PRO A 17 -3.51 2.46 -15.77
C PRO A 17 -2.31 1.95 -16.57
N ALA A 18 -1.14 2.05 -15.96
CA ALA A 18 0.10 1.62 -16.58
C ALA A 18 0.55 0.27 -16.05
N ILE A 19 -0.33 -0.40 -15.31
CA ILE A 19 0.02 -1.68 -14.70
C ILE A 19 0.03 -2.80 -15.73
N SER A 20 0.93 -3.75 -15.54
CA SER A 20 0.99 -4.93 -16.38
C SER A 20 -0.02 -5.97 -15.90
N ASN A 21 -0.60 -6.72 -16.83
CA ASN A 21 -1.65 -7.69 -16.53
C ASN A 21 -1.20 -8.72 -15.51
N GLY A 22 0.03 -9.22 -15.67
CA GLY A 22 0.55 -10.22 -14.76
C GLY A 22 0.79 -9.65 -13.37
N TYR A 23 1.21 -8.40 -13.31
CA TYR A 23 1.43 -7.74 -12.03
C TYR A 23 0.10 -7.52 -11.31
N ARG A 24 -0.95 -7.24 -12.07
CA ARG A 24 -2.29 -7.11 -11.52
C ARG A 24 -2.72 -8.43 -10.92
N GLN A 25 -2.38 -9.52 -11.60
CA GLN A 25 -2.67 -10.86 -11.12
C GLN A 25 -1.87 -11.16 -9.86
N ARG A 26 -0.62 -10.74 -9.86
CA ARG A 26 0.26 -10.87 -8.71
C ARG A 26 -0.29 -10.11 -7.53
N LEU A 27 -0.74 -8.89 -7.78
CA LEU A 27 -1.26 -8.04 -6.72
C LEU A 27 -2.55 -8.61 -6.15
N PHE A 28 -3.40 -9.09 -7.05
CA PHE A 28 -4.68 -9.70 -6.66
C PHE A 28 -4.42 -10.92 -5.78
N SER A 29 -3.44 -11.72 -6.18
CA SER A 29 -3.05 -12.92 -5.45
C SER A 29 -2.44 -12.57 -4.09
N MET A 30 -1.81 -11.41 -4.02
CA MET A 30 -1.22 -10.93 -2.77
C MET A 30 -2.28 -10.37 -1.84
N GLY A 31 -3.44 -10.05 -2.40
CA GLY A 31 -4.54 -9.53 -1.61
C GLY A 31 -4.70 -8.03 -1.77
N LEU A 32 -4.08 -7.48 -2.80
CA LEU A 32 -4.14 -6.05 -3.07
C LEU A 32 -5.15 -5.76 -4.17
N LEU A 33 -6.35 -5.39 -3.78
CA LEU A 33 -7.42 -5.14 -4.72
C LEU A 33 -8.11 -3.82 -4.39
N PRO A 34 -8.82 -3.22 -5.36
CA PRO A 34 -9.59 -1.99 -5.14
C PRO A 34 -10.67 -2.19 -4.08
N GLY A 35 -10.69 -1.31 -3.09
CA GLY A 35 -11.64 -1.46 -2.01
C GLY A 35 -10.94 -1.71 -0.69
N ALA A 36 -9.65 -2.02 -0.75
CA ALA A 36 -8.87 -2.26 0.44
C ALA A 36 -8.27 -0.96 0.94
N ALA A 37 -7.60 -1.05 2.06
CA ALA A 37 -7.00 0.11 2.72
C ALA A 37 -5.72 -0.27 3.44
N LEU A 38 -4.81 0.69 3.54
CA LEU A 38 -3.54 0.50 4.23
C LEU A 38 -3.35 1.62 5.24
N ARG A 39 -3.01 1.24 6.46
CA ARG A 39 -2.79 2.21 7.52
C ARG A 39 -1.31 2.31 7.83
N VAL A 40 -0.78 3.52 7.83
CA VAL A 40 0.65 3.74 8.02
C VAL A 40 1.11 3.25 9.39
N VAL A 41 2.11 2.36 9.39
CA VAL A 41 2.74 1.93 10.61
C VAL A 41 4.02 2.73 10.85
N ARG A 42 4.87 2.75 9.84
CA ARG A 42 6.14 3.48 9.90
C ARG A 42 6.55 3.92 8.50
N ILE A 43 7.38 4.96 8.42
CA ILE A 43 7.91 5.42 7.16
C ILE A 43 9.43 5.53 7.23
N ALA A 44 10.11 4.97 6.23
CA ALA A 44 11.56 5.03 6.18
C ALA A 44 12.04 6.46 6.01
N PRO A 45 13.14 6.84 6.67
CA PRO A 45 13.65 8.22 6.70
C PRO A 45 13.97 8.78 5.31
N LEU A 46 14.09 7.90 4.33
CA LEU A 46 14.45 8.31 2.98
C LEU A 46 13.22 8.65 2.15
N GLY A 47 12.06 8.22 2.61
CA GLY A 47 10.83 8.40 1.86
C GLY A 47 10.51 7.17 1.03
N ASP A 48 11.53 6.33 0.88
CA ASP A 48 11.40 5.02 0.25
C ASP A 48 10.52 4.10 1.09
N PRO A 49 10.13 2.90 0.54
CA PRO A 49 9.04 2.03 1.00
C PRO A 49 8.54 2.23 2.44
N ILE A 50 7.29 1.91 2.63
CA ILE A 50 6.56 2.27 3.83
C ILE A 50 5.98 1.03 4.49
N GLN A 51 6.05 0.99 5.82
CA GLN A 51 5.45 -0.08 6.57
C GLN A 51 4.00 0.26 6.85
N VAL A 52 3.10 -0.57 6.37
CA VAL A 52 1.67 -0.32 6.51
C VAL A 52 0.95 -1.55 7.04
N GLU A 53 -0.22 -1.33 7.59
CA GLU A 53 -1.00 -2.40 8.18
C GLU A 53 -2.30 -2.55 7.41
N THR A 54 -2.73 -3.78 7.23
CA THR A 54 -3.96 -4.07 6.53
C THR A 54 -5.09 -4.28 7.52
N ARG A 55 -4.78 -5.06 8.55
CA ARG A 55 -5.74 -5.52 9.53
C ARG A 55 -5.09 -6.62 10.36
N GLN A 56 -4.46 -7.55 9.65
CA GLN A 56 -3.86 -8.73 10.27
C GLN A 56 -2.34 -8.59 10.28
N THR A 57 -1.76 -8.36 9.11
CA THR A 57 -0.32 -8.35 8.95
C THR A 57 0.17 -7.07 8.30
N SER A 58 1.33 -6.60 8.72
CA SER A 58 1.89 -5.37 8.20
C SER A 58 2.81 -5.65 7.02
N LEU A 59 2.73 -4.81 5.99
CA LEU A 59 3.51 -4.98 4.79
C LEU A 59 4.40 -3.77 4.53
N ALA A 60 5.31 -3.91 3.59
CA ALA A 60 6.17 -2.82 3.15
C ALA A 60 6.38 -2.90 1.65
N LEU A 61 6.07 -1.83 0.94
CA LEU A 61 6.08 -1.85 -0.52
C LEU A 61 6.94 -0.73 -1.06
N ARG A 62 7.60 -0.96 -2.18
CA ARG A 62 8.54 -0.01 -2.75
C ARG A 62 7.82 0.98 -3.65
N ARG A 63 8.57 1.93 -4.18
CA ARG A 63 8.04 2.89 -5.16
C ARG A 63 7.39 2.15 -6.33
N LYS A 64 8.02 1.06 -6.77
CA LYS A 64 7.49 0.25 -7.87
C LYS A 64 6.13 -0.31 -7.53
N ASP A 65 6.03 -0.94 -6.36
CA ASP A 65 4.80 -1.57 -5.91
C ASP A 65 3.73 -0.50 -5.70
N LEU A 66 4.15 0.62 -5.14
CA LEU A 66 3.27 1.76 -4.90
C LEU A 66 2.67 2.28 -6.20
N ALA A 67 3.51 2.37 -7.23
CA ALA A 67 3.06 2.90 -8.52
C ALA A 67 2.13 1.94 -9.24
N LEU A 68 2.07 0.70 -8.80
CA LEU A 68 1.18 -0.30 -9.39
C LEU A 68 -0.24 -0.11 -8.87
N LEU A 69 -0.37 0.41 -7.66
CA LEU A 69 -1.67 0.64 -7.05
C LEU A 69 -2.02 2.12 -7.09
N THR A 70 -3.29 2.42 -7.35
CA THR A 70 -3.76 3.78 -7.21
C THR A 70 -4.31 3.97 -5.82
N LEU A 71 -3.63 4.79 -5.04
CA LEU A 71 -3.97 4.98 -3.65
C LEU A 71 -4.47 6.39 -3.40
N VAL A 72 -5.57 6.50 -2.69
CA VAL A 72 -6.10 7.78 -2.29
C VAL A 72 -6.38 7.77 -0.79
N PRO A 73 -6.12 8.89 -0.10
CA PRO A 73 -6.37 8.98 1.34
C PRO A 73 -7.86 8.94 1.64
N LEU A 74 -8.20 8.67 2.90
CA LEU A 74 -9.58 8.68 3.34
C LEU A 74 -10.19 10.06 3.11
N ASP A 75 -9.65 11.07 3.79
CA ASP A 75 -10.14 12.43 3.65
C ASP A 75 -8.98 13.40 3.78
N MET A 1 7.86 -7.02 18.66
CA MET A 1 8.17 -5.61 18.98
C MET A 1 7.24 -4.68 18.22
N SER A 2 6.67 -3.72 18.92
CA SER A 2 5.78 -2.76 18.29
C SER A 2 6.44 -1.38 18.22
N ALA A 3 6.90 -1.02 17.02
CA ALA A 3 7.47 0.29 16.79
C ALA A 3 6.70 0.99 15.68
N LEU A 4 5.52 1.49 16.03
CA LEU A 4 4.63 2.10 15.06
C LEU A 4 4.58 3.61 15.24
N GLN A 5 4.26 4.30 14.16
CA GLN A 5 4.02 5.74 14.20
C GLN A 5 2.96 6.10 13.16
N PRO A 6 1.68 5.94 13.53
CA PRO A 6 0.56 6.11 12.60
C PRO A 6 0.43 7.56 12.11
N SER A 7 -0.17 7.71 10.95
CA SER A 7 -0.43 9.02 10.38
C SER A 7 -1.88 9.07 9.90
N ARG A 8 -2.17 8.34 8.83
CA ARG A 8 -3.53 8.25 8.31
C ARG A 8 -3.77 6.88 7.70
N SER A 9 -5.01 6.64 7.29
CA SER A 9 -5.37 5.42 6.59
C SER A 9 -5.77 5.77 5.17
N TYR A 10 -5.28 5.00 4.22
CA TYR A 10 -5.50 5.31 2.82
C TYR A 10 -6.25 4.16 2.15
N ARG A 11 -7.08 4.49 1.18
CA ARG A 11 -7.83 3.48 0.44
C ARG A 11 -7.23 3.27 -0.93
N ILE A 12 -7.30 2.05 -1.40
CA ILE A 12 -6.81 1.73 -2.73
C ILE A 12 -7.87 2.01 -3.77
N THR A 13 -7.62 3.00 -4.61
CA THR A 13 -8.54 3.35 -5.68
C THR A 13 -8.58 2.24 -6.73
N GLY A 14 -7.44 1.61 -6.93
CA GLY A 14 -7.32 0.57 -7.92
C GLY A 14 -5.89 0.37 -8.34
N TYR A 15 -5.68 -0.11 -9.55
CA TYR A 15 -4.35 -0.34 -10.06
C TYR A 15 -3.94 0.78 -10.99
N SER A 16 -2.65 1.05 -11.06
CA SER A 16 -2.12 2.05 -11.96
C SER A 16 -2.21 1.55 -13.40
N PRO A 17 -2.57 2.43 -14.35
CA PRO A 17 -2.66 2.08 -15.77
C PRO A 17 -1.35 1.53 -16.32
N ALA A 18 -0.26 1.85 -15.65
CA ALA A 18 1.06 1.43 -16.09
C ALA A 18 1.50 0.13 -15.42
N ILE A 19 0.54 -0.59 -14.84
CA ILE A 19 0.83 -1.87 -14.19
C ILE A 19 1.14 -2.94 -15.23
N SER A 20 1.90 -3.95 -14.84
CA SER A 20 2.29 -5.01 -15.75
C SER A 20 1.19 -6.07 -15.86
N ASN A 21 1.01 -6.62 -17.04
CA ASN A 21 0.02 -7.66 -17.28
C ASN A 21 0.37 -8.92 -16.49
N GLY A 22 -0.62 -9.46 -15.79
CA GLY A 22 -0.39 -10.62 -14.96
C GLY A 22 0.06 -10.24 -13.57
N TYR A 23 0.82 -9.15 -13.49
CA TYR A 23 1.27 -8.64 -12.20
C TYR A 23 0.07 -8.15 -11.39
N ARG A 24 -0.89 -7.58 -12.11
CA ARG A 24 -2.17 -7.18 -11.52
C ARG A 24 -2.86 -8.37 -10.89
N GLN A 25 -2.82 -9.48 -11.61
CA GLN A 25 -3.44 -10.71 -11.17
C GLN A 25 -2.75 -11.25 -9.93
N ARG A 26 -1.43 -11.09 -9.88
CA ARG A 26 -0.65 -11.49 -8.73
C ARG A 26 -0.98 -10.62 -7.54
N LEU A 27 -1.14 -9.33 -7.80
CA LEU A 27 -1.47 -8.37 -6.74
C LEU A 27 -2.85 -8.67 -6.18
N PHE A 28 -3.79 -8.96 -7.07
CA PHE A 28 -5.14 -9.36 -6.68
C PHE A 28 -5.08 -10.61 -5.82
N SER A 29 -4.29 -11.58 -6.28
CA SER A 29 -4.10 -12.83 -5.56
C SER A 29 -3.50 -12.59 -4.18
N MET A 30 -2.65 -11.57 -4.09
CA MET A 30 -2.00 -11.23 -2.83
C MET A 30 -2.98 -10.56 -1.88
N GLY A 31 -4.04 -9.99 -2.43
CA GLY A 31 -5.04 -9.34 -1.61
C GLY A 31 -5.02 -7.84 -1.75
N LEU A 32 -4.37 -7.35 -2.81
CA LEU A 32 -4.30 -5.92 -3.07
C LEU A 32 -5.24 -5.56 -4.20
N LEU A 33 -6.43 -5.09 -3.85
CA LEU A 33 -7.45 -4.76 -4.83
C LEU A 33 -8.10 -3.43 -4.50
N PRO A 34 -8.76 -2.80 -5.48
CA PRO A 34 -9.52 -1.57 -5.25
C PRO A 34 -10.63 -1.79 -4.21
N GLY A 35 -10.71 -0.90 -3.23
CA GLY A 35 -11.71 -1.05 -2.20
C GLY A 35 -11.12 -1.57 -0.91
N ALA A 36 -9.80 -1.63 -0.85
CA ALA A 36 -9.10 -2.06 0.34
C ALA A 36 -8.36 -0.89 0.95
N ALA A 37 -8.60 -0.62 2.20
CA ALA A 37 -7.92 0.46 2.90
C ALA A 37 -6.78 -0.08 3.76
N LEU A 38 -5.68 0.64 3.73
CA LEU A 38 -4.48 0.28 4.50
C LEU A 38 -4.16 1.40 5.47
N ARG A 39 -3.73 1.04 6.66
CA ARG A 39 -3.26 2.03 7.61
C ARG A 39 -1.75 2.06 7.58
N VAL A 40 -1.17 3.19 7.95
CA VAL A 40 0.27 3.35 7.88
C VAL A 40 0.91 3.05 9.24
N VAL A 41 1.90 2.19 9.22
CA VAL A 41 2.67 1.87 10.41
C VAL A 41 3.84 2.86 10.53
N ARG A 42 4.61 2.98 9.46
CA ARG A 42 5.75 3.89 9.42
C ARG A 42 6.11 4.24 7.99
N ILE A 43 6.39 5.52 7.74
CA ILE A 43 6.89 5.96 6.45
C ILE A 43 8.40 6.08 6.52
N ALA A 44 9.10 5.48 5.57
CA ALA A 44 10.54 5.58 5.50
C ALA A 44 10.94 7.01 5.13
N PRO A 45 11.89 7.60 5.89
CA PRO A 45 12.31 9.00 5.69
C PRO A 45 13.02 9.23 4.36
N LEU A 46 13.08 8.19 3.54
CA LEU A 46 13.72 8.28 2.23
C LEU A 46 12.68 8.43 1.14
N GLY A 47 11.46 7.98 1.43
CA GLY A 47 10.43 7.89 0.40
C GLY A 47 10.35 6.48 -0.14
N ASP A 48 11.40 5.72 0.14
CA ASP A 48 11.43 4.28 -0.12
C ASP A 48 10.40 3.56 0.74
N PRO A 49 10.15 2.25 0.49
CA PRO A 49 8.99 1.49 0.99
C PRO A 49 8.42 1.93 2.33
N ILE A 50 7.14 1.71 2.46
CA ILE A 50 6.39 2.18 3.61
C ILE A 50 5.75 1.02 4.33
N GLN A 51 5.89 1.00 5.65
CA GLN A 51 5.30 -0.02 6.46
C GLN A 51 3.82 0.29 6.66
N VAL A 52 2.97 -0.56 6.12
CA VAL A 52 1.53 -0.40 6.25
C VAL A 52 0.92 -1.63 6.91
N GLU A 53 -0.38 -1.60 7.15
CA GLU A 53 -1.04 -2.69 7.82
C GLU A 53 -2.38 -2.96 7.12
N THR A 54 -2.73 -4.22 6.96
CA THR A 54 -3.88 -4.60 6.16
C THR A 54 -4.99 -5.23 6.99
N ARG A 55 -4.60 -5.95 8.05
CA ARG A 55 -5.54 -6.76 8.80
C ARG A 55 -4.86 -7.46 9.97
N GLN A 56 -3.65 -7.95 9.74
CA GLN A 56 -2.98 -8.82 10.70
C GLN A 56 -1.56 -8.36 11.03
N THR A 57 -0.77 -8.05 10.00
CA THR A 57 0.64 -7.76 10.21
C THR A 57 1.10 -6.66 9.25
N SER A 58 2.23 -6.04 9.58
CA SER A 58 2.78 -4.96 8.79
C SER A 58 3.30 -5.46 7.44
N LEU A 59 3.18 -4.61 6.43
CA LEU A 59 3.66 -4.92 5.10
C LEU A 59 4.49 -3.77 4.56
N ALA A 60 5.52 -4.08 3.79
CA ALA A 60 6.38 -3.07 3.20
C ALA A 60 6.42 -3.23 1.68
N LEU A 61 6.04 -2.18 0.97
CA LEU A 61 6.05 -2.20 -0.49
C LEU A 61 6.92 -1.08 -1.02
N ARG A 62 7.67 -1.37 -2.07
CA ARG A 62 8.63 -0.42 -2.64
C ARG A 62 7.93 0.78 -3.27
N ARG A 63 8.74 1.77 -3.60
CA ARG A 63 8.25 2.98 -4.28
C ARG A 63 7.62 2.60 -5.62
N LYS A 64 8.18 1.58 -6.26
CA LYS A 64 7.64 1.04 -7.50
C LYS A 64 6.24 0.45 -7.27
N ASP A 65 6.12 -0.39 -6.24
CA ASP A 65 4.84 -0.99 -5.87
C ASP A 65 3.81 0.10 -5.61
N LEU A 66 4.26 1.16 -4.95
CA LEU A 66 3.42 2.32 -4.69
C LEU A 66 2.92 2.93 -6.00
N ALA A 67 3.82 3.04 -6.97
CA ALA A 67 3.47 3.66 -8.25
C ALA A 67 2.56 2.76 -9.09
N LEU A 68 2.45 1.50 -8.69
CA LEU A 68 1.61 0.55 -9.40
C LEU A 68 0.24 0.44 -8.74
N LEU A 69 0.14 0.91 -7.52
CA LEU A 69 -1.12 0.87 -6.78
C LEU A 69 -1.61 2.27 -6.49
N THR A 70 -2.77 2.62 -7.01
CA THR A 70 -3.32 3.95 -6.79
C THR A 70 -3.89 4.06 -5.39
N LEU A 71 -3.27 4.89 -4.60
CA LEU A 71 -3.65 5.06 -3.20
C LEU A 71 -4.09 6.49 -2.94
N VAL A 72 -5.27 6.64 -2.37
CA VAL A 72 -5.76 7.95 -1.96
C VAL A 72 -6.24 7.88 -0.52
N PRO A 73 -6.13 8.98 0.24
CA PRO A 73 -6.61 9.01 1.61
C PRO A 73 -8.13 8.87 1.67
N LEU A 74 -8.64 8.54 2.86
CA LEU A 74 -10.08 8.40 3.04
C LEU A 74 -10.76 9.74 2.78
N ASP A 75 -10.14 10.79 3.28
CA ASP A 75 -10.60 12.16 3.04
C ASP A 75 -9.44 13.12 3.23
N MET A 1 10.00 -0.46 23.34
CA MET A 1 10.56 0.46 22.34
C MET A 1 9.48 0.86 21.34
N SER A 2 8.96 2.07 21.48
CA SER A 2 7.89 2.55 20.63
C SER A 2 8.44 3.39 19.49
N ALA A 3 8.42 2.84 18.28
CA ALA A 3 8.91 3.52 17.11
C ALA A 3 7.96 3.29 15.94
N LEU A 4 6.93 4.11 15.86
CA LEU A 4 5.94 4.03 14.81
C LEU A 4 5.35 5.40 14.55
N GLN A 5 4.77 5.58 13.38
CA GLN A 5 4.20 6.86 13.00
C GLN A 5 2.91 6.64 12.21
N PRO A 6 1.78 6.43 12.92
CA PRO A 6 0.49 6.27 12.28
C PRO A 6 -0.16 7.62 12.01
N SER A 7 -0.11 8.03 10.76
CA SER A 7 -0.63 9.31 10.36
C SER A 7 -2.05 9.17 9.82
N ARG A 8 -2.17 8.51 8.68
CA ARG A 8 -3.46 8.36 8.02
C ARG A 8 -3.63 6.94 7.51
N SER A 9 -4.81 6.68 6.99
CA SER A 9 -5.08 5.43 6.32
C SER A 9 -5.34 5.72 4.84
N TYR A 10 -4.71 4.95 3.97
CA TYR A 10 -4.84 5.16 2.55
C TYR A 10 -5.61 4.01 1.93
N ARG A 11 -6.66 4.34 1.19
CA ARG A 11 -7.48 3.33 0.55
C ARG A 11 -7.08 3.16 -0.90
N ILE A 12 -7.25 1.95 -1.41
CA ILE A 12 -6.87 1.63 -2.78
C ILE A 12 -8.05 1.88 -3.71
N THR A 13 -7.87 2.79 -4.65
CA THR A 13 -8.92 3.10 -5.62
C THR A 13 -8.79 2.22 -6.87
N GLY A 14 -7.65 1.54 -6.99
CA GLY A 14 -7.46 0.64 -8.10
C GLY A 14 -6.00 0.48 -8.45
N TYR A 15 -5.74 -0.07 -9.61
CA TYR A 15 -4.37 -0.22 -10.10
C TYR A 15 -4.04 0.93 -11.04
N SER A 16 -2.78 1.30 -11.10
CA SER A 16 -2.35 2.33 -12.01
C SER A 16 -2.46 1.84 -13.45
N PRO A 17 -2.89 2.71 -14.38
CA PRO A 17 -3.13 2.34 -15.78
C PRO A 17 -1.86 1.91 -16.51
N ALA A 18 -0.73 1.95 -15.82
CA ALA A 18 0.55 1.57 -16.42
C ALA A 18 1.01 0.20 -15.92
N ILE A 19 0.07 -0.56 -15.37
CA ILE A 19 0.37 -1.88 -14.84
C ILE A 19 0.09 -2.95 -15.89
N SER A 20 0.69 -4.13 -15.72
CA SER A 20 0.47 -5.25 -16.62
C SER A 20 -0.61 -6.18 -16.06
N ASN A 21 -1.35 -6.84 -16.95
CA ASN A 21 -2.44 -7.74 -16.56
C ASN A 21 -1.93 -8.86 -15.66
N GLY A 22 -0.86 -9.51 -16.09
CA GLY A 22 -0.29 -10.62 -15.32
C GLY A 22 0.11 -10.20 -13.92
N TYR A 23 0.65 -8.98 -13.80
CA TYR A 23 1.06 -8.46 -12.51
C TYR A 23 -0.15 -8.12 -11.67
N ARG A 24 -1.17 -7.56 -12.32
CA ARG A 24 -2.45 -7.26 -11.66
C ARG A 24 -3.04 -8.53 -11.05
N GLN A 25 -3.00 -9.59 -11.83
CA GLN A 25 -3.53 -10.88 -11.41
C GLN A 25 -2.75 -11.40 -10.21
N ARG A 26 -1.44 -11.25 -10.29
CA ARG A 26 -0.55 -11.65 -9.22
C ARG A 26 -0.85 -10.83 -7.96
N LEU A 27 -1.07 -9.54 -8.15
CA LEU A 27 -1.35 -8.65 -7.03
C LEU A 27 -2.68 -9.01 -6.39
N PHE A 28 -3.68 -9.23 -7.23
CA PHE A 28 -5.02 -9.59 -6.77
C PHE A 28 -4.98 -10.89 -5.97
N SER A 29 -4.24 -11.85 -6.50
CA SER A 29 -4.11 -13.15 -5.87
C SER A 29 -3.33 -13.07 -4.56
N MET A 30 -2.44 -12.10 -4.47
CA MET A 30 -1.62 -11.90 -3.28
C MET A 30 -2.37 -11.11 -2.21
N GLY A 31 -3.43 -10.40 -2.61
CA GLY A 31 -4.24 -9.71 -1.63
C GLY A 31 -4.28 -8.20 -1.83
N LEU A 32 -3.79 -7.74 -2.97
CA LEU A 32 -3.82 -6.32 -3.29
C LEU A 32 -4.94 -6.04 -4.27
N LEU A 33 -6.08 -5.59 -3.75
CA LEU A 33 -7.26 -5.35 -4.56
C LEU A 33 -7.85 -3.99 -4.28
N PRO A 34 -8.53 -3.39 -5.27
CA PRO A 34 -9.20 -2.10 -5.12
C PRO A 34 -10.33 -2.18 -4.10
N GLY A 35 -10.42 -1.18 -3.24
CA GLY A 35 -11.44 -1.17 -2.22
C GLY A 35 -10.88 -1.40 -0.83
N ALA A 36 -9.64 -1.87 -0.76
CA ALA A 36 -8.98 -2.11 0.49
C ALA A 36 -8.36 -0.83 1.01
N ALA A 37 -7.73 -0.92 2.15
CA ALA A 37 -7.15 0.24 2.81
C ALA A 37 -5.94 -0.17 3.65
N LEU A 38 -4.90 0.65 3.59
CA LEU A 38 -3.70 0.42 4.38
C LEU A 38 -3.62 1.47 5.48
N ARG A 39 -3.45 1.02 6.70
CA ARG A 39 -3.29 1.92 7.83
C ARG A 39 -1.79 2.10 8.07
N VAL A 40 -1.29 3.32 7.87
CA VAL A 40 0.13 3.54 7.85
C VAL A 40 0.75 3.37 9.25
N VAL A 41 1.82 2.61 9.29
CA VAL A 41 2.57 2.36 10.50
C VAL A 41 3.87 3.17 10.51
N ARG A 42 4.51 3.30 9.35
CA ARG A 42 5.79 4.02 9.27
C ARG A 42 6.20 4.31 7.83
N ILE A 43 6.75 5.50 7.60
CA ILE A 43 7.48 5.79 6.37
C ILE A 43 8.91 6.14 6.77
N ALA A 44 9.89 5.59 6.06
CA ALA A 44 11.28 5.86 6.39
C ALA A 44 11.68 7.27 5.97
N PRO A 45 12.52 7.94 6.78
CA PRO A 45 13.03 9.28 6.47
C PRO A 45 13.92 9.29 5.22
N LEU A 46 14.30 8.10 4.79
CA LEU A 46 15.10 7.93 3.57
C LEU A 46 14.38 8.49 2.35
N GLY A 47 13.06 8.49 2.43
CA GLY A 47 12.26 8.95 1.31
C GLY A 47 10.93 8.27 1.33
N ASP A 48 10.92 7.00 0.95
CA ASP A 48 9.70 6.22 1.07
C ASP A 48 9.94 4.73 0.82
N PRO A 49 9.64 3.96 1.87
CA PRO A 49 8.93 2.71 1.81
C PRO A 49 7.59 2.94 2.47
N ILE A 50 6.76 1.95 2.54
CA ILE A 50 5.52 2.16 3.24
C ILE A 50 5.23 0.99 4.18
N GLN A 51 5.41 1.23 5.47
CA GLN A 51 5.05 0.27 6.47
C GLN A 51 3.59 0.48 6.80
N VAL A 52 2.74 -0.48 6.47
CA VAL A 52 1.31 -0.33 6.67
C VAL A 52 0.70 -1.60 7.22
N GLU A 53 -0.52 -1.51 7.70
CA GLU A 53 -1.27 -2.66 8.15
C GLU A 53 -2.55 -2.78 7.34
N THR A 54 -2.73 -3.92 6.68
CA THR A 54 -3.88 -4.12 5.83
C THR A 54 -5.07 -4.65 6.64
N ARG A 55 -5.05 -5.94 6.93
CA ARG A 55 -6.13 -6.57 7.69
C ARG A 55 -5.57 -7.71 8.52
N GLN A 56 -4.26 -7.83 8.56
CA GLN A 56 -3.62 -8.97 9.20
C GLN A 56 -2.44 -8.52 10.04
N THR A 57 -1.42 -7.97 9.38
CA THR A 57 -0.22 -7.52 10.05
C THR A 57 0.42 -6.40 9.23
N SER A 58 1.54 -5.89 9.70
CA SER A 58 2.23 -4.82 9.02
C SER A 58 3.04 -5.35 7.82
N LEU A 59 3.06 -4.56 6.77
CA LEU A 59 3.77 -4.88 5.55
C LEU A 59 4.61 -3.70 5.10
N ALA A 60 5.45 -3.91 4.12
CA ALA A 60 6.30 -2.87 3.58
C ALA A 60 6.40 -2.99 2.07
N LEU A 61 6.52 -1.87 1.38
CA LEU A 61 6.62 -1.88 -0.07
C LEU A 61 7.47 -0.72 -0.54
N ARG A 62 8.00 -0.85 -1.73
CA ARG A 62 8.84 0.18 -2.31
C ARG A 62 8.05 1.03 -3.31
N ARG A 63 8.68 2.09 -3.79
CA ARG A 63 8.08 3.02 -4.74
C ARG A 63 7.57 2.30 -5.99
N LYS A 64 8.29 1.26 -6.41
CA LYS A 64 7.88 0.47 -7.56
C LYS A 64 6.53 -0.19 -7.31
N ASP A 65 6.42 -0.88 -6.18
CA ASP A 65 5.20 -1.60 -5.83
C ASP A 65 4.07 -0.59 -5.60
N LEU A 66 4.44 0.54 -4.98
CA LEU A 66 3.52 1.64 -4.77
C LEU A 66 2.97 2.18 -6.08
N ALA A 67 3.84 2.25 -7.09
CA ALA A 67 3.48 2.82 -8.38
C ALA A 67 2.47 1.96 -9.13
N LEU A 68 2.33 0.71 -8.71
CA LEU A 68 1.38 -0.19 -9.34
C LEU A 68 -0.03 -0.01 -8.76
N LEU A 69 -0.09 0.48 -7.53
CA LEU A 69 -1.37 0.64 -6.85
C LEU A 69 -1.71 2.12 -6.71
N THR A 70 -2.93 2.47 -7.05
CA THR A 70 -3.39 3.83 -6.87
C THR A 70 -3.98 3.98 -5.47
N LEU A 71 -3.32 4.77 -4.64
CA LEU A 71 -3.72 4.92 -3.26
C LEU A 71 -4.16 6.36 -2.98
N VAL A 72 -5.29 6.50 -2.32
CA VAL A 72 -5.77 7.80 -1.89
C VAL A 72 -6.10 7.76 -0.40
N PRO A 73 -5.79 8.82 0.34
CA PRO A 73 -6.08 8.87 1.78
C PRO A 73 -7.58 8.83 2.07
N LEU A 74 -7.92 8.51 3.30
CA LEU A 74 -9.31 8.57 3.74
C LEU A 74 -9.77 10.01 3.86
N ASP A 75 -8.92 10.84 4.46
CA ASP A 75 -9.23 12.26 4.63
C ASP A 75 -8.06 13.09 4.14
N MET A 1 10.97 10.63 22.63
CA MET A 1 11.08 9.26 22.07
C MET A 1 10.72 9.26 20.59
N SER A 2 10.00 10.30 20.15
CA SER A 2 9.45 10.37 18.80
C SER A 2 8.35 9.35 18.62
N ALA A 3 7.11 9.83 18.62
CA ALA A 3 5.95 8.97 18.51
C ALA A 3 5.92 8.24 17.17
N LEU A 4 6.26 6.96 17.21
CA LEU A 4 6.11 6.11 16.04
C LEU A 4 4.64 5.78 15.86
N GLN A 5 4.00 6.46 14.93
CA GLN A 5 2.55 6.45 14.85
C GLN A 5 2.04 6.03 13.48
N PRO A 6 1.32 4.91 13.41
CA PRO A 6 0.53 4.57 12.22
C PRO A 6 -0.53 5.64 12.01
N SER A 7 -0.33 6.48 11.00
CA SER A 7 -1.08 7.69 10.89
C SER A 7 -2.38 7.52 10.10
N ARG A 8 -2.32 7.72 8.79
CA ARG A 8 -3.52 7.77 7.99
C ARG A 8 -3.76 6.47 7.25
N SER A 9 -5.01 6.20 6.95
CA SER A 9 -5.40 5.03 6.21
C SER A 9 -5.76 5.43 4.79
N TYR A 10 -5.22 4.73 3.81
CA TYR A 10 -5.49 5.02 2.42
C TYR A 10 -6.24 3.85 1.79
N ARG A 11 -7.30 4.16 1.07
CA ARG A 11 -8.13 3.13 0.46
C ARG A 11 -7.79 2.97 -1.02
N ILE A 12 -7.89 1.75 -1.51
CA ILE A 12 -7.55 1.44 -2.88
C ILE A 12 -8.79 1.51 -3.76
N THR A 13 -8.78 2.40 -4.75
CA THR A 13 -9.90 2.54 -5.66
C THR A 13 -9.72 1.68 -6.90
N GLY A 14 -8.49 1.28 -7.16
CA GLY A 14 -8.21 0.44 -8.33
C GLY A 14 -6.74 0.40 -8.64
N TYR A 15 -6.42 0.19 -9.92
CA TYR A 15 -5.03 0.12 -10.36
C TYR A 15 -4.73 1.27 -11.31
N SER A 16 -3.48 1.67 -11.35
CA SER A 16 -3.04 2.74 -12.21
C SER A 16 -2.87 2.23 -13.65
N PRO A 17 -3.07 3.11 -14.64
CA PRO A 17 -3.02 2.74 -16.07
C PRO A 17 -1.62 2.40 -16.57
N ALA A 18 -0.67 2.25 -15.65
CA ALA A 18 0.70 1.91 -16.01
C ALA A 18 1.00 0.45 -15.65
N ILE A 19 0.01 -0.26 -15.13
CA ILE A 19 0.19 -1.64 -14.73
C ILE A 19 -0.11 -2.58 -15.90
N SER A 20 0.65 -3.66 -16.00
CA SER A 20 0.50 -4.62 -17.08
C SER A 20 1.06 -5.98 -16.65
N ASN A 21 1.09 -6.94 -17.58
CA ASN A 21 1.61 -8.28 -17.31
C ASN A 21 0.76 -8.95 -16.21
N GLY A 22 1.33 -9.92 -15.50
CA GLY A 22 0.61 -10.58 -14.43
C GLY A 22 0.82 -9.89 -13.09
N TYR A 23 1.16 -8.61 -13.15
CA TYR A 23 1.46 -7.83 -11.96
C TYR A 23 0.21 -7.62 -11.12
N ARG A 24 -0.91 -7.41 -11.80
CA ARG A 24 -2.19 -7.22 -11.14
C ARG A 24 -2.59 -8.48 -10.40
N GLN A 25 -2.31 -9.61 -11.02
CA GLN A 25 -2.61 -10.90 -10.43
C GLN A 25 -1.71 -11.18 -9.24
N ARG A 26 -0.48 -10.67 -9.31
CA ARG A 26 0.44 -10.78 -8.19
C ARG A 26 -0.09 -9.98 -7.01
N LEU A 27 -0.57 -8.77 -7.32
CA LEU A 27 -1.12 -7.88 -6.31
C LEU A 27 -2.41 -8.46 -5.74
N PHE A 28 -3.24 -9.00 -6.62
CA PHE A 28 -4.49 -9.64 -6.24
C PHE A 28 -4.22 -10.75 -5.23
N SER A 29 -3.20 -11.55 -5.51
CA SER A 29 -2.80 -12.63 -4.63
C SER A 29 -2.37 -12.10 -3.27
N MET A 30 -1.78 -10.92 -3.27
CA MET A 30 -1.29 -10.29 -2.05
C MET A 30 -2.43 -9.58 -1.30
N GLY A 31 -3.56 -9.42 -1.96
CA GLY A 31 -4.70 -8.76 -1.34
C GLY A 31 -4.75 -7.30 -1.68
N LEU A 32 -3.92 -6.89 -2.64
CA LEU A 32 -3.87 -5.50 -3.07
C LEU A 32 -4.83 -5.28 -4.23
N LEU A 33 -6.05 -4.93 -3.90
CA LEU A 33 -7.09 -4.77 -4.90
C LEU A 33 -8.04 -3.64 -4.50
N PRO A 34 -8.82 -3.11 -5.47
CA PRO A 34 -9.81 -2.06 -5.22
C PRO A 34 -10.85 -2.50 -4.20
N GLY A 35 -11.04 -1.68 -3.18
CA GLY A 35 -11.96 -2.02 -2.11
C GLY A 35 -11.22 -2.26 -0.81
N ALA A 36 -9.90 -2.42 -0.90
CA ALA A 36 -9.09 -2.63 0.26
C ALA A 36 -8.55 -1.30 0.76
N ALA A 37 -7.78 -1.37 1.83
CA ALA A 37 -7.23 -0.19 2.46
C ALA A 37 -5.95 -0.53 3.22
N LEU A 38 -5.01 0.41 3.25
CA LEU A 38 -3.76 0.25 3.98
C LEU A 38 -3.51 1.47 4.84
N ARG A 39 -3.15 1.23 6.09
CA ARG A 39 -2.84 2.31 7.01
C ARG A 39 -1.34 2.49 7.12
N VAL A 40 -0.87 3.72 6.92
CA VAL A 40 0.56 4.00 6.99
C VAL A 40 1.05 3.81 8.42
N VAL A 41 2.00 2.92 8.58
CA VAL A 41 2.66 2.74 9.85
C VAL A 41 3.90 3.61 9.90
N ARG A 42 4.84 3.38 8.97
CA ARG A 42 6.08 4.15 8.94
C ARG A 42 6.72 4.16 7.55
N ILE A 43 7.60 5.13 7.34
CA ILE A 43 8.43 5.21 6.13
C ILE A 43 9.89 5.41 6.57
N ALA A 44 10.82 4.68 5.96
CA ALA A 44 12.22 4.74 6.36
C ALA A 44 12.88 6.05 5.95
N PRO A 45 13.93 6.47 6.68
CA PRO A 45 14.67 7.73 6.42
C PRO A 45 15.36 7.75 5.07
N LEU A 46 15.55 6.57 4.46
CA LEU A 46 16.12 6.46 3.12
C LEU A 46 15.45 7.45 2.19
N GLY A 47 14.14 7.42 2.22
CA GLY A 47 13.35 8.17 1.29
C GLY A 47 12.03 7.51 1.08
N ASP A 48 12.08 6.18 0.87
CA ASP A 48 10.85 5.41 0.77
C ASP A 48 11.07 3.91 0.67
N PRO A 49 10.57 3.22 1.68
CA PRO A 49 9.76 2.03 1.60
C PRO A 49 8.41 2.39 2.19
N ILE A 50 7.54 1.43 2.36
CA ILE A 50 6.27 1.75 2.99
C ILE A 50 5.83 0.65 3.93
N GLN A 51 5.75 1.00 5.20
CA GLN A 51 5.24 0.10 6.22
C GLN A 51 3.77 0.40 6.44
N VAL A 52 2.91 -0.57 6.18
CA VAL A 52 1.47 -0.35 6.31
C VAL A 52 0.77 -1.49 7.02
N GLU A 53 -0.46 -1.22 7.42
CA GLU A 53 -1.32 -2.22 8.03
C GLU A 53 -2.49 -2.51 7.09
N THR A 54 -2.71 -3.78 6.76
CA THR A 54 -3.81 -4.13 5.90
C THR A 54 -5.10 -4.24 6.71
N ARG A 55 -4.93 -4.59 7.99
CA ARG A 55 -6.03 -4.70 8.94
C ARG A 55 -5.49 -5.31 10.23
N GLN A 56 -4.67 -6.35 10.08
CA GLN A 56 -4.09 -7.02 11.23
C GLN A 56 -2.58 -7.19 11.09
N THR A 57 -2.12 -7.45 9.87
CA THR A 57 -0.70 -7.68 9.63
C THR A 57 -0.07 -6.48 8.93
N SER A 58 1.25 -6.35 9.04
CA SER A 58 1.97 -5.24 8.47
C SER A 58 2.67 -5.65 7.17
N LEU A 59 2.96 -4.67 6.32
CA LEU A 59 3.64 -4.92 5.06
C LEU A 59 4.73 -3.91 4.81
N ALA A 60 5.61 -4.24 3.88
CA ALA A 60 6.68 -3.34 3.43
C ALA A 60 6.85 -3.47 1.93
N LEU A 61 6.97 -2.35 1.23
CA LEU A 61 7.04 -2.36 -0.23
C LEU A 61 7.67 -1.09 -0.72
N ARG A 62 7.83 -0.97 -2.02
CA ARG A 62 8.41 0.22 -2.60
C ARG A 62 7.40 1.06 -3.35
N ARG A 63 7.83 2.25 -3.69
CA ARG A 63 6.98 3.26 -4.31
C ARG A 63 6.42 2.80 -5.65
N LYS A 64 7.21 2.07 -6.42
CA LYS A 64 6.75 1.55 -7.72
C LYS A 64 5.55 0.65 -7.53
N ASP A 65 5.66 -0.25 -6.57
CA ASP A 65 4.63 -1.26 -6.32
C ASP A 65 3.35 -0.58 -5.83
N LEU A 66 3.52 0.46 -5.03
CA LEU A 66 2.40 1.24 -4.53
C LEU A 66 1.79 2.08 -5.66
N ALA A 67 2.66 2.61 -6.51
CA ALA A 67 2.24 3.52 -7.58
C ALA A 67 1.40 2.82 -8.63
N LEU A 68 1.52 1.50 -8.72
CA LEU A 68 0.69 0.74 -9.66
C LEU A 68 -0.70 0.55 -9.10
N LEU A 69 -0.87 0.83 -7.82
CA LEU A 69 -2.18 0.85 -7.18
C LEU A 69 -2.68 2.28 -7.13
N THR A 70 -3.95 2.49 -7.41
CA THR A 70 -4.54 3.80 -7.25
C THR A 70 -5.07 3.93 -5.82
N LEU A 71 -4.44 4.82 -5.07
CA LEU A 71 -4.77 4.98 -3.67
C LEU A 71 -5.32 6.36 -3.39
N VAL A 72 -6.39 6.42 -2.64
CA VAL A 72 -6.92 7.68 -2.16
C VAL A 72 -7.05 7.63 -0.65
N PRO A 73 -6.71 8.71 0.04
CA PRO A 73 -6.83 8.76 1.49
C PRO A 73 -8.30 8.70 1.92
N LEU A 74 -8.53 8.43 3.19
CA LEU A 74 -9.87 8.45 3.75
C LEU A 74 -10.60 9.76 3.42
N ASP A 75 -9.85 10.85 3.32
CA ASP A 75 -10.44 12.13 2.99
C ASP A 75 -9.64 12.81 1.88
N MET A 1 9.21 8.34 13.42
CA MET A 1 10.22 8.27 14.49
C MET A 1 10.26 6.86 15.10
N SER A 2 10.57 6.77 16.39
CA SER A 2 10.71 5.49 17.06
C SER A 2 9.38 4.75 17.21
N ALA A 3 9.05 3.94 16.20
CA ALA A 3 7.84 3.10 16.19
C ALA A 3 6.55 3.93 16.13
N LEU A 4 5.59 3.43 15.35
CA LEU A 4 4.30 4.08 15.18
C LEU A 4 4.47 5.51 14.66
N GLN A 5 3.55 6.39 15.08
CA GLN A 5 3.47 7.77 14.56
C GLN A 5 3.08 7.74 13.08
N PRO A 6 1.82 7.40 12.80
CA PRO A 6 1.32 7.30 11.45
C PRO A 6 0.54 8.54 11.03
N SER A 7 0.21 8.63 9.74
CA SER A 7 -0.63 9.70 9.24
C SER A 7 -2.10 9.26 9.28
N ARG A 8 -2.55 8.62 8.21
CA ARG A 8 -3.92 8.14 8.10
C ARG A 8 -3.97 6.99 7.12
N SER A 9 -4.95 6.10 7.28
CA SER A 9 -5.05 4.92 6.43
C SER A 9 -5.30 5.31 4.98
N TYR A 10 -4.75 4.52 4.08
CA TYR A 10 -4.87 4.81 2.65
C TYR A 10 -5.62 3.68 1.96
N ARG A 11 -6.69 4.04 1.26
CA ARG A 11 -7.52 3.08 0.58
C ARG A 11 -7.10 2.92 -0.87
N ILE A 12 -7.39 1.76 -1.43
CA ILE A 12 -7.01 1.46 -2.80
C ILE A 12 -8.15 1.78 -3.75
N THR A 13 -7.91 2.69 -4.68
CA THR A 13 -8.93 3.06 -5.65
C THR A 13 -8.78 2.26 -6.94
N GLY A 14 -7.61 1.67 -7.15
CA GLY A 14 -7.39 0.85 -8.31
C GLY A 14 -5.92 0.65 -8.60
N TYR A 15 -5.62 0.25 -9.83
CA TYR A 15 -4.24 0.06 -10.25
C TYR A 15 -3.87 1.15 -11.25
N SER A 16 -2.58 1.42 -11.36
CA SER A 16 -2.09 2.34 -12.36
C SER A 16 -2.19 1.68 -13.74
N PRO A 17 -2.74 2.41 -14.74
CA PRO A 17 -2.99 1.87 -16.10
C PRO A 17 -1.72 1.47 -16.84
N ALA A 18 -0.57 1.60 -16.19
CA ALA A 18 0.70 1.23 -16.78
C ALA A 18 1.08 -0.21 -16.38
N ILE A 19 0.33 -0.78 -15.45
CA ILE A 19 0.63 -2.12 -14.96
C ILE A 19 0.00 -3.18 -15.89
N SER A 20 0.71 -4.28 -16.07
CA SER A 20 0.20 -5.38 -16.87
C SER A 20 -0.70 -6.28 -16.03
N ASN A 21 -1.57 -7.05 -16.69
CA ASN A 21 -2.57 -7.85 -16.00
C ASN A 21 -1.93 -8.93 -15.14
N GLY A 22 -0.85 -9.51 -15.63
CA GLY A 22 -0.19 -10.58 -14.89
C GLY A 22 0.37 -10.12 -13.57
N TYR A 23 0.98 -8.93 -13.55
CA TYR A 23 1.53 -8.38 -12.32
C TYR A 23 0.40 -7.87 -11.44
N ARG A 24 -0.66 -7.37 -12.08
CA ARG A 24 -1.88 -6.99 -11.38
C ARG A 24 -2.45 -8.19 -10.64
N GLN A 25 -2.29 -9.35 -11.25
CA GLN A 25 -2.71 -10.60 -10.66
C GLN A 25 -1.92 -10.92 -9.39
N ARG A 26 -0.65 -10.53 -9.36
CA ARG A 26 0.18 -10.74 -8.17
C ARG A 26 -0.37 -9.89 -7.03
N LEU A 27 -0.73 -8.67 -7.37
CA LEU A 27 -1.31 -7.73 -6.41
C LEU A 27 -2.70 -8.20 -5.97
N PHE A 28 -3.49 -8.61 -6.95
CA PHE A 28 -4.84 -9.11 -6.72
C PHE A 28 -4.84 -10.31 -5.80
N SER A 29 -3.90 -11.22 -6.05
CA SER A 29 -3.76 -12.42 -5.23
C SER A 29 -3.37 -12.07 -3.79
N MET A 30 -2.62 -11.00 -3.65
CA MET A 30 -2.19 -10.52 -2.34
C MET A 30 -3.33 -9.78 -1.64
N GLY A 31 -4.34 -9.40 -2.40
CA GLY A 31 -5.48 -8.72 -1.83
C GLY A 31 -5.36 -7.22 -1.96
N LEU A 32 -4.45 -6.78 -2.81
CA LEU A 32 -4.26 -5.35 -3.03
C LEU A 32 -5.11 -4.92 -4.21
N LEU A 33 -6.40 -4.72 -3.94
CA LEU A 33 -7.37 -4.42 -4.98
C LEU A 33 -8.25 -3.24 -4.58
N PRO A 34 -8.93 -2.62 -5.56
CA PRO A 34 -9.82 -1.48 -5.30
C PRO A 34 -10.93 -1.82 -4.31
N GLY A 35 -10.99 -1.07 -3.23
CA GLY A 35 -12.00 -1.32 -2.22
C GLY A 35 -11.40 -1.64 -0.87
N ALA A 36 -10.12 -2.01 -0.87
CA ALA A 36 -9.42 -2.29 0.36
C ALA A 36 -8.69 -1.05 0.84
N ALA A 37 -7.95 -1.20 1.92
CA ALA A 37 -7.23 -0.08 2.51
C ALA A 37 -6.05 -0.57 3.34
N LEU A 38 -4.94 0.14 3.23
CA LEU A 38 -3.75 -0.16 4.02
C LEU A 38 -3.69 0.79 5.21
N ARG A 39 -3.39 0.25 6.37
CA ARG A 39 -3.32 1.03 7.58
C ARG A 39 -1.87 1.44 7.84
N VAL A 40 -1.60 2.73 7.72
CA VAL A 40 -0.25 3.25 7.89
C VAL A 40 0.28 2.97 9.31
N VAL A 41 1.46 2.36 9.37
CA VAL A 41 2.15 2.16 10.62
C VAL A 41 3.30 3.17 10.75
N ARG A 42 4.17 3.18 9.74
CA ARG A 42 5.31 4.09 9.71
C ARG A 42 5.73 4.40 8.28
N ILE A 43 6.58 5.40 8.13
CA ILE A 43 7.17 5.72 6.84
C ILE A 43 8.69 5.70 6.98
N ALA A 44 9.38 5.16 5.98
CA ALA A 44 10.84 5.13 6.02
C ALA A 44 11.41 6.53 5.87
N PRO A 45 12.41 6.88 6.70
CA PRO A 45 13.03 8.22 6.69
C PRO A 45 13.78 8.53 5.39
N LEU A 46 13.80 7.57 4.49
CA LEU A 46 14.47 7.74 3.20
C LEU A 46 13.48 8.19 2.13
N GLY A 47 12.20 8.04 2.42
CA GLY A 47 11.17 8.27 1.42
C GLY A 47 10.85 6.98 0.69
N ASP A 48 11.67 5.98 0.97
CA ASP A 48 11.50 4.62 0.48
C ASP A 48 10.37 3.93 1.24
N PRO A 49 9.96 2.72 0.78
CA PRO A 49 8.74 2.00 1.18
C PRO A 49 8.15 2.33 2.54
N ILE A 50 6.84 2.15 2.62
CA ILE A 50 6.06 2.58 3.76
C ILE A 50 5.59 1.36 4.53
N GLN A 51 5.64 1.46 5.85
CA GLN A 51 5.21 0.37 6.71
C GLN A 51 3.72 0.48 6.96
N VAL A 52 2.96 -0.41 6.38
CA VAL A 52 1.52 -0.41 6.55
C VAL A 52 1.07 -1.74 7.15
N GLU A 53 -0.22 -1.88 7.35
CA GLU A 53 -0.79 -3.10 7.91
C GLU A 53 -2.04 -3.46 7.13
N THR A 54 -2.18 -4.73 6.76
CA THR A 54 -3.31 -5.16 5.97
C THR A 54 -4.51 -5.44 6.85
N ARG A 55 -4.26 -6.16 7.94
CA ARG A 55 -5.27 -6.46 8.93
C ARG A 55 -4.59 -6.87 10.23
N GLN A 56 -3.80 -7.93 10.14
CA GLN A 56 -3.04 -8.43 11.27
C GLN A 56 -1.56 -8.18 11.03
N THR A 57 -1.12 -8.37 9.79
CA THR A 57 0.30 -8.32 9.47
C THR A 57 0.66 -7.00 8.79
N SER A 58 1.89 -6.56 9.01
CA SER A 58 2.39 -5.33 8.43
C SER A 58 3.14 -5.60 7.13
N LEU A 59 3.15 -4.64 6.23
CA LEU A 59 3.78 -4.79 4.94
C LEU A 59 4.45 -3.50 4.49
N ALA A 60 5.55 -3.64 3.78
CA ALA A 60 6.26 -2.49 3.22
C ALA A 60 6.15 -2.49 1.71
N LEU A 61 5.67 -1.40 1.15
CA LEU A 61 5.52 -1.29 -0.29
C LEU A 61 6.53 -0.31 -0.86
N ARG A 62 7.29 -0.76 -1.83
CA ARG A 62 8.34 0.03 -2.45
C ARG A 62 7.74 1.20 -3.24
N ARG A 63 8.60 2.09 -3.70
CA ARG A 63 8.17 3.24 -4.48
C ARG A 63 7.60 2.79 -5.83
N LYS A 64 8.30 1.88 -6.49
CA LYS A 64 7.84 1.33 -7.76
C LYS A 64 6.63 0.44 -7.54
N ASP A 65 6.67 -0.35 -6.47
CA ASP A 65 5.57 -1.24 -6.11
C ASP A 65 4.33 -0.43 -5.77
N LEU A 66 4.55 0.73 -5.17
CA LEU A 66 3.49 1.69 -4.88
C LEU A 66 2.95 2.29 -6.17
N ALA A 67 3.86 2.55 -7.11
CA ALA A 67 3.50 3.20 -8.37
C ALA A 67 2.59 2.33 -9.22
N LEU A 68 2.51 1.05 -8.89
CA LEU A 68 1.64 0.13 -9.61
C LEU A 68 0.21 0.20 -9.07
N LEU A 69 0.09 0.61 -7.82
CA LEU A 69 -1.20 0.74 -7.17
C LEU A 69 -1.63 2.19 -7.12
N THR A 70 -2.91 2.44 -7.31
CA THR A 70 -3.44 3.77 -7.08
C THR A 70 -4.05 3.83 -5.69
N LEU A 71 -3.43 4.61 -4.82
CA LEU A 71 -3.85 4.71 -3.43
C LEU A 71 -4.22 6.15 -3.08
N VAL A 72 -5.31 6.30 -2.37
CA VAL A 72 -5.71 7.60 -1.85
C VAL A 72 -6.06 7.47 -0.37
N PRO A 73 -5.88 8.51 0.43
CA PRO A 73 -6.25 8.48 1.85
C PRO A 73 -7.75 8.22 2.03
N LEU A 74 -8.13 7.85 3.24
CA LEU A 74 -9.54 7.65 3.58
C LEU A 74 -10.30 8.97 3.53
N ASP A 75 -9.53 10.08 3.46
CA ASP A 75 -10.07 11.44 3.44
C ASP A 75 -10.58 11.82 4.82
#